data_6S71
#
_entry.id   6S71
#
_cell.length_a   74.720
_cell.length_b   98.630
_cell.length_c   206.360
_cell.angle_alpha   90.000
_cell.angle_beta   90.000
_cell.angle_gamma   90.000
#
_symmetry.space_group_name_H-M   'P 21 21 2'
#
loop_
_entity.id
_entity.type
_entity.pdbx_description
1 polymer 'Histone-arginine methyltransferase CARM1'
2 non-polymer '(2~{S})-4-[[(2~{R},3~{S},4~{R},5~{R})-5-(6-aminopurin-9-yl)-3,4-bis(oxidanyl)oxolan-2-yl]methyl-(5-carbamimidamidopentyl)amino]-2-azanyl-butanoic acid'
3 non-polymer GLYCEROL
4 water water
#
_entity_poly.entity_id   1
_entity_poly.type   'polypeptide(L)'
_entity_poly.pdbx_seq_one_letter_code
;SVFSERTEESSAVQYFQFYGYLSQQQNMMQDYVRTGTYQRAILQNHTDFKDKIVLDVGCGSGILSFFAAQAGARKIYAVE
ASTMAQHAEVLVKSNNLTDRIVVIPGKVEEVSLPEQVDIIISEPMGYMLFNERMLESYLHAKKYLKPSGNMFPTIGDVHL
APFTDEQLYMEQFTKANFWYQPSFHGVDLSALRGAAVDEYFRQPVVDTFDIRILMAKSVKYTVNFLEAKEGDLHRIEIPF
KFHMLHSGLVHGLAFWFDVAFIGSIMTVWLSTAPTEPLTHWYQVRCLFQSPLFAKAGDTLSGTCLLIANKRQSYDISIVA
QVDQTGSKSSNLLDLKNPFFRYTGTHHHHHH
;
_entity_poly.pdbx_strand_id   A,B,C,D
#
loop_
_chem_comp.id
_chem_comp.type
_chem_comp.name
_chem_comp.formula
GOL non-polymer GLYCEROL 'C3 H8 O3'
KYE non-polymer '(2~{S})-4-[[(2~{R},3~{S},4~{R},5~{R})-5-(6-aminopurin-9-yl)-3,4-bis(oxidanyl)oxolan-2-yl]methyl-(5-carbamimidamidopentyl)amino]-2-azanyl-butanoic acid' 'C20 H34 N10 O5'
#
# COMPACT_ATOMS: atom_id res chain seq x y z
N SER A 1 8.93 37.87 25.50
CA SER A 1 9.00 38.34 24.09
C SER A 1 7.66 38.94 23.69
N VAL A 2 7.61 39.49 22.48
CA VAL A 2 6.34 39.95 21.90
C VAL A 2 5.32 38.80 21.76
N PHE A 3 5.79 37.60 21.40
CA PHE A 3 4.90 36.42 21.31
C PHE A 3 4.30 36.01 22.65
N SER A 4 5.16 35.75 23.63
CA SER A 4 4.72 35.24 24.95
C SER A 4 3.76 36.22 25.63
N GLU A 5 4.01 37.53 25.46
CA GLU A 5 3.16 38.58 26.04
C GLU A 5 1.73 38.62 25.47
N ARG A 6 1.57 38.31 24.19
CA ARG A 6 0.25 38.31 23.52
C ARG A 6 -0.45 36.93 23.52
N THR A 7 0.21 35.89 24.04
CA THR A 7 -0.27 34.52 23.89
C THR A 7 -0.26 33.79 25.23
N GLU A 8 -1.42 33.30 25.64
CA GLU A 8 -1.53 32.37 26.77
C GLU A 8 -0.70 31.12 26.49
N GLU A 9 0.04 30.66 27.49
CA GLU A 9 0.89 29.47 27.33
C GLU A 9 0.12 28.23 26.89
N SER A 10 -1.04 27.98 27.47
CA SER A 10 -1.85 26.79 27.08
C SER A 10 -2.26 26.82 25.61
N SER A 11 -2.60 28.02 25.10
CA SER A 11 -2.90 28.18 23.67
C SER A 11 -1.65 27.88 22.84
N ALA A 12 -0.51 28.49 23.20
CA ALA A 12 0.74 28.29 22.47
C ALA A 12 1.13 26.79 22.40
N VAL A 13 1.04 26.10 23.53
CA VAL A 13 1.40 24.68 23.62
C VAL A 13 0.57 23.85 22.63
N GLN A 14 -0.74 23.99 22.71
CA GLN A 14 -1.66 23.30 21.79
C GLN A 14 -1.35 23.67 20.32
N TYR A 15 -1.15 24.97 20.08
CA TYR A 15 -0.90 25.47 18.72
C TYR A 15 0.35 24.80 18.09
N PHE A 16 1.48 24.89 18.79
CA PHE A 16 2.73 24.32 18.26
C PHE A 16 2.74 22.78 18.25
N GLN A 17 2.05 22.15 19.22
CA GLN A 17 1.85 20.69 19.16
C GLN A 17 1.11 20.28 17.88
N PHE A 18 0.04 20.98 17.53
CA PHE A 18 -0.70 20.71 16.29
C PHE A 18 0.20 20.77 15.05
N TYR A 19 1.04 21.79 14.95
CA TYR A 19 1.92 21.94 13.78
C TYR A 19 3.14 21.01 13.78
N GLY A 20 3.37 20.31 14.88
CA GLY A 20 4.39 19.29 14.95
C GLY A 20 4.10 18.02 14.16
N TYR A 21 2.86 17.80 13.72
CA TYR A 21 2.49 16.53 13.06
C TYR A 21 2.74 16.58 11.55
N LEU A 22 3.41 15.53 11.05
CA LEU A 22 3.60 15.39 9.62
C LEU A 22 2.29 15.29 8.86
N SER A 23 1.27 14.67 9.44
CA SER A 23 -0.04 14.59 8.77
C SER A 23 -0.66 15.97 8.54
N GLN A 24 -0.44 16.90 9.45
CA GLN A 24 -0.91 18.28 9.22
C GLN A 24 -0.13 18.95 8.07
N GLN A 25 1.18 18.74 8.01
CA GLN A 25 2.00 19.27 6.90
C GLN A 25 1.51 18.67 5.56
N GLN A 26 1.26 17.37 5.57
CA GLN A 26 0.75 16.70 4.38
C GLN A 26 -0.58 17.24 3.91
N ASN A 27 -1.51 17.47 4.81
CA ASN A 27 -2.80 18.10 4.47
C ASN A 27 -2.60 19.43 3.77
N MET A 28 -1.68 20.25 4.26
CA MET A 28 -1.41 21.56 3.64
C MET A 28 -0.71 21.41 2.30
N MET A 29 0.27 20.52 2.23
CA MET A 29 1.05 20.30 1.02
C MET A 29 0.16 19.79 -0.10
N GLN A 30 -0.82 18.96 0.24
CA GLN A 30 -1.76 18.38 -0.74
C GLN A 30 -2.81 19.34 -1.24
N ASP A 31 -2.92 20.52 -0.66
CA ASP A 31 -3.76 21.55 -1.21
C ASP A 31 -2.98 22.09 -2.40
N TYR A 32 -3.35 21.63 -3.59
CA TYR A 32 -2.61 21.97 -4.80
C TYR A 32 -2.68 23.46 -5.14
N VAL A 33 -3.82 24.11 -4.84
CA VAL A 33 -3.95 25.52 -5.11
C VAL A 33 -2.93 26.29 -4.26
N ARG A 34 -2.86 25.94 -2.98
CA ARG A 34 -1.93 26.57 -2.08
C ARG A 34 -0.47 26.34 -2.53
N THR A 35 -0.09 25.09 -2.71
CA THR A 35 1.30 24.75 -2.90
C THR A 35 1.78 25.19 -4.29
N GLY A 36 0.93 24.97 -5.30
CA GLY A 36 1.25 25.36 -6.65
C GLY A 36 1.31 26.87 -6.84
N THR A 37 0.41 27.60 -6.18
CA THR A 37 0.42 29.05 -6.26
C THR A 37 1.66 29.66 -5.60
N TYR A 38 2.03 29.18 -4.41
CA TYR A 38 3.28 29.63 -3.78
C TYR A 38 4.49 29.36 -4.70
N GLN A 39 4.57 28.14 -5.26
CA GLN A 39 5.69 27.82 -6.12
C GLN A 39 5.73 28.74 -7.36
N ARG A 40 4.59 28.95 -8.00
CA ARG A 40 4.47 29.85 -9.14
C ARG A 40 4.89 31.27 -8.78
N ALA A 41 4.38 31.79 -7.65
CA ALA A 41 4.71 33.15 -7.20
C ALA A 41 6.22 33.34 -7.05
N ILE A 42 6.88 32.34 -6.50
CA ILE A 42 8.31 32.39 -6.23
C ILE A 42 9.15 32.20 -7.53
N LEU A 43 8.85 31.11 -8.28
CA LEU A 43 9.63 30.79 -9.46
C LEU A 43 9.46 31.82 -10.60
N GLN A 44 8.22 32.25 -10.82
CA GLN A 44 7.97 33.23 -11.88
C GLN A 44 8.51 34.61 -11.52
N ASN A 45 8.76 34.85 -10.23
CA ASN A 45 9.47 36.05 -9.74
C ASN A 45 10.91 35.76 -9.31
N HIS A 46 11.61 34.97 -10.12
CA HIS A 46 12.97 34.52 -9.80
C HIS A 46 13.99 35.64 -9.54
N THR A 47 13.83 36.80 -10.19
CA THR A 47 14.71 37.95 -9.91
C THR A 47 14.53 38.52 -8.50
N ASP A 48 13.39 38.30 -7.86
CA ASP A 48 13.23 38.68 -6.45
C ASP A 48 13.95 37.74 -5.46
N PHE A 49 14.45 36.61 -5.98
CA PHE A 49 15.13 35.60 -5.17
C PHE A 49 16.59 35.31 -5.54
N LYS A 50 16.93 35.43 -6.84
CA LYS A 50 18.26 35.05 -7.32
C LYS A 50 19.35 35.82 -6.57
N ASP A 51 20.24 35.09 -5.89
CA ASP A 51 21.34 35.65 -5.09
C ASP A 51 20.90 36.55 -3.95
N LYS A 52 19.66 36.38 -3.48
CA LYS A 52 19.12 37.20 -2.38
C LYS A 52 19.18 36.44 -1.08
N ILE A 53 18.99 37.18 0.01
CA ILE A 53 18.93 36.66 1.36
C ILE A 53 17.44 36.65 1.72
N VAL A 54 16.94 35.50 2.19
CA VAL A 54 15.52 35.32 2.45
C VAL A 54 15.28 34.82 3.86
N LEU A 55 14.16 35.29 4.44
CA LEU A 55 13.66 34.81 5.72
C LEU A 55 12.32 34.12 5.47
N ASP A 56 12.21 32.89 5.95
CA ASP A 56 10.98 32.10 5.84
C ASP A 56 10.41 32.01 7.23
N VAL A 57 9.31 32.71 7.46
CA VAL A 57 8.73 32.79 8.80
C VAL A 57 7.75 31.66 9.00
N GLY A 58 8.04 30.74 9.90
CA GLY A 58 7.15 29.62 10.18
C GLY A 58 7.24 28.60 9.06
N CYS A 59 8.44 28.04 8.84
CA CYS A 59 8.76 27.34 7.60
C CYS A 59 8.12 25.94 7.51
N GLY A 60 7.68 25.41 8.64
CA GLY A 60 7.06 24.09 8.64
C GLY A 60 8.09 23.08 8.19
N SER A 61 7.69 22.27 7.21
CA SER A 61 8.56 21.25 6.57
C SER A 61 9.68 21.88 5.73
N GLY A 62 9.53 23.16 5.37
CA GLY A 62 10.54 23.89 4.65
C GLY A 62 10.22 24.13 3.20
N ILE A 63 9.05 23.70 2.75
CA ILE A 63 8.73 23.70 1.33
C ILE A 63 8.96 25.05 0.61
N LEU A 64 8.58 26.16 1.25
CA LEU A 64 8.75 27.48 0.63
C LEU A 64 10.20 27.87 0.53
N SER A 65 11.00 27.44 1.50
CA SER A 65 12.43 27.65 1.48
C SER A 65 13.06 26.86 0.32
N PHE A 66 12.58 25.65 0.06
CA PHE A 66 13.03 24.91 -1.13
C PHE A 66 12.68 25.62 -2.42
N PHE A 67 11.47 26.20 -2.50
CA PHE A 67 11.13 26.99 -3.68
C PHE A 67 12.04 28.21 -3.85
N ALA A 68 12.34 28.89 -2.74
CA ALA A 68 13.27 30.03 -2.75
C ALA A 68 14.64 29.60 -3.26
N ALA A 69 15.09 28.41 -2.83
CA ALA A 69 16.34 27.82 -3.30
C ALA A 69 16.29 27.46 -4.79
N GLN A 70 15.17 26.90 -5.26
CA GLN A 70 15.00 26.61 -6.68
C GLN A 70 15.13 27.90 -7.52
N ALA A 71 14.63 29.00 -6.98
CA ALA A 71 14.67 30.31 -7.65
C ALA A 71 16.04 31.00 -7.55
N GLY A 72 16.97 30.40 -6.81
CA GLY A 72 18.36 30.84 -6.77
C GLY A 72 18.79 31.67 -5.58
N ALA A 73 18.04 31.61 -4.46
CA ALA A 73 18.41 32.40 -3.29
C ALA A 73 19.80 31.99 -2.80
N ARG A 74 20.58 32.97 -2.37
CA ARG A 74 21.92 32.73 -1.84
C ARG A 74 21.86 32.14 -0.44
N LYS A 75 20.96 32.67 0.39
CA LYS A 75 20.87 32.23 1.80
C LYS A 75 19.42 32.38 2.27
N ILE A 76 18.89 31.35 2.90
CA ILE A 76 17.52 31.34 3.40
C ILE A 76 17.56 30.97 4.87
N TYR A 77 17.09 31.86 5.74
CA TYR A 77 16.92 31.57 7.15
C TYR A 77 15.49 31.08 7.33
N ALA A 78 15.33 29.87 7.81
CA ALA A 78 14.03 29.22 7.88
C ALA A 78 13.68 29.04 9.35
N VAL A 79 12.77 29.88 9.86
CA VAL A 79 12.46 29.88 11.30
C VAL A 79 11.20 29.07 11.57
N GLU A 80 11.23 28.23 12.60
CA GLU A 80 10.08 27.41 12.93
C GLU A 80 10.09 27.04 14.39
N ALA A 81 8.98 27.26 15.08
CA ALA A 81 8.90 27.13 16.52
C ALA A 81 8.46 25.74 16.97
N SER A 82 7.74 25.01 16.13
CA SER A 82 7.32 23.65 16.48
C SER A 82 8.46 22.65 16.26
N THR A 83 8.21 21.41 16.68
CA THR A 83 9.15 20.32 16.46
C THR A 83 9.27 19.92 14.99
N MET A 84 8.39 20.44 14.12
CA MET A 84 8.58 20.35 12.68
C MET A 84 9.96 20.86 12.20
N ALA A 85 10.58 21.78 12.94
CA ALA A 85 11.95 22.24 12.65
C ALA A 85 12.95 21.10 12.50
N GLN A 86 12.82 20.05 13.31
CA GLN A 86 13.66 18.85 13.20
C GLN A 86 13.51 18.18 11.85
N HIS A 87 12.27 18.04 11.39
CA HIS A 87 12.00 17.41 10.11
C HIS A 87 12.48 18.29 8.97
N ALA A 88 12.30 19.60 9.10
CA ALA A 88 12.84 20.54 8.09
C ALA A 88 14.36 20.36 7.94
N GLU A 89 15.09 20.27 9.05
CA GLU A 89 16.54 20.09 9.01
C GLU A 89 16.94 18.78 8.29
N VAL A 90 16.20 17.70 8.55
CA VAL A 90 16.39 16.46 7.83
C VAL A 90 16.23 16.66 6.33
N LEU A 91 15.20 17.38 5.89
CA LEU A 91 15.03 17.62 4.45
C LEU A 91 16.10 18.51 3.87
N VAL A 92 16.58 19.48 4.64
CA VAL A 92 17.63 20.36 4.10
C VAL A 92 18.90 19.53 3.80
N LYS A 93 19.26 18.65 4.74
CA LYS A 93 20.42 17.78 4.55
C LYS A 93 20.20 16.79 3.41
N SER A 94 19.05 16.13 3.35
CA SER A 94 18.81 15.13 2.31
C SER A 94 18.64 15.73 0.93
N ASN A 95 18.30 17.01 0.83
CA ASN A 95 18.27 17.70 -0.45
C ASN A 95 19.55 18.47 -0.73
N ASN A 96 20.60 18.25 0.06
CA ASN A 96 21.92 18.82 -0.18
C ASN A 96 21.91 20.33 -0.25
N LEU A 97 21.21 20.97 0.68
CA LEU A 97 21.08 22.42 0.69
C LEU A 97 21.56 23.05 1.99
N THR A 98 22.45 22.37 2.72
CA THR A 98 22.96 22.91 3.99
C THR A 98 23.81 24.18 3.78
N ASP A 99 24.37 24.36 2.59
CA ASP A 99 25.06 25.61 2.25
C ASP A 99 24.12 26.82 2.02
N ARG A 100 22.82 26.60 1.92
CA ARG A 100 21.88 27.64 1.52
C ARG A 100 20.69 27.86 2.45
N ILE A 101 20.19 26.82 3.10
CA ILE A 101 19.05 26.90 3.99
C ILE A 101 19.54 26.64 5.40
N VAL A 102 19.33 27.62 6.26
CA VAL A 102 19.62 27.50 7.68
C VAL A 102 18.33 27.47 8.48
N VAL A 103 17.99 26.30 9.01
CA VAL A 103 16.86 26.15 9.87
C VAL A 103 17.20 26.68 11.25
N ILE A 104 16.36 27.58 11.77
CA ILE A 104 16.53 28.19 13.09
C ILE A 104 15.32 27.78 13.92
N PRO A 105 15.47 26.84 14.87
CA PRO A 105 14.33 26.49 15.72
C PRO A 105 13.97 27.60 16.71
N GLY A 106 12.69 27.90 16.87
CA GLY A 106 12.22 28.93 17.79
C GLY A 106 11.22 29.89 17.16
N LYS A 107 10.75 30.84 17.98
CA LYS A 107 9.79 31.84 17.54
C LYS A 107 10.54 32.99 16.89
N VAL A 108 9.97 33.54 15.82
CA VAL A 108 10.62 34.62 15.11
C VAL A 108 10.77 35.87 15.98
N GLU A 109 9.92 35.99 17.00
CA GLU A 109 10.01 37.07 17.97
C GLU A 109 11.15 36.88 18.98
N GLU A 110 11.76 35.70 19.05
CA GLU A 110 12.72 35.35 20.08
C GLU A 110 14.12 34.96 19.57
N VAL A 111 14.23 34.49 18.33
CA VAL A 111 15.52 34.08 17.79
C VAL A 111 16.30 35.33 17.36
N SER A 112 17.59 35.12 17.10
CA SER A 112 18.46 36.12 16.52
C SER A 112 18.86 35.67 15.13
N LEU A 113 18.82 36.59 14.18
CA LEU A 113 19.33 36.35 12.84
C LEU A 113 20.63 37.10 12.72
N PRO A 114 21.58 36.57 11.92
CA PRO A 114 22.85 37.27 11.82
C PRO A 114 22.88 38.47 10.85
N GLU A 115 21.86 38.63 10.00
CA GLU A 115 21.86 39.69 9.01
C GLU A 115 20.45 40.02 8.56
N GLN A 116 20.33 41.17 7.88
CA GLN A 116 19.08 41.62 7.33
C GLN A 116 18.83 40.86 6.02
N VAL A 117 17.55 40.81 5.62
CA VAL A 117 17.16 40.02 4.46
C VAL A 117 16.55 40.89 3.37
N ASP A 118 16.59 40.39 2.15
CA ASP A 118 15.99 41.06 1.00
C ASP A 118 14.50 40.82 0.87
N ILE A 119 14.01 39.68 1.34
CA ILE A 119 12.63 39.29 1.12
C ILE A 119 12.20 38.32 2.20
N ILE A 120 10.97 38.50 2.69
CA ILE A 120 10.38 37.60 3.70
C ILE A 120 9.28 36.82 2.99
N ILE A 121 9.28 35.51 3.21
CA ILE A 121 8.23 34.64 2.70
C ILE A 121 7.59 33.95 3.89
N SER A 122 6.28 33.73 3.80
CA SER A 122 5.55 33.05 4.85
C SER A 122 4.20 32.60 4.36
N GLU A 123 3.54 31.78 5.16
CA GLU A 123 2.14 31.43 4.97
C GLU A 123 1.40 31.69 6.29
N PRO A 124 1.15 32.97 6.58
CA PRO A 124 0.61 33.36 7.86
C PRO A 124 -0.92 33.42 7.90
N MET A 125 -1.62 32.95 6.86
CA MET A 125 -3.05 33.07 6.78
C MET A 125 -3.74 31.91 7.52
N GLY A 126 -4.66 32.24 8.41
CA GLY A 126 -5.58 31.26 9.00
C GLY A 126 -6.97 31.46 8.43
N TYR A 127 -7.95 30.76 9.02
CA TYR A 127 -9.36 31.00 8.66
C TYR A 127 -9.67 32.47 8.76
N MET A 128 -10.46 32.97 7.82
CA MET A 128 -10.85 34.39 7.78
C MET A 128 -9.60 35.28 7.68
N LEU A 129 -8.50 34.73 7.20
CA LEU A 129 -7.19 35.40 7.14
C LEU A 129 -6.50 35.52 8.48
N PHE A 130 -7.19 36.09 9.46
CA PHE A 130 -6.58 36.55 10.70
C PHE A 130 -6.49 35.49 11.78
N ASN A 131 -7.29 34.43 11.74
CA ASN A 131 -7.22 33.43 12.82
C ASN A 131 -5.80 32.86 12.95
N GLU A 132 -5.43 32.54 14.19
CA GLU A 132 -4.08 32.08 14.63
C GLU A 132 -3.07 33.22 14.92
N ARG A 133 -3.38 34.44 14.49
CA ARG A 133 -2.58 35.63 14.72
C ARG A 133 -1.14 35.50 14.22
N MET A 134 -0.93 34.73 13.17
CA MET A 134 0.41 34.54 12.64
CA MET A 134 0.41 34.54 12.64
C MET A 134 0.82 35.74 11.78
N LEU A 135 -0.14 36.50 11.28
CA LEU A 135 0.21 37.72 10.56
C LEU A 135 1.04 38.71 11.40
N GLU A 136 0.84 38.70 12.71
CA GLU A 136 1.62 39.52 13.62
C GLU A 136 3.08 39.09 13.66
N SER A 137 3.33 37.79 13.74
CA SER A 137 4.70 37.27 13.63
C SER A 137 5.34 37.65 12.29
N TYR A 138 4.56 37.56 11.21
CA TYR A 138 5.04 37.95 9.88
C TYR A 138 5.45 39.42 9.82
N LEU A 139 4.60 40.29 10.38
CA LEU A 139 4.88 41.73 10.43
C LEU A 139 6.01 42.02 11.39
N HIS A 140 6.03 41.33 12.53
CA HIS A 140 7.13 41.42 13.48
C HIS A 140 8.49 41.21 12.81
N ALA A 141 8.53 40.23 11.92
CA ALA A 141 9.76 39.85 11.23
C ALA A 141 10.32 40.95 10.32
N LYS A 142 9.55 42.00 10.03
CA LYS A 142 10.06 43.13 9.24
C LYS A 142 11.18 43.89 9.94
N LYS A 143 11.39 43.66 11.24
CA LYS A 143 12.61 44.16 11.89
C LYS A 143 13.88 43.65 11.20
N TYR A 144 13.81 42.51 10.53
CA TYR A 144 14.92 41.96 9.74
C TYR A 144 14.95 42.35 8.26
N LEU A 145 13.98 43.12 7.79
CA LEU A 145 13.85 43.38 6.36
C LEU A 145 14.65 44.62 6.00
N LYS A 146 15.52 44.53 5.01
CA LYS A 146 16.22 45.70 4.49
C LYS A 146 15.24 46.74 4.00
N PRO A 147 15.65 48.03 4.02
CA PRO A 147 14.78 49.05 3.41
C PRO A 147 14.50 48.68 1.97
N SER A 148 13.27 48.83 1.53
CA SER A 148 12.87 48.37 0.20
C SER A 148 12.92 46.85 -0.02
N GLY A 149 13.02 46.04 1.03
CA GLY A 149 12.81 44.60 0.91
C GLY A 149 11.37 44.28 0.57
N ASN A 150 11.11 43.08 0.08
CA ASN A 150 9.77 42.68 -0.31
C ASN A 150 9.21 41.66 0.69
N MET A 151 7.90 41.44 0.58
CA MET A 151 7.13 40.50 1.42
C MET A 151 6.30 39.65 0.48
N PHE A 152 6.36 38.33 0.64
CA PHE A 152 5.62 37.36 -0.17
C PHE A 152 4.87 36.44 0.81
N PRO A 153 3.56 36.66 0.99
CA PRO A 153 2.65 37.56 0.30
C PRO A 153 2.82 39.04 0.66
N THR A 154 2.41 39.88 -0.27
CA THR A 154 2.60 41.31 -0.15
C THR A 154 1.39 42.00 0.46
N ILE A 155 0.20 41.62 0.00
CA ILE A 155 -1.04 42.13 0.55
C ILE A 155 -2.02 40.99 0.81
N GLY A 156 -2.99 41.25 1.67
CA GLY A 156 -4.11 40.34 1.92
C GLY A 156 -5.41 41.08 1.90
N ASP A 157 -6.38 40.57 1.13
CA ASP A 157 -7.72 41.13 1.03
C ASP A 157 -8.68 40.19 1.75
N VAL A 158 -9.33 40.69 2.79
CA VAL A 158 -10.49 40.01 3.38
C VAL A 158 -11.77 40.47 2.67
N HIS A 159 -12.58 39.51 2.27
CA HIS A 159 -13.88 39.77 1.66
C HIS A 159 -14.97 39.35 2.63
N LEU A 160 -15.96 40.23 2.80
CA LEU A 160 -17.20 39.93 3.49
C LEU A 160 -18.38 40.15 2.54
N ALA A 161 -19.40 39.32 2.66
CA ALA A 161 -20.64 39.47 1.90
C ALA A 161 -21.81 38.90 2.70
N PRO A 162 -22.99 39.53 2.60
CA PRO A 162 -24.18 39.00 3.26
C PRO A 162 -24.68 37.74 2.55
N PHE A 163 -25.20 36.78 3.32
CA PHE A 163 -25.75 35.56 2.73
C PHE A 163 -27.14 35.26 3.27
N THR A 164 -27.85 34.42 2.53
CA THR A 164 -29.12 33.87 2.97
C THR A 164 -28.94 32.38 3.01
N ASP A 165 -29.30 31.75 4.12
CA ASP A 165 -29.23 30.31 4.24
C ASP A 165 -30.14 29.91 5.38
N GLU A 166 -31.42 29.76 5.03
CA GLU A 166 -32.47 29.50 5.97
C GLU A 166 -32.23 28.21 6.72
N GLN A 167 -31.77 27.17 6.00
CA GLN A 167 -31.49 25.87 6.60
C GLN A 167 -30.38 25.93 7.64
N LEU A 168 -29.31 26.69 7.36
CA LEU A 168 -28.22 26.86 8.35
C LEU A 168 -28.75 27.57 9.59
N TYR A 169 -29.51 28.65 9.40
CA TYR A 169 -30.07 29.36 10.50
C TYR A 169 -30.95 28.46 11.38
N MET A 170 -31.83 27.71 10.74
CA MET A 170 -32.80 26.86 11.46
C MET A 170 -32.13 25.70 12.19
N GLU A 171 -31.07 25.15 11.60
CA GLU A 171 -30.25 24.10 12.21
C GLU A 171 -29.79 24.44 13.58
N GLN A 172 -29.46 25.69 13.90
CA GLN A 172 -29.09 26.08 15.25
C GLN A 172 -30.18 25.83 16.29
N PHE A 173 -31.41 26.16 15.92
CA PHE A 173 -32.54 25.99 16.84
C PHE A 173 -32.92 24.55 16.90
N THR A 174 -32.84 23.84 15.80
CA THR A 174 -33.09 22.40 15.80
C THR A 174 -32.16 21.65 16.77
N LYS A 175 -30.88 22.01 16.75
CA LYS A 175 -29.90 21.39 17.65
C LYS A 175 -30.17 21.80 19.07
N ALA A 176 -30.43 23.09 19.31
CA ALA A 176 -30.64 23.57 20.68
C ALA A 176 -31.94 23.01 21.28
N ASN A 177 -32.91 22.70 20.42
CA ASN A 177 -34.20 22.18 20.85
C ASN A 177 -34.10 20.78 21.45
N PHE A 178 -32.99 20.10 21.31
CA PHE A 178 -32.68 18.95 22.16
C PHE A 178 -32.99 19.24 23.63
N TRP A 179 -32.62 20.43 24.10
CA TRP A 179 -32.81 20.79 25.51
C TRP A 179 -34.27 21.14 25.87
N TYR A 180 -35.13 21.34 24.87
CA TYR A 180 -36.50 21.80 25.07
C TYR A 180 -37.42 20.58 25.17
N GLN A 181 -37.25 19.89 26.26
CA GLN A 181 -37.86 18.58 26.49
C GLN A 181 -38.12 18.46 27.99
N PRO A 182 -39.39 18.28 28.39
CA PRO A 182 -39.67 18.32 29.81
C PRO A 182 -39.36 16.99 30.53
N SER A 183 -39.07 15.91 29.80
CA SER A 183 -38.79 14.63 30.43
C SER A 183 -37.83 13.79 29.61
N PHE A 184 -36.58 14.25 29.53
CA PHE A 184 -35.50 13.46 28.94
C PHE A 184 -35.09 12.45 30.00
N HIS A 185 -35.50 11.20 29.84
CA HIS A 185 -35.27 10.17 30.87
C HIS A 185 -35.73 10.65 32.24
N GLY A 186 -36.85 11.35 32.25
CA GLY A 186 -37.41 11.87 33.49
C GLY A 186 -36.94 13.25 33.91
N VAL A 187 -36.05 13.88 33.15
CA VAL A 187 -35.45 15.15 33.56
C VAL A 187 -35.92 16.27 32.65
N ASP A 188 -36.31 17.40 33.25
CA ASP A 188 -36.73 18.57 32.48
C ASP A 188 -35.47 19.36 32.12
N LEU A 189 -35.10 19.31 30.85
CA LEU A 189 -33.95 20.00 30.34
C LEU A 189 -34.15 21.44 29.90
N SER A 190 -35.41 21.87 29.85
CA SER A 190 -35.81 23.08 29.11
C SER A 190 -35.11 24.38 29.51
N ALA A 191 -34.75 24.50 30.79
CA ALA A 191 -34.09 25.71 31.26
C ALA A 191 -32.72 25.96 30.61
N LEU A 192 -32.11 24.96 29.96
CA LEU A 192 -30.83 25.15 29.29
C LEU A 192 -30.91 25.51 27.78
N ARG A 193 -32.14 25.57 27.25
CA ARG A 193 -32.29 25.74 25.81
C ARG A 193 -31.69 27.09 25.32
N GLY A 194 -31.96 28.15 26.07
CA GLY A 194 -31.41 29.48 25.74
C GLY A 194 -29.89 29.47 25.73
N ALA A 195 -29.28 28.83 26.73
CA ALA A 195 -27.82 28.79 26.82
C ALA A 195 -27.26 27.98 25.64
N ALA A 196 -27.96 26.91 25.27
CA ALA A 196 -27.54 26.12 24.11
C ALA A 196 -27.59 26.94 22.79
N VAL A 197 -28.68 27.69 22.61
CA VAL A 197 -28.86 28.53 21.43
C VAL A 197 -27.69 29.55 21.38
N ASP A 198 -27.41 30.21 22.50
CA ASP A 198 -26.36 31.19 22.56
C ASP A 198 -25.01 30.61 22.21
N GLU A 199 -24.73 29.41 22.73
CA GLU A 199 -23.49 28.73 22.43
C GLU A 199 -23.32 28.45 20.94
N TYR A 200 -24.38 27.93 20.29
CA TYR A 200 -24.22 27.59 18.89
C TYR A 200 -24.02 28.86 18.03
N PHE A 201 -24.72 29.94 18.35
CA PHE A 201 -24.59 31.18 17.60
C PHE A 201 -23.21 31.88 17.81
N ARG A 202 -22.49 31.54 18.87
CA ARG A 202 -21.12 32.08 19.04
C ARG A 202 -20.07 31.44 18.11
N GLN A 203 -20.43 30.33 17.45
CA GLN A 203 -19.45 29.59 16.66
C GLN A 203 -19.50 30.02 15.22
N PRO A 204 -18.40 30.53 14.69
CA PRO A 204 -18.39 30.75 13.23
C PRO A 204 -18.41 29.39 12.51
N VAL A 205 -19.04 29.38 11.35
CA VAL A 205 -19.20 28.14 10.61
C VAL A 205 -18.18 28.05 9.52
N VAL A 206 -17.29 27.05 9.61
CA VAL A 206 -16.30 26.79 8.57
C VAL A 206 -16.84 25.71 7.64
N ASP A 207 -17.10 26.10 6.40
CA ASP A 207 -17.44 25.16 5.33
C ASP A 207 -17.47 25.94 4.03
N THR A 208 -17.90 25.30 2.97
CA THR A 208 -18.08 25.99 1.70
C THR A 208 -19.56 26.03 1.40
N PHE A 209 -19.90 26.74 0.33
CA PHE A 209 -21.30 26.95 -0.03
C PHE A 209 -21.39 27.40 -1.48
N ASP A 210 -22.59 27.28 -2.01
CA ASP A 210 -22.91 27.73 -3.35
C ASP A 210 -22.96 29.26 -3.35
N ILE A 211 -22.29 29.85 -4.33
CA ILE A 211 -22.28 31.33 -4.44
C ILE A 211 -23.65 31.99 -4.58
N ARG A 212 -24.66 31.20 -4.93
CA ARG A 212 -26.02 31.73 -5.03
C ARG A 212 -26.63 32.17 -3.70
N ILE A 213 -26.07 31.75 -2.57
CA ILE A 213 -26.52 32.28 -1.29
C ILE A 213 -26.10 33.74 -1.03
N LEU A 214 -25.14 34.25 -1.77
CA LEU A 214 -24.61 35.61 -1.53
C LEU A 214 -25.56 36.63 -2.09
N MET A 215 -25.85 37.66 -1.31
N MET A 215 -25.85 37.66 -1.31
CA MET A 215 -26.90 38.62 -1.65
CA MET A 215 -26.89 38.63 -1.65
C MET A 215 -26.37 39.98 -2.11
C MET A 215 -26.37 39.98 -2.11
N ALA A 216 -25.05 40.17 -2.09
CA ALA A 216 -24.44 41.40 -2.52
C ALA A 216 -23.01 41.13 -2.85
N LYS A 217 -22.43 42.03 -3.63
CA LYS A 217 -21.02 41.99 -3.92
C LYS A 217 -20.27 42.22 -2.62
N SER A 218 -19.11 41.57 -2.52
CA SER A 218 -18.34 41.60 -1.28
C SER A 218 -17.74 42.98 -1.07
N VAL A 219 -17.54 43.32 0.19
CA VAL A 219 -16.73 44.45 0.61
C VAL A 219 -15.34 43.86 0.92
N LYS A 220 -14.30 44.61 0.51
CA LYS A 220 -12.92 44.18 0.57
C LYS A 220 -12.18 45.03 1.60
N TYR A 221 -11.50 44.40 2.54
CA TYR A 221 -10.65 45.10 3.48
C TYR A 221 -9.20 44.61 3.28
N THR A 222 -8.31 45.54 2.94
CA THR A 222 -6.97 45.23 2.47
C THR A 222 -5.94 45.55 3.54
N VAL A 223 -5.08 44.59 3.85
CA VAL A 223 -3.93 44.81 4.67
C VAL A 223 -2.70 44.74 3.78
N ASN A 224 -1.93 45.83 3.74
CA ASN A 224 -0.69 45.89 2.97
C ASN A 224 0.44 45.51 3.92
N PHE A 225 1.06 44.35 3.69
CA PHE A 225 2.05 43.81 4.64
C PHE A 225 3.40 44.54 4.60
N LEU A 226 3.70 45.23 3.51
CA LEU A 226 4.87 46.14 3.49
C LEU A 226 4.70 47.34 4.42
N GLU A 227 3.48 47.82 4.58
CA GLU A 227 3.20 49.03 5.36
C GLU A 227 2.64 48.77 6.75
N ALA A 228 1.89 47.68 6.93
CA ALA A 228 1.25 47.42 8.20
C ALA A 228 2.23 47.18 9.33
N LYS A 229 1.87 47.64 10.52
CA LYS A 229 2.60 47.31 11.74
C LYS A 229 1.86 46.22 12.46
N GLU A 230 2.59 45.53 13.29
CA GLU A 230 2.07 44.44 14.11
C GLU A 230 0.79 44.87 14.86
N GLY A 231 0.90 46.03 15.49
CA GLY A 231 -0.17 46.62 16.26
C GLY A 231 -1.46 46.89 15.53
N ASP A 232 -1.38 47.09 14.21
CA ASP A 232 -2.56 47.27 13.38
C ASP A 232 -3.50 46.08 13.40
N LEU A 233 -3.01 44.90 13.78
CA LEU A 233 -3.84 43.70 13.78
C LEU A 233 -4.52 43.38 15.11
N HIS A 234 -4.31 44.22 16.13
CA HIS A 234 -4.91 43.97 17.46
C HIS A 234 -6.40 44.27 17.47
N ARG A 235 -6.80 45.24 16.69
CA ARG A 235 -8.18 45.65 16.56
C ARG A 235 -8.37 45.93 15.08
N ILE A 236 -9.24 45.14 14.44
CA ILE A 236 -9.46 45.29 13.02
C ILE A 236 -10.92 45.70 12.83
N GLU A 237 -11.11 46.92 12.31
CA GLU A 237 -12.44 47.48 12.15
C GLU A 237 -12.76 47.48 10.69
N ILE A 238 -13.80 46.73 10.31
CA ILE A 238 -14.19 46.63 8.93
C ILE A 238 -15.60 47.20 8.77
N PRO A 239 -15.68 48.50 8.37
CA PRO A 239 -17.00 49.04 8.07
C PRO A 239 -17.49 48.43 6.77
N PHE A 240 -18.81 48.33 6.62
CA PHE A 240 -19.37 47.84 5.36
C PHE A 240 -20.67 48.53 5.02
N LYS A 241 -20.88 48.67 3.73
CA LYS A 241 -22.13 49.16 3.15
C LYS A 241 -22.32 48.27 1.93
N PHE A 242 -23.27 47.34 2.03
CA PHE A 242 -23.58 46.44 0.92
C PHE A 242 -24.76 46.97 0.13
N HIS A 243 -24.61 46.96 -1.19
CA HIS A 243 -25.69 47.32 -2.08
C HIS A 243 -26.34 46.00 -2.48
N MET A 244 -27.55 45.76 -1.95
CA MET A 244 -28.16 44.45 -2.05
C MET A 244 -28.57 44.17 -3.50
N LEU A 245 -28.13 43.04 -4.03
CA LEU A 245 -28.45 42.63 -5.39
C LEU A 245 -29.66 41.69 -5.43
N HIS A 246 -30.08 41.16 -4.29
CA HIS A 246 -31.21 40.23 -4.23
C HIS A 246 -32.06 40.56 -3.02
N SER A 247 -33.35 40.29 -3.11
CA SER A 247 -34.26 40.54 -2.01
C SER A 247 -34.39 39.25 -1.22
N GLY A 248 -34.43 39.34 0.11
CA GLY A 248 -34.60 38.15 0.93
C GLY A 248 -34.14 38.38 2.36
N LEU A 249 -34.15 37.31 3.14
CA LEU A 249 -33.66 37.34 4.51
C LEU A 249 -32.13 37.14 4.55
N VAL A 250 -31.45 38.07 5.17
CA VAL A 250 -30.01 38.02 5.37
C VAL A 250 -29.76 37.33 6.70
N HIS A 251 -29.13 36.16 6.66
CA HIS A 251 -28.89 35.38 7.91
C HIS A 251 -27.53 35.62 8.53
N GLY A 252 -26.62 36.25 7.78
CA GLY A 252 -25.27 36.57 8.32
C GLY A 252 -24.29 37.08 7.31
N LEU A 253 -23.01 37.09 7.69
CA LEU A 253 -21.92 37.48 6.78
C LEU A 253 -21.01 36.29 6.52
N ALA A 254 -20.64 36.13 5.26
CA ALA A 254 -19.66 35.15 4.79
C ALA A 254 -18.34 35.86 4.58
N PHE A 255 -17.26 35.16 4.88
CA PHE A 255 -15.90 35.68 4.81
C PHE A 255 -15.00 34.75 4.02
N TRP A 256 -14.12 35.35 3.22
CA TRP A 256 -13.01 34.63 2.62
C TRP A 256 -11.86 35.60 2.42
N PHE A 257 -10.73 35.12 1.85
CA PHE A 257 -9.60 36.02 1.60
C PHE A 257 -8.78 35.65 0.38
N ASP A 258 -8.11 36.67 -0.17
CA ASP A 258 -7.10 36.52 -1.20
C ASP A 258 -5.79 37.13 -0.70
N VAL A 259 -4.65 36.61 -1.13
CA VAL A 259 -3.37 37.28 -0.94
C VAL A 259 -2.71 37.43 -2.29
N ALA A 260 -1.91 38.48 -2.44
CA ALA A 260 -1.17 38.71 -3.69
C ALA A 260 0.33 38.75 -3.41
N PHE A 261 1.09 38.10 -4.29
CA PHE A 261 2.55 38.12 -4.28
C PHE A 261 2.95 39.09 -5.38
N ILE A 262 3.28 40.31 -5.01
CA ILE A 262 3.57 41.40 -5.96
C ILE A 262 5.05 41.39 -6.22
N GLY A 263 5.46 40.63 -7.23
CA GLY A 263 6.88 40.48 -7.55
C GLY A 263 7.28 41.47 -8.63
N SER A 264 8.57 41.50 -8.94
CA SER A 264 9.13 42.39 -9.97
C SER A 264 8.72 41.97 -11.37
N ILE A 265 8.44 40.68 -11.57
CA ILE A 265 8.05 40.20 -12.89
C ILE A 265 6.55 40.13 -13.01
N MET A 266 5.87 39.63 -11.99
CA MET A 266 4.42 39.54 -12.03
C MET A 266 3.76 39.44 -10.64
N THR A 267 2.48 39.76 -10.62
CA THR A 267 1.68 39.61 -9.44
C THR A 267 0.94 38.31 -9.56
N VAL A 268 1.09 37.43 -8.57
CA VAL A 268 0.38 36.15 -8.51
C VAL A 268 -0.56 36.17 -7.32
N TRP A 269 -1.80 35.73 -7.53
CA TRP A 269 -2.85 35.76 -6.51
C TRP A 269 -3.18 34.36 -6.03
N LEU A 270 -3.40 34.22 -4.73
CA LEU A 270 -3.95 33.01 -4.13
C LEU A 270 -5.30 33.40 -3.56
N SER A 271 -6.38 32.84 -4.09
CA SER A 271 -7.74 33.16 -3.66
C SER A 271 -8.42 32.00 -2.94
N THR A 272 -9.15 32.28 -1.87
CA THR A 272 -9.99 31.30 -1.19
C THR A 272 -11.48 31.59 -1.37
N ALA A 273 -11.79 32.41 -2.40
CA ALA A 273 -13.16 32.74 -2.72
C ALA A 273 -14.03 31.50 -3.02
N PRO A 274 -15.33 31.60 -2.73
CA PRO A 274 -16.23 30.50 -3.09
C PRO A 274 -16.47 30.35 -4.62
N THR A 275 -16.07 31.34 -5.42
CA THR A 275 -15.99 31.20 -6.87
C THR A 275 -14.74 30.47 -7.39
N GLU A 276 -13.85 30.05 -6.49
CA GLU A 276 -12.59 29.42 -6.87
C GLU A 276 -12.54 28.02 -6.33
N PRO A 277 -11.63 27.19 -6.86
CA PRO A 277 -11.50 25.85 -6.31
C PRO A 277 -11.26 25.86 -4.81
N LEU A 278 -11.85 24.90 -4.13
CA LEU A 278 -11.81 24.84 -2.69
C LEU A 278 -10.37 24.65 -2.19
N THR A 279 -10.06 25.33 -1.08
CA THR A 279 -8.76 25.17 -0.41
C THR A 279 -9.03 24.67 0.98
N HIS A 280 -7.95 24.37 1.71
CA HIS A 280 -8.08 23.90 3.08
C HIS A 280 -8.52 25.03 4.06
N TRP A 281 -8.56 26.27 3.60
CA TRP A 281 -9.18 27.37 4.38
C TRP A 281 -10.70 27.44 4.29
N TYR A 282 -11.30 26.75 3.32
CA TYR A 282 -12.75 26.80 3.07
C TYR A 282 -13.21 28.27 2.98
N GLN A 283 -14.35 28.56 3.59
CA GLN A 283 -14.83 29.91 3.84
C GLN A 283 -15.42 29.89 5.23
N VAL A 284 -15.73 31.07 5.77
CA VAL A 284 -16.29 31.21 7.08
C VAL A 284 -17.60 32.02 7.08
N ARG A 285 -18.60 31.55 7.84
CA ARG A 285 -19.86 32.28 7.97
C ARG A 285 -20.20 32.56 9.40
N CYS A 286 -20.57 33.82 9.66
CA CYS A 286 -21.01 34.25 10.99
C CYS A 286 -22.47 34.59 10.90
N LEU A 287 -23.29 33.90 11.67
CA LEU A 287 -24.75 34.17 11.69
C LEU A 287 -25.07 35.47 12.47
N PHE A 288 -26.14 36.13 12.05
CA PHE A 288 -26.82 37.11 12.88
C PHE A 288 -27.77 36.35 13.80
N GLN A 289 -28.00 36.91 14.98
CA GLN A 289 -28.95 36.35 15.94
C GLN A 289 -30.38 36.36 15.40
N SER A 290 -30.71 37.39 14.63
CA SER A 290 -31.96 37.54 13.96
C SER A 290 -31.71 37.91 12.53
N PRO A 291 -32.42 37.26 11.59
CA PRO A 291 -32.27 37.65 10.20
C PRO A 291 -32.85 39.01 9.88
N LEU A 292 -32.35 39.64 8.83
CA LEU A 292 -32.77 40.97 8.42
C LEU A 292 -33.36 40.90 7.05
N PHE A 293 -34.57 41.40 6.83
CA PHE A 293 -35.13 41.44 5.47
C PHE A 293 -34.54 42.63 4.74
N ALA A 294 -34.09 42.42 3.52
CA ALA A 294 -33.70 43.52 2.67
C ALA A 294 -34.15 43.25 1.25
N LYS A 295 -34.40 44.32 0.51
CA LYS A 295 -34.85 44.25 -0.88
C LYS A 295 -33.66 44.62 -1.74
N ALA A 296 -33.62 44.07 -2.96
CA ALA A 296 -32.63 44.46 -3.95
C ALA A 296 -32.68 45.98 -4.07
N GLY A 297 -31.50 46.61 -4.11
CA GLY A 297 -31.39 48.06 -4.06
C GLY A 297 -31.22 48.68 -2.69
N ASP A 298 -31.63 47.99 -1.62
CA ASP A 298 -31.34 48.48 -0.28
C ASP A 298 -29.83 48.43 0.04
N THR A 299 -29.51 49.06 1.15
CA THR A 299 -28.16 49.11 1.66
C THR A 299 -28.16 48.46 3.04
N LEU A 300 -27.24 47.52 3.24
CA LEU A 300 -27.00 46.87 4.54
C LEU A 300 -25.65 47.38 5.05
N SER A 301 -25.66 48.13 6.14
CA SER A 301 -24.49 48.83 6.61
C SER A 301 -24.20 48.45 8.04
N GLY A 302 -22.94 48.58 8.44
CA GLY A 302 -22.54 48.24 9.77
C GLY A 302 -21.05 48.06 9.87
N THR A 303 -20.64 47.30 10.89
CA THR A 303 -19.24 47.10 11.21
C THR A 303 -18.99 45.67 11.66
N CYS A 304 -17.91 45.10 11.13
CA CYS A 304 -17.34 43.90 11.68
C CYS A 304 -16.07 44.33 12.43
N LEU A 305 -16.04 44.10 13.75
CA LEU A 305 -14.90 44.42 14.56
C LEU A 305 -14.23 43.15 15.09
N LEU A 306 -12.95 42.97 14.78
CA LEU A 306 -12.19 41.82 15.26
C LEU A 306 -11.21 42.33 16.30
N ILE A 307 -11.32 41.75 17.50
CA ILE A 307 -10.52 42.16 18.64
C ILE A 307 -9.67 40.96 19.01
N ALA A 308 -8.35 41.13 18.94
CA ALA A 308 -7.43 40.03 19.18
C ALA A 308 -7.51 39.61 20.63
N ASN A 309 -7.46 38.32 20.89
CA ASN A 309 -7.46 37.79 22.25
C ASN A 309 -6.17 36.97 22.44
N LYS A 310 -5.94 36.56 23.68
CA LYS A 310 -4.72 35.80 24.02
C LYS A 310 -4.76 34.29 23.69
N ARG A 311 -5.84 33.80 23.09
CA ARG A 311 -5.89 32.41 22.57
C ARG A 311 -5.56 32.36 21.08
N GLN A 312 -4.72 33.31 20.62
CA GLN A 312 -4.28 33.35 19.23
C GLN A 312 -5.43 33.44 18.26
N SER A 313 -6.48 34.16 18.65
CA SER A 313 -7.62 34.32 17.80
C SER A 313 -8.27 35.69 18.05
N TYR A 314 -9.51 35.81 17.61
CA TYR A 314 -10.26 37.03 17.67
C TYR A 314 -11.66 36.78 18.21
N ASP A 315 -12.14 37.74 19.00
CA ASP A 315 -13.56 37.94 19.30
C ASP A 315 -14.08 38.80 18.15
N ILE A 316 -15.16 38.34 17.54
CA ILE A 316 -15.74 39.00 16.38
C ILE A 316 -17.05 39.60 16.81
N SER A 317 -17.19 40.88 16.54
CA SER A 317 -18.42 41.61 16.82
C SER A 317 -18.95 42.08 15.49
N ILE A 318 -20.18 41.68 15.18
CA ILE A 318 -20.83 42.14 13.94
C ILE A 318 -22.11 42.87 14.29
N VAL A 319 -22.26 44.11 13.80
CA VAL A 319 -23.52 44.86 13.92
C VAL A 319 -23.92 45.26 12.51
N ALA A 320 -25.20 45.10 12.17
CA ALA A 320 -25.68 45.40 10.83
C ALA A 320 -27.06 45.97 10.89
N GLN A 321 -27.38 46.81 9.91
CA GLN A 321 -28.70 47.38 9.78
C GLN A 321 -29.08 47.57 8.33
N VAL A 322 -30.36 47.39 8.03
CA VAL A 322 -30.87 47.70 6.70
C VAL A 322 -31.22 49.17 6.76
N ASP A 323 -30.50 50.00 6.00
CA ASP A 323 -30.65 51.45 6.17
C ASP A 323 -32.06 51.94 5.90
N GLN A 324 -32.71 51.35 4.90
CA GLN A 324 -34.04 51.83 4.46
C GLN A 324 -35.13 51.49 5.48
N THR A 325 -34.98 50.46 6.31
CA THR A 325 -36.02 50.11 7.30
C THR A 325 -35.65 50.34 8.76
N GLY A 326 -34.37 50.55 9.05
CA GLY A 326 -33.91 50.58 10.44
C GLY A 326 -33.87 49.24 11.16
N SER A 327 -34.10 48.12 10.46
CA SER A 327 -33.97 46.79 11.10
C SER A 327 -32.48 46.52 11.38
N LYS A 328 -32.16 46.19 12.63
CA LYS A 328 -30.79 45.99 13.10
C LYS A 328 -30.59 44.59 13.68
N SER A 329 -29.40 44.04 13.52
CA SER A 329 -29.01 42.83 14.22
C SER A 329 -27.56 42.87 14.61
N SER A 330 -27.18 42.04 15.56
CA SER A 330 -25.79 41.90 16.01
C SER A 330 -25.40 40.41 16.17
N ASN A 331 -24.11 40.15 16.35
CA ASN A 331 -23.66 38.95 17.01
C ASN A 331 -22.25 39.15 17.53
N LEU A 332 -21.90 38.35 18.53
CA LEU A 332 -20.56 38.23 19.05
C LEU A 332 -20.12 36.80 18.88
N LEU A 333 -18.99 36.58 18.24
CA LEU A 333 -18.56 35.20 17.92
C LEU A 333 -17.12 34.98 18.38
N ASP A 334 -16.81 33.72 18.63
CA ASP A 334 -15.53 33.30 19.15
C ASP A 334 -14.83 32.50 18.06
N LEU A 335 -13.95 33.15 17.34
CA LEU A 335 -13.21 32.53 16.23
C LEU A 335 -12.30 31.37 16.62
N LYS A 336 -11.96 31.26 17.90
CA LYS A 336 -11.22 30.09 18.39
C LYS A 336 -12.04 28.79 18.47
N ASN A 337 -13.37 28.85 18.50
CA ASN A 337 -14.20 27.64 18.59
C ASN A 337 -15.11 27.52 17.34
N PRO A 338 -14.53 27.43 16.14
CA PRO A 338 -15.40 27.32 14.98
C PRO A 338 -16.14 25.97 14.92
N PHE A 339 -17.28 25.96 14.24
CA PHE A 339 -17.98 24.75 13.93
C PHE A 339 -17.57 24.30 12.53
N PHE A 340 -16.87 23.17 12.44
CA PHE A 340 -16.43 22.59 11.16
C PHE A 340 -17.59 21.78 10.62
N ARG A 341 -18.36 22.41 9.74
CA ARG A 341 -19.61 21.85 9.22
C ARG A 341 -19.36 20.99 7.98
N TYR A 342 -18.33 21.32 7.21
CA TYR A 342 -18.03 20.79 5.89
C TYR A 342 -19.25 20.64 4.99
N SER B 1 34.74 -27.37 -13.61
CA SER B 1 34.30 -27.95 -12.30
C SER B 1 33.33 -29.09 -12.56
N VAL B 2 32.93 -29.77 -11.48
CA VAL B 2 31.90 -30.80 -11.57
C VAL B 2 30.55 -30.20 -12.08
N PHE B 3 30.21 -28.97 -11.66
CA PHE B 3 29.00 -28.30 -12.13
C PHE B 3 29.02 -27.99 -13.63
N SER B 4 30.05 -27.26 -14.08
CA SER B 4 30.15 -26.82 -15.48
C SER B 4 30.14 -28.01 -16.45
N GLU B 5 30.82 -29.10 -16.05
CA GLU B 5 30.88 -30.33 -16.86
C GLU B 5 29.53 -31.03 -17.08
N ARG B 6 28.65 -30.97 -16.07
CA ARG B 6 27.31 -31.62 -16.17
C ARG B 6 26.18 -30.68 -16.63
N THR B 7 26.51 -29.40 -16.86
CA THR B 7 25.48 -28.39 -17.09
C THR B 7 25.83 -27.56 -18.33
N GLU B 8 24.93 -27.54 -19.31
CA GLU B 8 25.01 -26.62 -20.44
C GLU B 8 25.01 -25.18 -19.90
N GLU B 9 25.89 -24.33 -20.43
CA GLU B 9 25.99 -22.94 -19.98
C GLU B 9 24.65 -22.18 -20.10
N SER B 10 23.94 -22.35 -21.20
CA SER B 10 22.64 -21.69 -21.40
C SER B 10 21.62 -22.04 -20.30
N SER B 11 21.60 -23.31 -19.91
CA SER B 11 20.74 -23.77 -18.82
C SER B 11 21.17 -23.10 -17.51
N ALA B 12 22.47 -23.15 -17.19
CA ALA B 12 23.00 -22.55 -15.96
C ALA B 12 22.66 -21.07 -15.85
N VAL B 13 22.84 -20.32 -16.94
CA VAL B 13 22.60 -18.87 -16.97
C VAL B 13 21.14 -18.59 -16.61
N GLN B 14 20.22 -19.23 -17.32
CA GLN B 14 18.80 -19.07 -17.07
C GLN B 14 18.45 -19.49 -15.62
N TYR B 15 19.02 -20.62 -15.18
CA TYR B 15 18.74 -21.15 -13.84
C TYR B 15 19.11 -20.14 -12.73
N PHE B 16 20.35 -19.67 -12.75
CA PHE B 16 20.81 -18.71 -11.72
C PHE B 16 20.19 -17.34 -11.86
N GLN B 17 19.90 -16.90 -13.10
CA GLN B 17 19.11 -15.66 -13.30
C GLN B 17 17.75 -15.75 -12.61
N PHE B 18 17.04 -16.87 -12.78
CA PHE B 18 15.74 -17.08 -12.13
C PHE B 18 15.83 -16.93 -10.59
N TYR B 19 16.84 -17.54 -9.99
CA TYR B 19 17.00 -17.48 -8.53
C TYR B 19 17.55 -16.15 -7.99
N GLY B 20 17.97 -15.27 -8.90
CA GLY B 20 18.38 -13.93 -8.55
C GLY B 20 17.26 -13.01 -8.15
N TYR B 21 16.00 -13.37 -8.42
CA TYR B 21 14.86 -12.46 -8.16
C TYR B 21 14.31 -12.62 -6.76
N LEU B 22 14.13 -11.47 -6.09
CA LEU B 22 13.52 -11.44 -4.78
C LEU B 22 12.10 -11.99 -4.80
N SER B 23 11.35 -11.79 -5.88
CA SER B 23 9.99 -12.35 -5.98
C SER B 23 9.99 -13.86 -5.92
N GLN B 24 10.99 -14.51 -6.49
CA GLN B 24 11.09 -15.97 -6.40
C GLN B 24 11.41 -16.40 -4.96
N GLN B 25 12.27 -15.68 -4.26
CA GLN B 25 12.56 -16.04 -2.87
C GLN B 25 11.30 -15.84 -2.04
N GLN B 26 10.59 -14.76 -2.27
CA GLN B 26 9.34 -14.51 -1.56
C GLN B 26 8.31 -15.61 -1.77
N ASN B 27 8.15 -16.06 -2.99
CA ASN B 27 7.24 -17.20 -3.28
C ASN B 27 7.60 -18.42 -2.46
N MET B 28 8.88 -18.73 -2.34
CA MET B 28 9.32 -19.88 -1.54
C MET B 28 9.13 -19.65 -0.05
N MET B 29 9.49 -18.46 0.41
CA MET B 29 9.36 -18.09 1.81
C MET B 29 7.92 -18.14 2.28
N GLN B 30 7.00 -17.75 1.41
CA GLN B 30 5.56 -17.74 1.71
C GLN B 30 4.90 -19.11 1.72
N ASP B 31 5.61 -20.14 1.29
CA ASP B 31 5.12 -21.50 1.46
C ASP B 31 5.35 -21.81 2.94
N TYR B 32 4.29 -21.69 3.74
CA TYR B 32 4.41 -21.85 5.18
C TYR B 32 4.81 -23.25 5.59
N VAL B 33 4.34 -24.26 4.85
CA VAL B 33 4.70 -25.64 5.16
C VAL B 33 6.20 -25.82 5.00
N ARG B 34 6.73 -25.32 3.90
CA ARG B 34 8.15 -25.39 3.63
C ARG B 34 8.96 -24.66 4.70
N THR B 35 8.65 -23.39 4.94
CA THR B 35 9.50 -22.54 5.75
C THR B 35 9.37 -22.93 7.23
N GLY B 36 8.14 -23.20 7.66
CA GLY B 36 7.88 -23.61 9.03
C GLY B 36 8.46 -24.96 9.36
N THR B 37 8.39 -25.90 8.41
CA THR B 37 8.97 -27.23 8.63
C THR B 37 10.50 -27.19 8.72
N TYR B 38 11.15 -26.46 7.85
CA TYR B 38 12.59 -26.26 7.97
C TYR B 38 12.98 -25.65 9.33
N GLN B 39 12.26 -24.59 9.73
CA GLN B 39 12.57 -23.95 11.00
C GLN B 39 12.38 -24.93 12.18
N ARG B 40 11.27 -25.67 12.18
CA ARG B 40 11.02 -26.68 13.19
C ARG B 40 12.09 -27.75 13.22
N ALA B 41 12.47 -28.28 12.04
CA ALA B 41 13.52 -29.31 11.94
C ALA B 41 14.83 -28.85 12.60
N ILE B 42 15.19 -27.61 12.35
CA ILE B 42 16.44 -27.03 12.84
C ILE B 42 16.35 -26.69 14.35
N LEU B 43 15.30 -25.94 14.75
CA LEU B 43 15.17 -25.48 16.13
C LEU B 43 14.91 -26.62 17.11
N GLN B 44 14.04 -27.56 16.73
CA GLN B 44 13.74 -28.69 17.63
C GLN B 44 14.91 -29.66 17.72
N ASN B 45 15.84 -29.60 16.76
CA ASN B 45 17.12 -30.32 16.82
C ASN B 45 18.30 -29.42 17.12
N HIS B 46 18.11 -28.52 18.09
CA HIS B 46 19.12 -27.51 18.47
C HIS B 46 20.48 -28.09 18.87
N THR B 47 20.52 -29.29 19.46
CA THR B 47 21.81 -29.92 19.76
C THR B 47 22.62 -30.32 18.52
N ASP B 48 21.97 -30.50 17.38
CA ASP B 48 22.72 -30.70 16.11
C ASP B 48 23.34 -29.41 15.55
N PHE B 49 22.99 -28.27 16.14
CA PHE B 49 23.46 -26.96 15.69
C PHE B 49 24.26 -26.14 16.72
N LYS B 50 23.92 -26.28 17.99
CA LYS B 50 24.54 -25.45 19.07
C LYS B 50 26.07 -25.60 19.03
N ASP B 51 26.77 -24.49 18.83
CA ASP B 51 28.24 -24.44 18.75
C ASP B 51 28.85 -25.27 17.63
N LYS B 52 28.08 -25.57 16.59
CA LYS B 52 28.54 -26.37 15.45
C LYS B 52 28.92 -25.48 14.28
N ILE B 53 29.59 -26.09 13.31
CA ILE B 53 29.97 -25.44 12.06
C ILE B 53 28.99 -26.01 11.02
N VAL B 54 28.37 -25.12 10.26
CA VAL B 54 27.35 -25.51 9.28
C VAL B 54 27.62 -24.97 7.90
N LEU B 55 27.27 -25.77 6.89
CA LEU B 55 27.30 -25.36 5.49
C LEU B 55 25.87 -25.33 4.97
N ASP B 56 25.49 -24.20 4.38
CA ASP B 56 24.17 -24.00 3.77
C ASP B 56 24.39 -23.96 2.28
N VAL B 57 23.96 -25.04 1.60
CA VAL B 57 24.23 -25.16 0.17
C VAL B 57 23.08 -24.51 -0.61
N GLY B 58 23.38 -23.45 -1.34
CA GLY B 58 22.37 -22.74 -2.11
C GLY B 58 21.46 -21.94 -1.20
N CYS B 59 22.04 -20.97 -0.49
CA CYS B 59 21.38 -20.37 0.68
C CYS B 59 20.27 -19.36 0.31
N GLY B 60 20.26 -18.92 -0.95
CA GLY B 60 19.27 -17.97 -1.38
C GLY B 60 19.42 -16.69 -0.56
N SER B 61 18.32 -16.23 0.00
CA SER B 61 18.26 -15.04 0.87
C SER B 61 18.93 -15.29 2.23
N GLY B 62 19.15 -16.55 2.59
CA GLY B 62 19.88 -16.90 3.79
C GLY B 62 19.01 -17.46 4.89
N ILE B 63 17.70 -17.60 4.65
CA ILE B 63 16.78 -17.94 5.72
C ILE B 63 17.18 -19.17 6.58
N LEU B 64 17.68 -20.25 5.94
CA LEU B 64 18.04 -21.45 6.70
C LEU B 64 19.27 -21.22 7.55
N SER B 65 20.17 -20.37 7.06
CA SER B 65 21.34 -19.95 7.82
C SER B 65 20.93 -19.16 9.07
N PHE B 66 19.91 -18.30 8.92
CA PHE B 66 19.37 -17.60 10.10
C PHE B 66 18.76 -18.57 11.10
N PHE B 67 18.05 -19.59 10.63
CA PHE B 67 17.53 -20.62 11.55
C PHE B 67 18.66 -21.36 12.27
N ALA B 68 19.72 -21.71 11.53
CA ALA B 68 20.89 -22.35 12.13
C ALA B 68 21.51 -21.46 13.21
N ALA B 69 21.56 -20.16 12.94
CA ALA B 69 22.03 -19.18 13.92
C ALA B 69 21.10 -19.06 15.15
N GLN B 70 19.79 -19.08 14.92
CA GLN B 70 18.84 -19.10 16.03
C GLN B 70 19.05 -20.32 16.93
N ALA B 71 19.40 -21.45 16.32
CA ALA B 71 19.65 -22.70 17.04
C ALA B 71 21.02 -22.76 17.73
N GLY B 72 21.86 -21.73 17.51
CA GLY B 72 23.10 -21.56 18.22
C GLY B 72 24.37 -21.95 17.49
N ALA B 73 24.33 -22.05 16.16
CA ALA B 73 25.52 -22.46 15.40
C ALA B 73 26.65 -21.46 15.65
N ARG B 74 27.87 -21.96 15.76
CA ARG B 74 29.03 -21.11 15.95
C ARG B 74 29.42 -20.42 14.65
N LYS B 75 29.35 -21.15 13.53
CA LYS B 75 29.76 -20.61 12.24
C LYS B 75 28.99 -21.29 11.12
N ILE B 76 28.47 -20.49 10.19
CA ILE B 76 27.66 -20.98 9.08
C ILE B 76 28.23 -20.42 7.79
N TYR B 77 28.68 -21.31 6.91
CA TYR B 77 29.13 -20.92 5.58
C TYR B 77 27.93 -21.05 4.66
N ALA B 78 27.52 -19.95 4.06
CA ALA B 78 26.31 -19.87 3.28
C ALA B 78 26.69 -19.67 1.83
N VAL B 79 26.60 -20.73 1.01
CA VAL B 79 27.08 -20.69 -0.37
C VAL B 79 25.94 -20.42 -1.33
N GLU B 80 26.14 -19.51 -2.28
CA GLU B 80 25.07 -19.16 -3.22
C GLU B 80 25.66 -18.63 -4.50
N ALA B 81 25.24 -19.21 -5.63
CA ALA B 81 25.83 -18.95 -6.93
C ALA B 81 25.13 -17.83 -7.67
N SER B 82 23.87 -17.55 -7.38
CA SER B 82 23.15 -16.44 -8.02
C SER B 82 23.52 -15.10 -7.37
N THR B 83 23.02 -14.03 -7.98
CA THR B 83 23.20 -12.68 -7.42
C THR B 83 22.39 -12.47 -6.14
N MET B 84 21.50 -13.41 -5.79
CA MET B 84 20.89 -13.44 -4.45
C MET B 84 21.93 -13.40 -3.30
N ALA B 85 23.15 -13.89 -3.54
CA ALA B 85 24.24 -13.80 -2.55
C ALA B 85 24.47 -12.38 -2.03
N GLN B 86 24.33 -11.38 -2.90
CA GLN B 86 24.43 -9.98 -2.50
C GLN B 86 23.37 -9.60 -1.47
N HIS B 87 22.14 -10.03 -1.74
CA HIS B 87 21.02 -9.74 -0.85
C HIS B 87 21.19 -10.49 0.47
N ALA B 88 21.67 -11.73 0.41
CA ALA B 88 21.95 -12.47 1.64
C ALA B 88 22.95 -11.73 2.53
N GLU B 89 24.02 -11.22 1.93
CA GLU B 89 25.04 -10.47 2.68
C GLU B 89 24.45 -9.22 3.35
N VAL B 90 23.58 -8.51 2.64
CA VAL B 90 22.85 -7.39 3.23
C VAL B 90 22.06 -7.83 4.46
N LEU B 91 21.36 -8.96 4.40
CA LEU B 91 20.62 -9.43 5.57
C LEU B 91 21.52 -9.88 6.70
N VAL B 92 22.67 -10.46 6.38
CA VAL B 92 23.58 -10.90 7.45
C VAL B 92 24.06 -9.67 8.26
N LYS B 93 24.44 -8.61 7.54
CA LYS B 93 24.88 -7.38 8.19
C LYS B 93 23.75 -6.72 8.96
N SER B 94 22.56 -6.58 8.37
CA SER B 94 21.45 -5.91 9.05
C SER B 94 20.90 -6.70 10.22
N ASN B 95 21.11 -8.00 10.26
CA ASN B 95 20.73 -8.80 11.42
C ASN B 95 21.90 -9.02 12.39
N ASN B 96 23.01 -8.29 12.20
CA ASN B 96 24.12 -8.31 13.13
C ASN B 96 24.70 -9.70 13.35
N LEU B 97 24.89 -10.44 12.26
CA LEU B 97 25.39 -11.81 12.34
C LEU B 97 26.64 -12.02 11.51
N THR B 98 27.41 -10.96 11.25
CA THR B 98 28.65 -11.09 10.46
C THR B 98 29.71 -11.93 11.17
N ASP B 99 29.64 -12.02 12.50
CA ASP B 99 30.54 -12.93 13.25
C ASP B 99 30.17 -14.42 13.11
N ARG B 100 29.01 -14.74 12.54
CA ARG B 100 28.51 -16.12 12.54
C ARG B 100 28.13 -16.69 11.17
N ILE B 101 27.64 -15.85 10.24
CA ILE B 101 27.25 -16.27 8.91
C ILE B 101 28.21 -15.64 7.93
N VAL B 102 28.91 -16.48 7.18
CA VAL B 102 29.79 -16.05 6.11
C VAL B 102 29.19 -16.48 4.76
N VAL B 103 28.71 -15.49 4.02
CA VAL B 103 28.22 -15.71 2.69
C VAL B 103 29.39 -15.88 1.73
N ILE B 104 29.38 -16.98 0.97
CA ILE B 104 30.42 -17.31 0.00
C ILE B 104 29.75 -17.32 -1.38
N PRO B 105 29.97 -16.29 -2.20
CA PRO B 105 29.37 -16.30 -3.53
C PRO B 105 30.02 -17.32 -4.47
N GLY B 106 29.23 -18.07 -5.23
CA GLY B 106 29.74 -19.05 -6.18
C GLY B 106 29.05 -20.40 -6.05
N LYS B 107 29.50 -21.34 -6.89
CA LYS B 107 28.95 -22.70 -6.89
C LYS B 107 29.68 -23.51 -5.85
N VAL B 108 28.95 -24.39 -5.16
CA VAL B 108 29.54 -25.20 -4.11
C VAL B 108 30.63 -26.13 -4.66
N GLU B 109 30.53 -26.45 -5.95
CA GLU B 109 31.54 -27.24 -6.65
C GLU B 109 32.83 -26.46 -6.96
N GLU B 110 32.83 -25.14 -6.81
CA GLU B 110 33.93 -24.27 -7.23
C GLU B 110 34.54 -23.42 -6.10
N VAL B 111 33.81 -23.14 -5.04
CA VAL B 111 34.32 -22.32 -3.95
C VAL B 111 35.27 -23.12 -3.06
N SER B 112 35.98 -22.40 -2.20
CA SER B 112 36.77 -22.98 -1.13
C SER B 112 36.14 -22.60 0.21
N LEU B 113 36.04 -23.57 1.10
CA LEU B 113 35.64 -23.34 2.46
C LEU B 113 36.91 -23.44 3.32
N PRO B 114 36.98 -22.66 4.40
CA PRO B 114 38.20 -22.69 5.21
C PRO B 114 38.30 -23.86 6.19
N GLU B 115 37.22 -24.57 6.44
CA GLU B 115 37.23 -25.72 7.35
C GLU B 115 36.10 -26.70 7.02
N GLN B 116 36.17 -27.88 7.61
CA GLN B 116 35.13 -28.89 7.49
C GLN B 116 33.97 -28.54 8.41
N VAL B 117 32.79 -29.09 8.12
CA VAL B 117 31.58 -28.74 8.84
C VAL B 117 30.96 -29.94 9.53
N ASP B 118 30.16 -29.66 10.55
CA ASP B 118 29.43 -30.67 11.30
C ASP B 118 28.14 -31.11 10.64
N ILE B 119 27.51 -30.21 9.88
CA ILE B 119 26.20 -30.46 9.35
C ILE B 119 25.98 -29.60 8.09
N ILE B 120 25.36 -30.20 7.08
CA ILE B 120 25.01 -29.51 5.82
C ILE B 120 23.51 -29.36 5.80
N ILE B 121 23.06 -28.16 5.49
CA ILE B 121 21.64 -27.87 5.34
C ILE B 121 21.42 -27.34 3.93
N SER B 122 20.30 -27.71 3.32
CA SER B 122 19.98 -27.25 1.99
C SER B 122 18.50 -27.49 1.71
N GLU B 123 18.05 -26.90 0.62
CA GLU B 123 16.73 -27.18 0.06
C GLU B 123 16.91 -27.56 -1.41
N PRO B 124 17.40 -28.76 -1.67
CA PRO B 124 17.78 -29.15 -3.02
C PRO B 124 16.65 -29.82 -3.80
N MET B 125 15.42 -29.83 -3.28
CA MET B 125 14.31 -30.53 -3.92
C MET B 125 13.67 -29.70 -5.00
N GLY B 126 13.54 -30.26 -6.19
CA GLY B 126 12.68 -29.69 -7.24
C GLY B 126 11.44 -30.52 -7.40
N TYR B 127 10.68 -30.22 -8.45
CA TYR B 127 9.55 -31.07 -8.84
C TYR B 127 9.98 -32.50 -8.94
N MET B 128 9.13 -33.41 -8.46
CA MET B 128 9.41 -34.84 -8.47
C MET B 128 10.69 -35.15 -7.72
N LEU B 129 11.08 -34.27 -6.79
CA LEU B 129 12.32 -34.33 -6.03
C LEU B 129 13.55 -33.95 -6.84
N PHE B 130 13.76 -34.63 -7.98
CA PHE B 130 15.00 -34.61 -8.69
C PHE B 130 15.17 -33.45 -9.68
N ASN B 131 14.10 -32.80 -10.11
CA ASN B 131 14.24 -31.73 -11.08
C ASN B 131 15.16 -30.61 -10.57
N GLU B 132 15.92 -30.03 -11.50
CA GLU B 132 16.96 -29.00 -11.28
C GLU B 132 18.36 -29.56 -10.92
N ARG B 133 18.44 -30.84 -10.58
CA ARG B 133 19.68 -31.54 -10.29
C ARG B 133 20.49 -30.91 -9.16
N MET B 134 19.80 -30.27 -8.23
CA MET B 134 20.45 -29.64 -7.09
C MET B 134 20.95 -30.68 -6.10
N LEU B 135 20.30 -31.84 -6.06
CA LEU B 135 20.67 -32.91 -5.15
C LEU B 135 22.14 -33.28 -5.33
N GLU B 136 22.62 -33.19 -6.57
CA GLU B 136 24.00 -33.50 -6.90
C GLU B 136 24.97 -32.50 -6.23
N SER B 137 24.63 -31.21 -6.30
CA SER B 137 25.40 -30.21 -5.57
C SER B 137 25.41 -30.47 -4.07
N TYR B 138 24.25 -30.85 -3.54
CA TYR B 138 24.11 -31.18 -2.12
C TYR B 138 25.02 -32.36 -1.72
N LEU B 139 25.02 -33.40 -2.53
CA LEU B 139 25.88 -34.57 -2.28
C LEU B 139 27.34 -34.25 -2.52
N HIS B 140 27.62 -33.45 -3.56
CA HIS B 140 28.95 -32.97 -3.82
C HIS B 140 29.57 -32.29 -2.60
N ALA B 141 28.74 -31.51 -1.89
CA ALA B 141 29.18 -30.75 -0.73
C ALA B 141 29.63 -31.62 0.44
N LYS B 142 29.37 -32.93 0.42
CA LYS B 142 29.86 -33.83 1.47
C LYS B 142 31.37 -33.93 1.51
N LYS B 143 32.08 -33.45 0.47
CA LYS B 143 33.54 -33.29 0.58
C LYS B 143 33.95 -32.39 1.76
N TYR B 144 33.04 -31.50 2.19
CA TYR B 144 33.28 -30.65 3.36
C TYR B 144 32.76 -31.19 4.69
N LEU B 145 32.13 -32.36 4.68
CA LEU B 145 31.45 -32.86 5.86
C LEU B 145 32.43 -33.69 6.69
N LYS B 146 32.54 -33.39 7.96
CA LYS B 146 33.33 -34.23 8.87
C LYS B 146 32.79 -35.65 8.91
N PRO B 147 33.66 -36.62 9.23
CA PRO B 147 33.14 -37.99 9.41
C PRO B 147 32.07 -37.97 10.48
N SER B 148 30.99 -38.69 10.24
CA SER B 148 29.82 -38.65 11.12
C SER B 148 29.09 -37.29 11.17
N GLY B 149 29.34 -36.38 10.23
CA GLY B 149 28.50 -35.18 10.09
C GLY B 149 27.12 -35.55 9.60
N ASN B 150 26.15 -34.65 9.79
CA ASN B 150 24.78 -34.93 9.44
C ASN B 150 24.39 -34.07 8.22
N MET B 151 23.24 -34.43 7.62
CA MET B 151 22.66 -33.76 6.45
C MET B 151 21.22 -33.48 6.76
N PHE B 152 20.78 -32.24 6.53
CA PHE B 152 19.41 -31.79 6.77
C PHE B 152 18.92 -31.13 5.46
N PRO B 153 18.11 -31.85 4.68
CA PRO B 153 17.45 -33.13 4.92
C PRO B 153 18.39 -34.34 4.83
N THR B 154 17.99 -35.41 5.49
CA THR B 154 18.80 -36.60 5.63
C THR B 154 18.46 -37.64 4.56
N ILE B 155 17.17 -37.86 4.34
CA ILE B 155 16.72 -38.75 3.28
C ILE B 155 15.61 -38.09 2.48
N GLY B 156 15.39 -38.61 1.27
CA GLY B 156 14.26 -38.24 0.43
C GLY B 156 13.55 -39.47 -0.10
N ASP B 157 12.23 -39.52 0.05
CA ASP B 157 11.40 -40.59 -0.47
C ASP B 157 10.60 -40.04 -1.64
N VAL B 158 10.79 -40.61 -2.82
CA VAL B 158 9.89 -40.42 -3.95
C VAL B 158 8.78 -41.46 -3.93
N HIS B 159 7.54 -40.99 -4.05
CA HIS B 159 6.38 -41.86 -4.15
C HIS B 159 5.80 -41.80 -5.55
N LEU B 160 5.48 -42.96 -6.11
CA LEU B 160 4.76 -43.09 -7.36
C LEU B 160 3.51 -43.95 -7.17
N ALA B 161 2.42 -43.58 -7.84
CA ALA B 161 1.19 -44.37 -7.82
C ALA B 161 0.40 -44.18 -9.13
N PRO B 162 -0.28 -45.22 -9.61
CA PRO B 162 -1.07 -45.12 -10.81
C PRO B 162 -2.35 -44.29 -10.57
N PHE B 163 -2.77 -43.50 -11.54
CA PHE B 163 -3.97 -42.70 -11.43
C PHE B 163 -4.90 -42.88 -12.63
N THR B 164 -6.16 -42.51 -12.42
CA THR B 164 -7.13 -42.43 -13.50
C THR B 164 -7.61 -41.00 -13.53
N ASP B 165 -7.59 -40.37 -14.72
CA ASP B 165 -8.08 -39.02 -14.87
C ASP B 165 -8.38 -38.82 -16.35
N GLU B 166 -9.60 -39.24 -16.73
CA GLU B 166 -10.04 -39.26 -18.08
C GLU B 166 -10.03 -37.85 -18.69
N GLN B 167 -10.45 -36.86 -17.92
CA GLN B 167 -10.49 -35.47 -18.38
C GLN B 167 -9.10 -34.92 -18.68
N LEU B 168 -8.10 -35.24 -17.83
CA LEU B 168 -6.73 -34.83 -18.10
C LEU B 168 -6.22 -35.45 -19.39
N TYR B 169 -6.45 -36.76 -19.53
CA TYR B 169 -6.05 -37.47 -20.72
C TYR B 169 -6.66 -36.84 -21.98
N MET B 170 -7.97 -36.59 -21.95
CA MET B 170 -8.67 -36.09 -23.12
C MET B 170 -8.24 -34.66 -23.53
N GLU B 171 -7.96 -33.84 -22.52
CA GLU B 171 -7.45 -32.49 -22.72
C GLU B 171 -6.23 -32.43 -23.65
N GLN B 172 -5.33 -33.39 -23.60
CA GLN B 172 -4.20 -33.44 -24.51
C GLN B 172 -4.58 -33.57 -25.99
N PHE B 173 -5.60 -34.39 -26.25
CA PHE B 173 -6.03 -34.55 -27.66
C PHE B 173 -6.84 -33.39 -28.08
N THR B 174 -7.62 -32.81 -27.19
CA THR B 174 -8.36 -31.60 -27.52
C THR B 174 -7.41 -30.48 -27.96
N LYS B 175 -6.29 -30.32 -27.23
CA LYS B 175 -5.33 -29.29 -27.58
C LYS B 175 -4.64 -29.61 -28.89
N ALA B 176 -4.19 -30.86 -29.04
CA ALA B 176 -3.47 -31.25 -30.22
C ALA B 176 -4.33 -31.22 -31.48
N ASN B 177 -5.65 -31.42 -31.30
CA ASN B 177 -6.58 -31.45 -32.44
C ASN B 177 -6.73 -30.10 -33.10
N PHE B 178 -6.24 -29.04 -32.50
CA PHE B 178 -6.02 -27.78 -33.22
C PHE B 178 -5.36 -28.03 -34.59
N TRP B 179 -4.37 -28.91 -34.63
CA TRP B 179 -3.64 -29.17 -35.86
C TRP B 179 -4.38 -30.05 -36.87
N TYR B 180 -5.50 -30.68 -36.45
CA TYR B 180 -6.29 -31.55 -37.32
C TYR B 180 -7.37 -30.78 -38.01
N GLN B 181 -6.95 -29.83 -38.82
CA GLN B 181 -7.81 -28.87 -39.59
C GLN B 181 -7.23 -28.90 -41.03
N PRO B 182 -8.04 -29.25 -42.03
CA PRO B 182 -7.54 -29.23 -43.38
C PRO B 182 -7.46 -27.85 -44.01
N SER B 183 -8.05 -26.85 -43.39
CA SER B 183 -8.06 -25.49 -43.94
C SER B 183 -8.10 -24.45 -42.86
N PHE B 184 -7.01 -24.35 -42.10
CA PHE B 184 -6.81 -23.25 -41.14
C PHE B 184 -6.36 -22.07 -41.96
N HIS B 185 -7.25 -21.11 -42.19
CA HIS B 185 -6.93 -19.96 -43.08
C HIS B 185 -6.42 -20.46 -44.43
N GLY B 186 -7.01 -21.54 -44.92
CA GLY B 186 -6.60 -22.14 -46.19
C GLY B 186 -5.45 -23.13 -46.13
N VAL B 187 -4.90 -23.42 -44.95
CA VAL B 187 -3.71 -24.26 -44.84
C VAL B 187 -4.08 -25.56 -44.15
N ASP B 188 -3.60 -26.68 -44.71
CA ASP B 188 -3.83 -27.99 -44.12
C ASP B 188 -2.76 -28.23 -43.05
N LEU B 189 -3.17 -28.16 -41.79
CA LEU B 189 -2.30 -28.39 -40.66
C LEU B 189 -2.10 -29.83 -40.21
N SER B 190 -2.90 -30.72 -40.77
CA SER B 190 -3.12 -32.08 -40.20
C SER B 190 -1.86 -32.93 -40.06
N ALA B 191 -0.87 -32.73 -40.95
CA ALA B 191 0.34 -33.51 -40.87
C ALA B 191 1.15 -33.29 -39.57
N LEU B 192 0.89 -32.20 -38.83
CA LEU B 192 1.59 -31.94 -37.58
C LEU B 192 0.85 -32.42 -36.32
N ARG B 193 -0.34 -33.02 -36.49
CA ARG B 193 -1.14 -33.40 -35.34
C ARG B 193 -0.43 -34.44 -34.45
N GLY B 194 0.21 -35.42 -35.05
CA GLY B 194 0.97 -36.44 -34.32
C GLY B 194 2.10 -35.83 -33.54
N ALA B 195 2.84 -34.89 -34.15
CA ALA B 195 3.95 -34.25 -33.45
C ALA B 195 3.42 -33.41 -32.29
N ALA B 196 2.29 -32.76 -32.49
CA ALA B 196 1.68 -31.97 -31.41
C ALA B 196 1.24 -32.88 -30.23
N VAL B 197 0.62 -34.01 -30.54
CA VAL B 197 0.19 -34.97 -29.52
C VAL B 197 1.43 -35.43 -28.73
N ASP B 198 2.51 -35.79 -29.43
CA ASP B 198 3.71 -36.25 -28.77
C ASP B 198 4.31 -35.19 -27.87
N GLU B 199 4.33 -33.95 -28.33
CA GLU B 199 4.81 -32.84 -27.54
C GLU B 199 4.02 -32.66 -26.26
N TYR B 200 2.70 -32.69 -26.33
CA TYR B 200 1.91 -32.47 -25.12
C TYR B 200 2.12 -33.63 -24.12
N PHE B 201 2.18 -34.87 -24.61
CA PHE B 201 2.35 -36.03 -23.73
C PHE B 201 3.77 -36.13 -23.16
N ARG B 202 4.74 -35.43 -23.78
CA ARG B 202 6.08 -35.35 -23.21
C ARG B 202 6.18 -34.46 -21.95
N GLN B 203 5.13 -33.68 -21.66
CA GLN B 203 5.18 -32.74 -20.57
C GLN B 203 4.60 -33.36 -19.31
N PRO B 204 5.41 -33.45 -18.26
CA PRO B 204 4.80 -33.84 -16.99
C PRO B 204 3.86 -32.71 -16.50
N VAL B 205 2.78 -33.12 -15.85
CA VAL B 205 1.76 -32.20 -15.44
C VAL B 205 1.94 -31.88 -13.98
N VAL B 206 2.20 -30.60 -13.70
CA VAL B 206 2.36 -30.11 -12.33
C VAL B 206 1.04 -29.49 -11.90
N ASP B 207 0.40 -30.14 -10.93
CA ASP B 207 -0.78 -29.60 -10.27
C ASP B 207 -1.12 -30.52 -9.13
N THR B 208 -2.24 -30.27 -8.47
CA THR B 208 -2.69 -31.14 -7.41
C THR B 208 -3.94 -31.85 -7.89
N PHE B 209 -4.42 -32.78 -7.08
CA PHE B 209 -5.55 -33.60 -7.45
C PHE B 209 -6.14 -34.26 -6.21
N ASP B 210 -7.37 -34.73 -6.37
CA ASP B 210 -8.07 -35.46 -5.34
C ASP B 210 -7.45 -36.85 -5.24
N ILE B 211 -7.16 -37.28 -4.02
CA ILE B 211 -6.58 -38.62 -3.80
C ILE B 211 -7.41 -39.80 -4.32
N ARG B 212 -8.68 -39.56 -4.60
CA ARG B 212 -9.54 -40.59 -5.16
C ARG B 212 -9.19 -41.00 -6.59
N ILE B 213 -8.38 -40.22 -7.31
CA ILE B 213 -7.89 -40.66 -8.59
C ILE B 213 -6.81 -41.78 -8.51
N LEU B 214 -6.22 -41.98 -7.33
CA LEU B 214 -5.15 -42.96 -7.17
C LEU B 214 -5.71 -44.35 -7.10
N MET B 215 -5.12 -45.28 -7.84
CA MET B 215 -5.67 -46.62 -8.01
C MET B 215 -4.92 -47.71 -7.26
N ALA B 216 -3.86 -47.37 -6.58
CA ALA B 216 -3.07 -48.34 -5.79
C ALA B 216 -2.23 -47.57 -4.81
N LYS B 217 -1.78 -48.26 -3.77
CA LYS B 217 -0.85 -47.69 -2.82
C LYS B 217 0.47 -47.38 -3.53
N SER B 218 1.12 -46.32 -3.08
CA SER B 218 2.33 -45.85 -3.74
C SER B 218 3.49 -46.79 -3.53
N VAL B 219 4.39 -46.82 -4.50
CA VAL B 219 5.72 -47.40 -4.36
C VAL B 219 6.67 -46.28 -3.96
N LYS B 220 7.57 -46.59 -3.03
CA LYS B 220 8.49 -45.62 -2.42
C LYS B 220 9.91 -45.91 -2.87
N TYR B 221 10.61 -44.92 -3.40
CA TYR B 221 12.03 -45.03 -3.70
C TYR B 221 12.81 -44.02 -2.84
N THR B 222 13.74 -44.52 -2.02
CA THR B 222 14.43 -43.73 -1.02
C THR B 222 15.85 -43.43 -1.43
N VAL B 223 16.23 -42.17 -1.36
CA VAL B 223 17.62 -41.76 -1.47
C VAL B 223 18.11 -41.33 -0.10
N ASN B 224 19.15 -41.99 0.40
CA ASN B 224 19.76 -41.65 1.68
C ASN B 224 20.91 -40.70 1.39
N PHE B 225 20.79 -39.44 1.81
CA PHE B 225 21.77 -38.40 1.47
C PHE B 225 23.09 -38.52 2.22
N LEU B 226 23.08 -39.19 3.38
CA LEU B 226 24.36 -39.55 4.05
C LEU B 226 25.19 -40.55 3.27
N GLU B 227 24.52 -41.45 2.54
CA GLU B 227 25.21 -42.54 1.83
C GLU B 227 25.36 -42.32 0.34
N ALA B 228 24.43 -41.60 -0.29
CA ALA B 228 24.48 -41.47 -1.73
C ALA B 228 25.68 -40.68 -2.22
N LYS B 229 26.21 -41.08 -3.39
CA LYS B 229 27.20 -40.30 -4.09
C LYS B 229 26.51 -39.55 -5.23
N GLU B 230 27.16 -38.51 -5.66
CA GLU B 230 26.68 -37.65 -6.72
C GLU B 230 26.26 -38.46 -7.95
N GLY B 231 27.14 -39.36 -8.35
CA GLY B 231 26.93 -40.23 -9.49
C GLY B 231 25.72 -41.13 -9.45
N ASP B 232 25.25 -41.46 -8.23
CA ASP B 232 24.03 -42.23 -8.06
C ASP B 232 22.81 -41.56 -8.64
N LEU B 233 22.84 -40.24 -8.83
CA LEU B 233 21.65 -39.52 -9.33
C LEU B 233 21.64 -39.32 -10.84
N HIS B 234 22.64 -39.82 -11.54
CA HIS B 234 22.70 -39.68 -13.02
C HIS B 234 21.71 -40.59 -13.71
N ARG B 235 21.45 -41.74 -13.12
CA ARG B 235 20.52 -42.69 -13.65
C ARG B 235 19.77 -43.27 -12.49
N ILE B 236 18.45 -43.06 -12.44
CA ILE B 236 17.67 -43.49 -11.29
C ILE B 236 16.63 -44.49 -11.82
N GLU B 237 16.76 -45.76 -11.41
CA GLU B 237 15.86 -46.81 -11.91
C GLU B 237 14.89 -47.19 -10.82
N ILE B 238 13.60 -46.99 -11.08
CA ILE B 238 12.58 -47.28 -10.10
C ILE B 238 11.64 -48.35 -10.60
N PRO B 239 11.91 -49.63 -10.24
CA PRO B 239 10.97 -50.69 -10.60
C PRO B 239 9.69 -50.54 -9.78
N PHE B 240 8.56 -50.98 -10.32
CA PHE B 240 7.31 -50.97 -9.55
C PHE B 240 6.43 -52.15 -9.88
N LYS B 241 5.68 -52.57 -8.87
CA LYS B 241 4.65 -53.59 -9.01
C LYS B 241 3.52 -53.09 -8.13
N PHE B 242 2.45 -52.58 -8.76
CA PHE B 242 1.31 -52.05 -8.02
C PHE B 242 0.22 -53.12 -7.96
N HIS B 243 -0.34 -53.30 -6.76
N HIS B 243 -0.34 -53.30 -6.78
CA HIS B 243 -1.49 -54.15 -6.61
CA HIS B 243 -1.50 -54.17 -6.60
C HIS B 243 -2.73 -53.24 -6.68
C HIS B 243 -2.72 -53.26 -6.67
N MET B 244 -3.47 -53.37 -7.77
CA MET B 244 -4.54 -52.44 -8.09
C MET B 244 -5.69 -52.59 -7.10
N LEU B 245 -6.06 -51.49 -6.45
CA LEU B 245 -7.12 -51.45 -5.47
C LEU B 245 -8.44 -51.03 -6.08
N HIS B 246 -8.43 -50.48 -7.30
CA HIS B 246 -9.64 -50.04 -7.99
C HIS B 246 -9.57 -50.45 -9.43
N SER B 247 -10.72 -50.67 -10.04
CA SER B 247 -10.80 -51.05 -11.42
C SER B 247 -11.00 -49.79 -12.25
N GLY B 248 -10.37 -49.72 -13.42
CA GLY B 248 -10.57 -48.58 -14.31
C GLY B 248 -9.45 -48.44 -15.30
N LEU B 249 -9.47 -47.36 -16.06
CA LEU B 249 -8.39 -47.02 -16.98
C LEU B 249 -7.30 -46.27 -16.22
N VAL B 250 -6.08 -46.76 -16.32
CA VAL B 250 -4.90 -46.15 -15.72
C VAL B 250 -4.33 -45.21 -16.79
N HIS B 251 -4.34 -43.92 -16.51
CA HIS B 251 -3.89 -42.91 -17.50
C HIS B 251 -2.45 -42.51 -17.29
N GLY B 252 -1.85 -42.87 -16.16
CA GLY B 252 -0.44 -42.54 -15.90
C GLY B 252 0.04 -42.79 -14.48
N LEU B 253 1.19 -42.25 -14.14
CA LEU B 253 1.74 -42.30 -12.78
C LEU B 253 1.82 -40.90 -12.18
N ALA B 254 1.39 -40.80 -10.92
CA ALA B 254 1.49 -39.61 -10.11
C ALA B 254 2.69 -39.74 -9.19
N PHE B 255 3.38 -38.62 -8.98
CA PHE B 255 4.59 -38.55 -8.19
C PHE B 255 4.51 -37.46 -7.16
N TRP B 256 5.05 -37.74 -5.98
CA TRP B 256 5.30 -36.74 -4.97
C TRP B 256 6.52 -37.15 -4.16
N PHE B 257 6.90 -36.33 -3.19
CA PHE B 257 8.05 -36.69 -2.34
C PHE B 257 7.96 -36.17 -0.92
N ASP B 258 8.64 -36.88 -0.03
CA ASP B 258 8.84 -36.49 1.35
C ASP B 258 10.33 -36.44 1.64
N VAL B 259 10.77 -35.52 2.50
CA VAL B 259 12.15 -35.55 3.00
C VAL B 259 12.08 -35.59 4.51
N ALA B 260 13.07 -36.23 5.14
CA ALA B 260 13.12 -36.30 6.59
C ALA B 260 14.41 -35.68 7.09
N PHE B 261 14.29 -34.89 8.16
CA PHE B 261 15.41 -34.29 8.87
C PHE B 261 15.59 -35.15 10.13
N ILE B 262 16.56 -36.05 10.08
CA ILE B 262 16.75 -37.06 11.13
C ILE B 262 17.76 -36.48 12.11
N GLY B 263 17.25 -35.78 13.11
CA GLY B 263 18.11 -35.10 14.08
C GLY B 263 18.33 -35.96 15.30
N SER B 264 19.17 -35.49 16.21
CA SER B 264 19.46 -36.19 17.47
C SER B 264 18.29 -36.18 18.44
N ILE B 265 17.43 -35.17 18.35
CA ILE B 265 16.28 -35.09 19.25
C ILE B 265 15.06 -35.67 18.60
N MET B 266 14.83 -35.36 17.32
CA MET B 266 13.68 -35.89 16.62
C MET B 266 13.82 -35.87 15.11
N THR B 267 12.98 -36.68 14.47
CA THR B 267 12.88 -36.70 13.03
C THR B 267 11.70 -35.82 12.66
N VAL B 268 11.94 -34.82 11.81
CA VAL B 268 10.88 -33.98 11.28
C VAL B 268 10.73 -34.24 9.78
N TRP B 269 9.51 -34.38 9.31
CA TRP B 269 9.21 -34.70 7.92
C TRP B 269 8.61 -33.49 7.21
N LEU B 270 9.03 -33.28 5.98
CA LEU B 270 8.36 -32.34 5.07
C LEU B 270 7.77 -33.21 3.96
N SER B 271 6.45 -33.26 3.85
CA SER B 271 5.76 -34.07 2.86
C SER B 271 5.07 -33.20 1.79
N THR B 272 5.15 -33.63 0.54
CA THR B 272 4.40 -33.02 -0.55
C THR B 272 3.30 -33.92 -1.08
N ALA B 273 2.92 -34.93 -0.27
CA ALA B 273 1.85 -35.83 -0.62
C ALA B 273 0.51 -35.13 -0.89
N PRO B 274 -0.32 -35.71 -1.77
CA PRO B 274 -1.66 -35.16 -1.99
C PRO B 274 -2.63 -35.31 -0.81
N THR B 275 -2.28 -36.16 0.17
CA THR B 275 -2.96 -36.19 1.47
C THR B 275 -2.54 -35.10 2.46
N GLU B 276 -1.61 -34.23 2.08
CA GLU B 276 -1.05 -33.22 2.99
C GLU B 276 -1.33 -31.84 2.43
N PRO B 277 -1.20 -30.80 3.26
CA PRO B 277 -1.44 -29.46 2.75
C PRO B 277 -0.54 -29.16 1.56
N LEU B 278 -1.09 -28.42 0.62
CA LEU B 278 -0.41 -28.14 -0.62
C LEU B 278 0.84 -27.30 -0.37
N THR B 279 1.89 -27.59 -1.13
CA THR B 279 3.14 -26.82 -1.12
C THR B 279 3.36 -26.28 -2.51
N HIS B 280 4.41 -25.50 -2.67
CA HIS B 280 4.75 -24.94 -3.98
C HIS B 280 5.33 -26.00 -4.94
N TRP B 281 5.63 -27.20 -4.42
CA TRP B 281 6.01 -28.34 -5.30
C TRP B 281 4.81 -29.05 -5.95
N TYR B 282 3.60 -28.81 -5.45
CA TYR B 282 2.39 -29.49 -5.90
C TYR B 282 2.62 -31.01 -5.92
N GLN B 283 2.15 -31.67 -6.97
CA GLN B 283 2.49 -33.03 -7.33
C GLN B 283 2.70 -33.06 -8.83
N VAL B 284 3.23 -34.17 -9.32
CA VAL B 284 3.53 -34.32 -10.73
C VAL B 284 2.89 -35.58 -11.32
N ARG B 285 2.27 -35.45 -12.48
CA ARG B 285 1.70 -36.60 -13.18
C ARG B 285 2.28 -36.78 -14.55
N CYS B 286 2.66 -38.01 -14.84
CA CYS B 286 3.18 -38.41 -16.16
C CYS B 286 2.14 -39.30 -16.81
N LEU B 287 1.59 -38.85 -17.94
CA LEU B 287 0.61 -39.62 -18.67
C LEU B 287 1.22 -40.75 -19.46
N PHE B 288 0.46 -41.83 -19.62
CA PHE B 288 0.77 -42.85 -20.62
C PHE B 288 0.17 -42.39 -21.94
N GLN B 289 0.82 -42.77 -23.02
CA GLN B 289 0.34 -42.45 -24.38
C GLN B 289 -1.01 -43.17 -24.66
N SER B 290 -1.13 -44.40 -24.13
CA SER B 290 -2.34 -45.15 -24.19
C SER B 290 -2.68 -45.64 -22.81
N PRO B 291 -3.93 -45.44 -22.38
CA PRO B 291 -4.30 -45.93 -21.05
C PRO B 291 -4.36 -47.44 -20.99
N LEU B 292 -4.25 -47.99 -19.78
CA LEU B 292 -4.28 -49.42 -19.56
C LEU B 292 -5.45 -49.77 -18.71
N PHE B 293 -6.27 -50.73 -19.11
CA PHE B 293 -7.38 -51.17 -18.25
C PHE B 293 -6.85 -52.14 -17.23
N ALA B 294 -7.18 -51.93 -15.97
CA ALA B 294 -6.88 -52.89 -14.94
C ALA B 294 -8.07 -53.04 -14.02
N LYS B 295 -8.24 -54.24 -13.49
CA LYS B 295 -9.29 -54.51 -12.52
C LYS B 295 -8.64 -54.57 -11.15
N ALA B 296 -9.40 -54.23 -10.13
CA ALA B 296 -8.97 -54.40 -8.74
C ALA B 296 -8.46 -55.84 -8.59
N GLY B 297 -7.32 -55.99 -7.93
CA GLY B 297 -6.63 -57.28 -7.85
C GLY B 297 -5.58 -57.53 -8.90
N ASP B 298 -5.64 -56.87 -10.05
CA ASP B 298 -4.54 -56.95 -11.02
C ASP B 298 -3.24 -56.33 -10.49
N THR B 299 -2.15 -56.64 -11.19
CA THR B 299 -0.85 -56.13 -10.91
C THR B 299 -0.38 -55.31 -12.11
N LEU B 300 0.06 -54.06 -11.84
CA LEU B 300 0.61 -53.19 -12.89
C LEU B 300 2.10 -53.05 -12.57
N SER B 301 2.94 -53.57 -13.47
CA SER B 301 4.36 -53.66 -13.20
C SER B 301 5.14 -52.96 -14.30
N GLY B 302 6.35 -52.56 -13.97
CA GLY B 302 7.20 -51.86 -14.92
C GLY B 302 8.30 -51.11 -14.26
N THR B 303 8.80 -50.10 -14.97
CA THR B 303 9.96 -49.34 -14.55
C THR B 303 9.80 -47.88 -14.91
N CYS B 304 10.13 -47.01 -13.96
CA CYS B 304 10.36 -45.61 -14.22
C CYS B 304 11.87 -45.38 -14.19
N LEU B 305 12.45 -44.96 -15.32
CA LEU B 305 13.89 -44.67 -15.42
C LEU B 305 14.11 -43.19 -15.64
N LEU B 306 14.85 -42.54 -14.74
CA LEU B 306 15.18 -41.12 -14.85
C LEU B 306 16.64 -41.01 -15.22
N ILE B 307 16.90 -40.36 -16.36
CA ILE B 307 18.22 -40.22 -16.91
C ILE B 307 18.54 -38.74 -16.91
N ALA B 308 19.58 -38.35 -16.18
CA ALA B 308 19.95 -36.94 -16.07
C ALA B 308 20.40 -36.40 -17.41
N ASN B 309 20.01 -35.18 -17.74
CA ASN B 309 20.46 -34.52 -18.97
C ASN B 309 21.19 -33.22 -18.59
N LYS B 310 21.81 -32.59 -19.57
CA LYS B 310 22.61 -31.37 -19.30
C LYS B 310 21.81 -30.06 -19.19
N ARG B 311 20.46 -30.12 -19.28
CA ARG B 311 19.62 -28.95 -18.96
C ARG B 311 19.11 -28.98 -17.54
N GLN B 312 19.91 -29.55 -16.63
CA GLN B 312 19.59 -29.58 -15.22
C GLN B 312 18.28 -30.29 -14.94
N SER B 313 17.96 -31.31 -15.72
CA SER B 313 16.75 -32.05 -15.52
C SER B 313 16.94 -33.52 -15.91
N TYR B 314 15.83 -34.20 -16.13
CA TYR B 314 15.82 -35.61 -16.44
C TYR B 314 14.89 -35.89 -17.62
N ASP B 315 15.30 -36.85 -18.43
CA ASP B 315 14.45 -37.58 -19.36
C ASP B 315 13.87 -38.73 -18.55
N ILE B 316 12.55 -38.85 -18.58
CA ILE B 316 11.82 -39.85 -17.85
C ILE B 316 11.31 -40.86 -18.85
N SER B 317 11.62 -42.13 -18.60
CA SER B 317 11.12 -43.22 -19.40
C SER B 317 10.23 -44.05 -18.47
N ILE B 318 8.97 -44.21 -18.84
CA ILE B 318 8.04 -45.03 -18.05
C ILE B 318 7.52 -46.15 -18.95
N VAL B 319 7.71 -47.39 -18.51
CA VAL B 319 7.11 -48.54 -19.20
C VAL B 319 6.28 -49.31 -18.18
N ALA B 320 5.06 -49.68 -18.55
CA ALA B 320 4.14 -50.31 -17.62
C ALA B 320 3.32 -51.36 -18.35
N GLN B 321 2.93 -52.40 -17.63
CA GLN B 321 2.08 -53.43 -18.18
C GLN B 321 1.15 -54.00 -17.13
N VAL B 322 -0.05 -54.38 -17.56
CA VAL B 322 -0.98 -55.09 -16.71
C VAL B 322 -0.61 -56.57 -16.83
N ASP B 323 -0.10 -57.15 -15.75
CA ASP B 323 0.47 -58.50 -15.85
C ASP B 323 -0.56 -59.54 -16.31
N GLN B 324 -1.80 -59.41 -15.86
CA GLN B 324 -2.85 -60.37 -16.17
C GLN B 324 -3.28 -60.36 -17.63
N THR B 325 -3.14 -59.24 -18.36
CA THR B 325 -3.52 -59.20 -19.78
C THR B 325 -2.39 -59.05 -20.76
N GLY B 326 -1.19 -58.69 -20.31
CA GLY B 326 -0.10 -58.31 -21.22
C GLY B 326 -0.25 -56.98 -21.93
N SER B 327 -1.27 -56.17 -21.60
CA SER B 327 -1.40 -54.83 -22.18
C SER B 327 -0.28 -53.95 -21.60
N LYS B 328 0.46 -53.31 -22.50
CA LYS B 328 1.64 -52.50 -22.19
C LYS B 328 1.49 -51.07 -22.68
N SER B 329 2.07 -50.13 -21.95
CA SER B 329 2.21 -48.77 -22.43
C SER B 329 3.55 -48.21 -22.02
N SER B 330 3.96 -47.18 -22.74
CA SER B 330 5.22 -46.47 -22.48
C SER B 330 4.95 -44.94 -22.50
N ASN B 331 5.94 -44.20 -22.02
CA ASN B 331 6.05 -42.82 -22.35
C ASN B 331 7.49 -42.38 -22.12
N LEU B 332 7.87 -41.34 -22.85
CA LEU B 332 9.09 -40.60 -22.62
C LEU B 332 8.71 -39.18 -22.30
N LEU B 333 9.17 -38.66 -21.18
CA LEU B 333 8.82 -37.31 -20.77
C LEU B 333 10.04 -36.46 -20.51
N ASP B 334 9.88 -35.17 -20.66
CA ASP B 334 10.94 -34.19 -20.55
C ASP B 334 10.59 -33.33 -19.35
N LEU B 335 11.19 -33.65 -18.22
CA LEU B 335 10.95 -32.95 -16.97
C LEU B 335 11.35 -31.47 -16.98
N LYS B 336 12.17 -31.05 -17.93
CA LYS B 336 12.47 -29.62 -18.11
C LYS B 336 11.32 -28.77 -18.68
N ASN B 337 10.35 -29.37 -19.34
CA ASN B 337 9.22 -28.62 -19.92
C ASN B 337 7.88 -29.04 -19.28
N PRO B 338 7.73 -28.88 -17.95
CA PRO B 338 6.47 -29.28 -17.36
C PRO B 338 5.30 -28.37 -17.79
N PHE B 339 4.09 -28.93 -17.75
CA PHE B 339 2.89 -28.17 -17.94
C PHE B 339 2.34 -27.81 -16.58
N PHE B 340 2.35 -26.51 -16.25
CA PHE B 340 1.82 -26.00 -14.97
C PHE B 340 0.33 -25.80 -15.17
N ARG B 341 -0.43 -26.81 -14.76
CA ARG B 341 -1.88 -26.87 -14.99
C ARG B 341 -2.65 -26.17 -13.89
N TYR B 342 -2.12 -26.16 -12.66
CA TYR B 342 -2.61 -25.24 -11.59
C TYR B 342 -2.31 -23.81 -12.13
N SER C 1 -2.34 19.46 44.09
CA SER C 1 -3.23 18.30 44.36
C SER C 1 -2.74 17.09 43.59
N VAL C 2 -3.39 15.95 43.83
CA VAL C 2 -3.12 14.73 43.05
C VAL C 2 -3.39 14.96 41.54
N PHE C 3 -4.44 15.72 41.19
CA PHE C 3 -4.74 16.03 39.79
C PHE C 3 -3.66 16.88 39.12
N SER C 4 -3.37 18.04 39.72
CA SER C 4 -2.41 19.01 39.12
C SER C 4 -1.02 18.38 38.92
N GLU C 5 -0.61 17.54 39.89
CA GLU C 5 0.68 16.84 39.83
C GLU C 5 0.81 15.85 38.66
N ARG C 6 -0.28 15.18 38.30
CA ARG C 6 -0.28 14.18 37.20
C ARG C 6 -0.66 14.77 35.82
N THR C 7 -1.03 16.06 35.78
CA THR C 7 -1.63 16.65 34.59
C THR C 7 -0.93 17.96 34.22
N GLU C 8 -0.41 18.02 33.01
CA GLU C 8 0.11 19.26 32.42
C GLU C 8 -1.03 20.28 32.37
N GLU C 9 -0.74 21.52 32.74
CA GLU C 9 -1.76 22.57 32.81
C GLU C 9 -2.46 22.78 31.47
N SER C 10 -1.70 22.83 30.38
CA SER C 10 -2.28 23.02 29.04
C SER C 10 -3.29 21.92 28.66
N SER C 11 -2.98 20.68 29.03
CA SER C 11 -3.89 19.55 28.82
C SER C 11 -5.16 19.75 29.66
N ALA C 12 -5.00 20.07 30.94
CA ALA C 12 -6.15 20.28 31.84
C ALA C 12 -7.08 21.37 31.34
N VAL C 13 -6.49 22.50 30.90
CA VAL C 13 -7.27 23.65 30.41
C VAL C 13 -8.13 23.23 29.23
N GLN C 14 -7.50 22.63 28.21
CA GLN C 14 -8.21 22.15 27.03
C GLN C 14 -9.28 21.09 27.42
N TYR C 15 -8.93 20.18 28.30
CA TYR C 15 -9.85 19.12 28.74
C TYR C 15 -11.14 19.68 29.35
N PHE C 16 -10.99 20.54 30.36
CA PHE C 16 -12.16 21.13 31.04
C PHE C 16 -12.91 22.13 30.17
N GLN C 17 -12.19 22.87 29.30
CA GLN C 17 -12.85 23.72 28.30
C GLN C 17 -13.77 22.91 27.40
N PHE C 18 -13.29 21.78 26.89
CA PHE C 18 -14.08 20.88 26.04
C PHE C 18 -15.38 20.46 26.72
N TYR C 19 -15.30 20.06 27.98
CA TYR C 19 -16.47 19.59 28.71
C TYR C 19 -17.42 20.72 29.20
N GLY C 20 -16.99 21.96 29.05
CA GLY C 20 -17.84 23.11 29.30
C GLY C 20 -18.95 23.33 28.27
N TYR C 21 -18.89 22.71 27.10
CA TYR C 21 -19.86 22.97 26.02
C TYR C 21 -21.12 22.11 26.12
N LEU C 22 -22.27 22.76 26.04
CA LEU C 22 -23.55 22.08 25.99
C LEU C 22 -23.67 21.13 24.81
N SER C 23 -23.08 21.49 23.66
CA SER C 23 -23.12 20.59 22.49
C SER C 23 -22.44 19.26 22.76
N GLN C 24 -21.35 19.29 23.54
CA GLN C 24 -20.69 18.05 23.92
C GLN C 24 -21.58 17.20 24.84
N GLN C 25 -22.25 17.84 25.79
CA GLN C 25 -23.18 17.14 26.68
C GLN C 25 -24.32 16.50 25.87
N GLN C 26 -24.85 17.26 24.93
CA GLN C 26 -25.90 16.76 24.07
C GLN C 26 -25.48 15.51 23.28
N ASN C 27 -24.28 15.56 22.69
CA ASN C 27 -23.77 14.39 21.98
C ASN C 27 -23.74 13.14 22.84
N MET C 28 -23.30 13.29 24.09
CA MET C 28 -23.22 12.14 24.99
C MET C 28 -24.60 11.67 25.46
N MET C 29 -25.46 12.64 25.77
CA MET C 29 -26.81 12.32 26.25
C MET C 29 -27.62 11.59 25.19
N GLN C 30 -27.40 11.94 23.92
CA GLN C 30 -28.09 11.31 22.81
C GLN C 30 -27.64 9.89 22.48
N ASP C 31 -26.56 9.42 23.09
CA ASP C 31 -26.23 8.01 23.02
C ASP C 31 -27.23 7.29 23.92
N TYR C 32 -28.28 6.75 23.34
CA TYR C 32 -29.35 6.14 24.11
C TYR C 32 -28.91 4.88 24.84
N VAL C 33 -28.00 4.12 24.26
CA VAL C 33 -27.46 2.92 24.90
C VAL C 33 -26.76 3.32 26.21
N ARG C 34 -25.93 4.35 26.12
CA ARG C 34 -25.24 4.85 27.29
C ARG C 34 -26.23 5.37 28.35
N THR C 35 -27.10 6.28 27.95
CA THR C 35 -27.92 7.00 28.91
C THR C 35 -28.99 6.07 29.50
N GLY C 36 -29.59 5.25 28.65
CA GLY C 36 -30.61 4.28 29.05
C GLY C 36 -30.05 3.18 29.93
N THR C 37 -28.84 2.71 29.64
CA THR C 37 -28.20 1.69 30.46
C THR C 37 -27.83 2.21 31.85
N TYR C 38 -27.27 3.41 31.92
CA TYR C 38 -27.03 4.03 33.25
C TYR C 38 -28.33 4.18 34.04
N GLN C 39 -29.39 4.66 33.39
CA GLN C 39 -30.67 4.83 34.07
C GLN C 39 -31.19 3.47 34.61
N ARG C 40 -31.16 2.45 33.75
N ARG C 40 -31.15 2.45 33.75
CA ARG C 40 -31.55 1.09 34.14
CA ARG C 40 -31.55 1.09 34.14
C ARG C 40 -30.72 0.57 35.33
C ARG C 40 -30.73 0.56 35.32
N ALA C 41 -29.40 0.71 35.24
CA ALA C 41 -28.49 0.29 36.33
C ALA C 41 -28.85 0.87 37.67
N ILE C 42 -29.16 2.17 37.65
CA ILE C 42 -29.49 2.92 38.86
C ILE C 42 -30.92 2.60 39.35
N LEU C 43 -31.91 2.70 38.47
CA LEU C 43 -33.31 2.51 38.86
C LEU C 43 -33.64 1.08 39.22
N GLN C 44 -33.11 0.11 38.49
CA GLN C 44 -33.35 -1.31 38.82
C GLN C 44 -32.64 -1.72 40.09
N ASN C 45 -31.61 -0.96 40.48
CA ASN C 45 -30.94 -1.12 41.79
C ASN C 45 -31.28 -0.01 42.77
N HIS C 46 -32.58 0.34 42.83
CA HIS C 46 -33.08 1.43 43.66
C HIS C 46 -32.72 1.33 45.14
N THR C 47 -32.64 0.11 45.68
CA THR C 47 -32.24 -0.10 47.08
C THR C 47 -30.78 0.31 47.36
N ASP C 48 -29.91 0.35 46.33
CA ASP C 48 -28.56 0.89 46.51
C ASP C 48 -28.51 2.41 46.61
N PHE C 49 -29.65 3.06 46.34
CA PHE C 49 -29.77 4.51 46.36
C PHE C 49 -30.79 5.06 47.38
N LYS C 50 -31.86 4.31 47.65
CA LYS C 50 -32.95 4.79 48.50
C LYS C 50 -32.41 5.23 49.87
N ASP C 51 -32.63 6.50 50.21
CA ASP C 51 -32.15 7.12 51.46
C ASP C 51 -30.64 7.08 51.67
N LYS C 52 -29.87 6.96 50.60
CA LYS C 52 -28.41 6.91 50.70
C LYS C 52 -27.80 8.25 50.37
N ILE C 53 -26.53 8.38 50.70
CA ILE C 53 -25.70 9.53 50.38
C ILE C 53 -24.84 9.10 49.19
N VAL C 54 -24.82 9.92 48.15
CA VAL C 54 -24.19 9.59 46.89
C VAL C 54 -23.19 10.68 46.48
N LEU C 55 -22.10 10.25 45.87
CA LEU C 55 -21.14 11.13 45.21
C LEU C 55 -21.17 10.83 43.73
N ASP C 56 -21.36 11.88 42.93
CA ASP C 56 -21.32 11.80 41.48
C ASP C 56 -20.05 12.50 41.03
N VAL C 57 -19.08 11.71 40.58
CA VAL C 57 -17.78 12.26 40.23
C VAL C 57 -17.78 12.69 38.76
N GLY C 58 -17.63 13.98 38.53
CA GLY C 58 -17.63 14.54 37.18
C GLY C 58 -19.03 14.52 36.60
N CYS C 59 -19.94 15.27 37.23
CA CYS C 59 -21.38 15.07 37.01
C CYS C 59 -21.87 15.64 35.68
N GLY C 60 -21.08 16.53 35.08
CA GLY C 60 -21.46 17.13 33.81
C GLY C 60 -22.74 17.90 33.99
N SER C 61 -23.72 17.61 33.13
CA SER C 61 -25.06 18.23 33.17
C SER C 61 -25.88 17.76 34.39
N GLY C 62 -25.46 16.67 35.04
CA GLY C 62 -26.06 16.20 36.26
C GLY C 62 -26.92 14.96 36.09
N ILE C 63 -26.98 14.42 34.89
CA ILE C 63 -27.97 13.39 34.56
C ILE C 63 -27.97 12.18 35.52
N LEU C 64 -26.79 11.71 35.90
CA LEU C 64 -26.70 10.53 36.77
C LEU C 64 -27.18 10.86 38.18
N SER C 65 -26.94 12.10 38.60
CA SER C 65 -27.45 12.58 39.87
C SER C 65 -28.98 12.62 39.87
N PHE C 66 -29.58 13.03 38.75
CA PHE C 66 -31.04 12.97 38.62
C PHE C 66 -31.54 11.54 38.69
N PHE C 67 -30.85 10.59 38.06
CA PHE C 67 -31.25 9.20 38.18
C PHE C 67 -31.15 8.70 39.63
N ALA C 68 -30.08 9.08 40.32
CA ALA C 68 -29.91 8.72 41.75
C ALA C 68 -31.05 9.28 42.57
N ALA C 69 -31.47 10.52 42.27
CA ALA C 69 -32.63 11.14 42.91
C ALA C 69 -33.94 10.43 42.57
N GLN C 70 -34.13 10.03 41.32
CA GLN C 70 -35.32 9.24 40.94
C GLN C 70 -35.40 7.94 41.76
N ALA C 71 -34.24 7.34 42.03
CA ALA C 71 -34.15 6.10 42.80
C ALA C 71 -34.26 6.29 44.31
N GLY C 72 -34.35 7.54 44.75
CA GLY C 72 -34.67 7.87 46.13
C GLY C 72 -33.51 8.29 47.03
N ALA C 73 -32.38 8.73 46.45
CA ALA C 73 -31.22 9.12 47.25
C ALA C 73 -31.61 10.27 48.15
N ARG C 74 -31.09 10.25 49.39
N ARG C 74 -31.09 10.25 49.37
CA ARG C 74 -31.33 11.33 50.34
CA ARG C 74 -31.32 11.32 50.35
C ARG C 74 -30.51 12.56 49.99
C ARG C 74 -30.51 12.56 49.99
N LYS C 75 -29.26 12.37 49.58
CA LYS C 75 -28.36 13.47 49.31
C LYS C 75 -27.32 13.02 48.29
N ILE C 76 -27.13 13.85 47.26
CA ILE C 76 -26.18 13.55 46.19
C ILE C 76 -25.26 14.74 46.05
N TYR C 77 -23.96 14.53 46.29
CA TYR C 77 -22.96 15.56 46.04
C TYR C 77 -22.46 15.35 44.64
N ALA C 78 -22.63 16.37 43.80
CA ALA C 78 -22.39 16.26 42.39
C ALA C 78 -21.18 17.14 42.09
N VAL C 79 -20.00 16.53 41.89
CA VAL C 79 -18.76 17.28 41.73
C VAL C 79 -18.42 17.48 40.26
N GLU C 80 -18.04 18.69 39.91
CA GLU C 80 -17.76 18.98 38.51
C GLU C 80 -16.82 20.15 38.40
N ALA C 81 -15.74 19.97 37.64
CA ALA C 81 -14.64 20.93 37.60
C ALA C 81 -14.81 21.93 36.46
N SER C 82 -15.52 21.56 35.39
CA SER C 82 -15.75 22.49 34.27
C SER C 82 -16.89 23.47 34.59
N THR C 83 -17.07 24.43 33.70
CA THR C 83 -18.15 25.40 33.82
C THR C 83 -19.53 24.76 33.58
N MET C 84 -19.58 23.50 33.11
CA MET C 84 -20.82 22.73 33.13
C MET C 84 -21.50 22.67 34.51
N ALA C 85 -20.75 22.81 35.59
CA ALA C 85 -21.31 22.88 36.95
C ALA C 85 -22.42 23.91 37.10
N GLN C 86 -22.25 25.07 36.43
CA GLN C 86 -23.25 26.12 36.43
C GLN C 86 -24.56 25.65 35.82
N HIS C 87 -24.47 24.95 34.70
CA HIS C 87 -25.63 24.46 33.98
C HIS C 87 -26.30 23.36 34.79
N ALA C 88 -25.50 22.50 35.42
CA ALA C 88 -26.08 21.46 36.31
C ALA C 88 -26.93 22.11 37.40
N GLU C 89 -26.41 23.16 38.05
CA GLU C 89 -27.14 23.85 39.12
C GLU C 89 -28.47 24.45 38.61
N VAL C 90 -28.45 25.03 37.42
CA VAL C 90 -29.69 25.48 36.76
C VAL C 90 -30.70 24.34 36.62
N LEU C 91 -30.27 23.17 36.18
CA LEU C 91 -31.23 22.04 36.10
C LEU C 91 -31.69 21.55 37.44
N VAL C 92 -30.84 21.59 38.44
CA VAL C 92 -31.24 21.11 39.78
C VAL C 92 -32.40 22.00 40.31
N LYS C 93 -32.24 23.32 40.15
CA LYS C 93 -33.26 24.27 40.56
C LYS C 93 -34.53 24.12 39.74
N SER C 94 -34.42 24.03 38.42
CA SER C 94 -35.63 23.95 37.58
C SER C 94 -36.35 22.62 37.71
N ASN C 95 -35.67 21.58 38.18
CA ASN C 95 -36.33 20.31 38.45
C ASN C 95 -36.73 20.16 39.92
N ASN C 96 -36.62 21.24 40.71
CA ASN C 96 -37.04 21.23 42.10
C ASN C 96 -36.39 20.13 42.94
N LEU C 97 -35.07 19.99 42.79
CA LEU C 97 -34.32 18.98 43.50
C LEU C 97 -33.19 19.54 44.34
N THR C 98 -33.32 20.81 44.74
CA THR C 98 -32.34 21.51 45.55
C THR C 98 -32.18 20.87 46.93
N ASP C 99 -33.22 20.19 47.42
CA ASP C 99 -33.14 19.48 48.70
C ASP C 99 -32.35 18.19 48.63
N ARG C 100 -31.99 17.72 47.41
CA ARG C 100 -31.35 16.44 47.25
C ARG C 100 -30.04 16.40 46.48
N ILE C 101 -29.86 17.29 45.50
CA ILE C 101 -28.64 17.34 44.72
C ILE C 101 -27.90 18.63 45.02
N VAL C 102 -26.67 18.49 45.49
CA VAL C 102 -25.79 19.60 45.80
C VAL C 102 -24.61 19.58 44.85
N VAL C 103 -24.59 20.55 43.95
CA VAL C 103 -23.47 20.73 43.05
C VAL C 103 -22.26 21.32 43.82
N ILE C 104 -21.12 20.68 43.69
CA ILE C 104 -19.85 21.13 44.29
C ILE C 104 -18.88 21.43 43.16
N PRO C 105 -18.64 22.72 42.88
CA PRO C 105 -17.73 23.03 41.74
C PRO C 105 -16.27 22.74 42.10
N GLY C 106 -15.51 22.14 41.20
CA GLY C 106 -14.10 21.86 41.43
C GLY C 106 -13.69 20.45 41.08
N LYS C 107 -12.40 20.15 41.28
CA LYS C 107 -11.86 18.82 41.02
C LYS C 107 -12.10 17.95 42.23
N VAL C 108 -12.44 16.68 42.00
CA VAL C 108 -12.73 15.77 43.13
C VAL C 108 -11.49 15.58 44.01
N GLU C 109 -10.30 15.79 43.42
CA GLU C 109 -9.04 15.76 44.16
C GLU C 109 -8.80 16.99 45.05
N GLU C 110 -9.59 18.05 44.89
CA GLU C 110 -9.37 19.33 45.54
C GLU C 110 -10.51 19.83 46.43
N VAL C 111 -11.74 19.38 46.22
CA VAL C 111 -12.88 19.86 46.99
C VAL C 111 -12.92 19.25 48.38
N SER C 112 -13.76 19.79 49.24
CA SER C 112 -14.07 19.18 50.55
C SER C 112 -15.53 18.82 50.58
N LEU C 113 -15.84 17.59 51.01
CA LEU C 113 -17.23 17.17 51.18
C LEU C 113 -17.53 17.14 52.65
N PRO C 114 -18.78 17.41 53.03
CA PRO C 114 -19.08 17.44 54.47
C PRO C 114 -19.28 16.09 55.14
N GLU C 115 -19.44 15.01 54.38
CA GLU C 115 -19.60 13.67 54.94
C GLU C 115 -19.17 12.60 53.96
N GLN C 116 -19.05 11.38 54.47
CA GLN C 116 -18.73 10.21 53.67
C GLN C 116 -20.00 9.73 52.96
N VAL C 117 -19.83 8.97 51.90
CA VAL C 117 -20.95 8.56 51.04
C VAL C 117 -21.11 7.05 51.02
N ASP C 118 -22.32 6.61 50.71
CA ASP C 118 -22.65 5.20 50.58
C ASP C 118 -22.29 4.61 49.23
N ILE C 119 -22.29 5.44 48.18
CA ILE C 119 -22.10 4.95 46.83
C ILE C 119 -21.55 6.07 45.94
N ILE C 120 -20.62 5.71 45.06
CA ILE C 120 -20.04 6.64 44.09
C ILE C 120 -20.54 6.22 42.73
N ILE C 121 -20.99 7.20 41.96
CA ILE C 121 -21.40 7.00 40.59
C ILE C 121 -20.56 7.91 39.71
N SER C 122 -20.24 7.43 38.51
CA SER C 122 -19.49 8.23 37.56
C SER C 122 -19.55 7.55 36.18
N GLU C 123 -19.07 8.28 35.19
CA GLU C 123 -18.85 7.76 33.87
C GLU C 123 -17.40 8.09 33.47
N PRO C 124 -16.46 7.33 34.04
CA PRO C 124 -15.05 7.65 33.87
C PRO C 124 -14.39 6.96 32.67
N MET C 125 -15.17 6.30 31.80
CA MET C 125 -14.62 5.55 30.70
C MET C 125 -14.36 6.43 29.50
N GLY C 126 -13.14 6.38 28.97
CA GLY C 126 -12.81 6.97 27.66
C GLY C 126 -12.62 5.84 26.65
N TYR C 127 -12.15 6.20 25.48
CA TYR C 127 -11.73 5.22 24.47
C TYR C 127 -10.78 4.21 25.09
N MET C 128 -10.98 2.95 24.72
CA MET C 128 -10.17 1.84 25.25
C MET C 128 -10.27 1.77 26.76
N LEU C 129 -11.37 2.29 27.31
CA LEU C 129 -11.60 2.41 28.75
C LEU C 129 -10.77 3.50 29.42
N PHE C 130 -9.46 3.46 29.24
CA PHE C 130 -8.52 4.24 30.04
C PHE C 130 -8.26 5.67 29.55
N ASN C 131 -8.56 5.99 28.29
CA ASN C 131 -8.25 7.33 27.79
C ASN C 131 -8.93 8.42 28.64
N GLU C 132 -8.24 9.55 28.79
CA GLU C 132 -8.64 10.73 29.63
C GLU C 132 -8.25 10.63 31.11
N ARG C 133 -7.86 9.42 31.55
CA ARG C 133 -7.39 9.19 32.92
C ARG C 133 -8.39 9.60 33.99
N MET C 134 -9.67 9.50 33.66
CA MET C 134 -10.72 9.86 34.61
CA MET C 134 -10.72 9.86 34.61
C MET C 134 -10.94 8.72 35.61
N LEU C 135 -10.56 7.50 35.25
CA LEU C 135 -10.65 6.41 36.24
C LEU C 135 -9.86 6.68 37.51
N GLU C 136 -8.77 7.43 37.39
CA GLU C 136 -7.97 7.80 38.55
C GLU C 136 -8.71 8.74 39.48
N SER C 137 -9.37 9.75 38.92
CA SER C 137 -10.25 10.61 39.71
C SER C 137 -11.35 9.81 40.41
N TYR C 138 -11.94 8.86 39.68
CA TYR C 138 -12.99 8.00 40.24
C TYR C 138 -12.48 7.19 41.44
N LEU C 139 -11.28 6.59 41.28
CA LEU C 139 -10.68 5.82 42.35
C LEU C 139 -10.21 6.72 43.48
N HIS C 140 -9.67 7.88 43.14
CA HIS C 140 -9.30 8.89 44.14
C HIS C 140 -10.46 9.23 45.07
N ALA C 141 -11.66 9.32 44.48
CA ALA C 141 -12.87 9.67 45.22
C ALA C 141 -13.27 8.63 46.27
N LYS C 142 -12.68 7.45 46.26
CA LYS C 142 -12.93 6.46 47.33
C LYS C 142 -12.47 6.91 48.69
N LYS C 143 -11.66 7.97 48.78
CA LYS C 143 -11.40 8.60 50.10
C LYS C 143 -12.69 9.06 50.78
N TYR C 144 -13.75 9.32 50.01
CA TYR C 144 -15.06 9.66 50.58
C TYR C 144 -16.01 8.50 50.79
N LEU C 145 -15.61 7.29 50.43
CA LEU C 145 -16.53 6.16 50.42
C LEU C 145 -16.50 5.48 51.78
N LYS C 146 -17.66 5.28 52.38
CA LYS C 146 -17.73 4.52 53.63
C LYS C 146 -17.22 3.10 53.43
N PRO C 147 -16.73 2.45 54.51
CA PRO C 147 -16.39 1.04 54.38
C PRO C 147 -17.59 0.26 53.88
N SER C 148 -17.37 -0.64 52.96
CA SER C 148 -18.47 -1.35 52.30
C SER C 148 -19.40 -0.48 51.42
N GLY C 149 -18.99 0.73 51.06
CA GLY C 149 -19.71 1.49 50.04
C GLY C 149 -19.57 0.85 48.67
N ASN C 150 -20.45 1.20 47.74
CA ASN C 150 -20.42 0.58 46.42
C ASN C 150 -19.95 1.62 45.38
N MET C 151 -19.62 1.13 44.20
CA MET C 151 -19.14 1.94 43.06
C MET C 151 -19.95 1.52 41.86
N PHE C 152 -20.50 2.50 41.14
CA PHE C 152 -21.32 2.30 39.94
C PHE C 152 -20.71 3.17 38.83
N PRO C 153 -19.94 2.57 37.90
CA PRO C 153 -19.70 1.15 37.67
C PRO C 153 -18.76 0.49 38.68
N THR C 154 -18.92 -0.81 38.81
CA THR C 154 -18.19 -1.58 39.82
C THR C 154 -16.90 -2.16 39.26
N ILE C 155 -16.97 -2.74 38.07
CA ILE C 155 -15.81 -3.28 37.40
C ILE C 155 -15.81 -2.84 35.94
N GLY C 156 -14.63 -2.90 35.33
CA GLY C 156 -14.44 -2.68 33.91
C GLY C 156 -13.63 -3.84 33.31
N ASP C 157 -14.14 -4.43 32.23
CA ASP C 157 -13.45 -5.46 31.48
C ASP C 157 -12.98 -4.86 30.17
N VAL C 158 -11.67 -4.86 29.96
CA VAL C 158 -11.09 -4.58 28.65
C VAL C 158 -10.95 -5.89 27.88
N HIS C 159 -11.45 -5.89 26.64
CA HIS C 159 -11.30 -7.02 25.74
C HIS C 159 -10.34 -6.65 24.63
N LEU C 160 -9.45 -7.57 24.31
CA LEU C 160 -8.52 -7.46 23.20
C LEU C 160 -8.64 -8.69 22.32
N ALA C 161 -8.52 -8.51 21.01
CA ALA C 161 -8.51 -9.63 20.07
C ALA C 161 -7.76 -9.26 18.81
N PRO C 162 -7.05 -10.24 18.21
CA PRO C 162 -6.34 -9.95 16.95
C PRO C 162 -7.31 -9.83 15.81
N PHE C 163 -7.04 -8.92 14.86
CA PHE C 163 -7.89 -8.77 13.69
C PHE C 163 -7.10 -8.80 12.39
N THR C 164 -7.82 -9.04 11.29
CA THR C 164 -7.26 -8.92 9.96
C THR C 164 -8.10 -7.88 9.25
N ASP C 165 -7.46 -6.90 8.61
CA ASP C 165 -8.17 -5.87 7.86
C ASP C 165 -7.16 -5.20 6.93
N GLU C 166 -6.99 -5.82 5.78
CA GLU C 166 -6.00 -5.40 4.81
C GLU C 166 -6.28 -3.99 4.31
N GLN C 167 -7.53 -3.67 4.09
CA GLN C 167 -7.94 -2.32 3.62
C GLN C 167 -7.59 -1.22 4.65
N LEU C 168 -7.81 -1.49 5.94
CA LEU C 168 -7.41 -0.53 6.97
C LEU C 168 -5.90 -0.32 6.97
N TYR C 169 -5.16 -1.43 6.93
CA TYR C 169 -3.72 -1.37 6.88
C TYR C 169 -3.23 -0.55 5.69
N MET C 170 -3.78 -0.80 4.51
CA MET C 170 -3.33 -0.13 3.29
C MET C 170 -3.68 1.36 3.28
N GLU C 171 -4.80 1.72 3.84
CA GLU C 171 -5.20 3.14 4.01
C GLU C 171 -4.09 3.99 4.73
N GLN C 172 -3.61 3.44 5.83
CA GLN C 172 -2.59 4.12 6.65
C GLN C 172 -1.24 4.15 5.93
N PHE C 173 -0.91 3.10 5.22
CA PHE C 173 0.32 2.99 4.45
C PHE C 173 0.27 3.95 3.24
N THR C 174 -0.90 3.98 2.60
CA THR C 174 -1.11 4.89 1.50
C THR C 174 -0.91 6.34 1.90
N LYS C 175 -1.40 6.72 3.09
CA LYS C 175 -1.20 8.08 3.60
C LYS C 175 0.26 8.31 3.88
N ALA C 176 0.92 7.38 4.58
CA ALA C 176 2.34 7.58 4.91
C ALA C 176 3.25 7.64 3.68
N ASN C 177 2.83 6.92 2.62
CA ASN C 177 3.63 6.82 1.41
C ASN C 177 3.72 8.14 0.63
N PHE C 178 2.88 9.11 0.99
CA PHE C 178 3.06 10.48 0.53
C PHE C 178 4.50 10.94 0.70
N TRP C 179 5.12 10.57 1.84
CA TRP C 179 6.45 10.99 2.16
C TRP C 179 7.56 10.21 1.46
N TYR C 180 7.22 9.18 0.69
CA TYR C 180 8.16 8.50 -0.22
C TYR C 180 8.65 9.33 -1.49
N GLN C 181 8.03 10.46 -1.80
CA GLN C 181 8.17 11.09 -3.09
C GLN C 181 9.56 11.69 -3.21
N PRO C 182 10.36 11.30 -4.22
CA PRO C 182 11.64 11.96 -4.41
C PRO C 182 11.55 13.33 -5.08
N SER C 183 10.38 13.69 -5.62
CA SER C 183 10.26 15.02 -6.26
C SER C 183 8.85 15.60 -6.14
N PHE C 184 8.47 15.92 -4.90
CA PHE C 184 7.21 16.62 -4.65
C PHE C 184 7.45 18.09 -4.96
N HIS C 185 6.95 18.57 -6.09
CA HIS C 185 7.25 19.92 -6.56
C HIS C 185 8.75 20.17 -6.60
N GLY C 186 9.52 19.15 -7.00
CA GLY C 186 10.97 19.24 -7.04
C GLY C 186 11.71 18.95 -5.76
N VAL C 187 11.01 18.57 -4.69
CA VAL C 187 11.65 18.37 -3.39
C VAL C 187 11.61 16.90 -3.04
N ASP C 188 12.72 16.37 -2.58
CA ASP C 188 12.79 15.00 -2.12
C ASP C 188 12.36 14.91 -0.68
N LEU C 189 11.19 14.35 -0.47
CA LEU C 189 10.63 14.17 0.88
C LEU C 189 11.02 12.84 1.53
N SER C 190 11.67 11.95 0.79
CA SER C 190 11.81 10.54 1.16
C SER C 190 12.57 10.29 2.47
N ALA C 191 13.47 11.17 2.86
CA ALA C 191 14.14 11.02 4.16
C ALA C 191 13.20 11.04 5.38
N LEU C 192 11.98 11.56 5.22
CA LEU C 192 10.99 11.58 6.32
C LEU C 192 9.99 10.44 6.27
N ARG C 193 10.10 9.53 5.33
CA ARG C 193 9.09 8.49 5.15
C ARG C 193 8.94 7.59 6.38
N GLY C 194 10.04 7.20 6.98
CA GLY C 194 10.05 6.44 8.23
C GLY C 194 9.31 7.16 9.36
N ALA C 195 9.60 8.45 9.52
CA ALA C 195 8.95 9.24 10.57
C ALA C 195 7.46 9.36 10.30
N ALA C 196 7.10 9.52 9.02
CA ALA C 196 5.69 9.61 8.65
C ALA C 196 4.95 8.31 8.95
N VAL C 197 5.56 7.17 8.60
CA VAL C 197 4.99 5.85 8.87
C VAL C 197 4.78 5.69 10.36
N ASP C 198 5.78 6.00 11.14
CA ASP C 198 5.67 5.91 12.61
C ASP C 198 4.53 6.73 13.15
N GLU C 199 4.41 7.97 12.66
CA GLU C 199 3.36 8.85 13.11
C GLU C 199 1.98 8.28 12.81
N TYR C 200 1.76 7.82 11.59
CA TYR C 200 0.44 7.32 11.24
C TYR C 200 0.08 6.06 12.01
N PHE C 201 1.05 5.18 12.19
CA PHE C 201 0.79 3.89 12.85
C PHE C 201 0.70 4.05 14.34
N ARG C 202 1.17 5.19 14.87
CA ARG C 202 0.94 5.52 16.29
C ARG C 202 -0.48 5.92 16.61
N GLN C 203 -1.34 6.12 15.63
CA GLN C 203 -2.71 6.54 15.87
C GLN C 203 -3.63 5.35 16.04
N PRO C 204 -4.26 5.23 17.22
CA PRO C 204 -5.27 4.20 17.30
C PRO C 204 -6.46 4.56 16.42
N VAL C 205 -7.10 3.55 15.84
CA VAL C 205 -8.18 3.77 14.92
C VAL C 205 -9.49 3.56 15.64
N VAL C 206 -10.27 4.64 15.75
CA VAL C 206 -11.58 4.60 16.40
C VAL C 206 -12.63 4.47 15.33
N ASP C 207 -13.31 3.32 15.31
CA ASP C 207 -14.48 3.09 14.47
C ASP C 207 -15.03 1.74 14.84
N THR C 208 -16.03 1.28 14.10
CA THR C 208 -16.57 -0.04 14.33
C THR C 208 -16.19 -0.94 13.16
N PHE C 209 -16.53 -2.22 13.29
CA PHE C 209 -16.16 -3.21 12.30
C PHE C 209 -16.99 -4.46 12.45
N ASP C 210 -17.00 -5.28 11.40
CA ASP C 210 -17.67 -6.57 11.43
C ASP C 210 -16.85 -7.52 12.28
N ILE C 211 -17.50 -8.23 13.19
CA ILE C 211 -16.82 -9.19 14.05
C ILE C 211 -16.09 -10.33 13.31
N ARG C 212 -16.41 -10.51 12.03
CA ARG C 212 -15.71 -11.50 11.20
C ARG C 212 -14.24 -11.19 10.95
N ILE C 213 -13.79 -9.94 11.17
CA ILE C 213 -12.36 -9.65 11.10
C ILE C 213 -11.55 -10.21 12.27
N LEU C 214 -12.20 -10.62 13.35
CA LEU C 214 -11.50 -11.12 14.53
C LEU C 214 -11.03 -12.52 14.31
N MET C 215 -9.77 -12.80 14.68
CA MET C 215 -9.12 -14.06 14.37
C MET C 215 -8.95 -15.01 15.55
N ALA C 216 -9.38 -14.57 16.74
CA ALA C 216 -9.37 -15.39 17.94
C ALA C 216 -10.38 -14.79 18.89
N LYS C 217 -10.74 -15.57 19.90
CA LYS C 217 -11.59 -15.07 20.95
C LYS C 217 -10.81 -14.03 21.76
N SER C 218 -11.53 -13.07 22.30
CA SER C 218 -10.90 -12.01 23.07
C SER C 218 -10.29 -12.51 24.37
N VAL C 219 -9.22 -11.83 24.78
CA VAL C 219 -8.67 -11.94 26.13
C VAL C 219 -9.29 -10.77 26.94
N LYS C 220 -9.63 -11.07 28.18
CA LYS C 220 -10.32 -10.13 29.07
C LYS C 220 -9.38 -9.69 30.18
N TYR C 221 -9.22 -8.38 30.39
CA TYR C 221 -8.47 -7.86 31.53
C TYR C 221 -9.44 -7.03 32.39
N THR C 222 -9.59 -7.42 33.65
CA THR C 222 -10.59 -6.85 34.55
C THR C 222 -9.95 -5.91 35.56
N VAL C 223 -10.50 -4.71 35.68
CA VAL C 223 -10.16 -3.81 36.74
C VAL C 223 -11.36 -3.72 37.68
N ASN C 224 -11.15 -4.07 38.95
CA ASN C 224 -12.20 -4.02 39.94
C ASN C 224 -12.07 -2.65 40.66
N PHE C 225 -13.07 -1.79 40.47
CA PHE C 225 -13.00 -0.41 40.98
C PHE C 225 -13.19 -0.32 42.50
N LEU C 226 -13.82 -1.31 43.12
CA LEU C 226 -13.84 -1.40 44.58
C LEU C 226 -12.46 -1.65 45.20
N GLU C 227 -11.62 -2.39 44.48
CA GLU C 227 -10.30 -2.78 45.01
C GLU C 227 -9.14 -1.99 44.46
N ALA C 228 -9.23 -1.50 43.23
CA ALA C 228 -8.10 -0.81 42.62
C ALA C 228 -7.76 0.51 43.34
N LYS C 229 -6.47 0.83 43.40
CA LYS C 229 -6.02 2.14 43.86
C LYS C 229 -5.68 2.97 42.65
N GLU C 230 -5.71 4.27 42.86
CA GLU C 230 -5.41 5.24 41.83
C GLU C 230 -4.08 4.93 41.14
N GLY C 231 -3.07 4.64 41.97
CA GLY C 231 -1.74 4.37 41.44
C GLY C 231 -1.62 3.14 40.57
N ASP C 232 -2.55 2.19 40.71
CA ASP C 232 -2.58 1.02 39.84
C ASP C 232 -2.78 1.36 38.38
N LEU C 233 -3.30 2.54 38.07
CA LEU C 233 -3.57 2.92 36.69
C LEU C 233 -2.47 3.73 36.03
N HIS C 234 -1.35 3.95 36.72
CA HIS C 234 -0.21 4.64 36.12
C HIS C 234 0.52 3.76 35.09
N ARG C 235 0.53 2.46 35.36
CA ARG C 235 1.17 1.51 34.49
C ARG C 235 0.30 0.28 34.43
N ILE C 236 -0.24 -0.02 33.26
CA ILE C 236 -1.18 -1.14 33.15
C ILE C 236 -0.57 -2.18 32.20
N GLU C 237 -0.26 -3.36 32.73
CA GLU C 237 0.38 -4.43 31.95
C GLU C 237 -0.65 -5.50 31.64
N ILE C 238 -0.94 -5.70 30.37
CA ILE C 238 -1.94 -6.68 29.95
C ILE C 238 -1.27 -7.79 29.13
N PRO C 239 -0.91 -8.91 29.79
CA PRO C 239 -0.42 -10.05 29.02
C PRO C 239 -1.55 -10.68 28.20
N PHE C 240 -1.21 -11.30 27.08
CA PHE C 240 -2.21 -12.02 26.29
C PHE C 240 -1.61 -13.25 25.60
N LYS C 241 -2.45 -14.27 25.41
CA LYS C 241 -2.12 -15.48 24.68
C LYS C 241 -3.37 -15.84 23.91
N PHE C 242 -3.37 -15.63 22.60
CA PHE C 242 -4.52 -15.93 21.76
C PHE C 242 -4.32 -17.28 21.09
N HIS C 243 -5.37 -18.08 21.09
CA HIS C 243 -5.38 -19.34 20.34
C HIS C 243 -6.06 -19.00 18.99
N MET C 244 -5.28 -18.96 17.93
CA MET C 244 -5.77 -18.48 16.64
C MET C 244 -6.81 -19.44 16.05
N LEU C 245 -7.98 -18.91 15.72
CA LEU C 245 -9.08 -19.68 15.16
C LEU C 245 -9.13 -19.60 13.65
N HIS C 246 -8.38 -18.66 13.06
CA HIS C 246 -8.35 -18.51 11.60
C HIS C 246 -6.93 -18.27 11.17
N SER C 247 -6.62 -18.69 9.94
CA SER C 247 -5.29 -18.48 9.38
C SER C 247 -5.34 -17.17 8.59
N GLY C 248 -4.28 -16.39 8.66
CA GLY C 248 -4.23 -15.16 7.88
C GLY C 248 -3.24 -14.16 8.45
N LEU C 249 -3.22 -12.97 7.87
CA LEU C 249 -2.43 -11.87 8.35
C LEU C 249 -3.14 -11.15 9.49
N VAL C 250 -2.44 -11.03 10.61
CA VAL C 250 -2.92 -10.29 11.77
C VAL C 250 -2.37 -8.87 11.59
N HIS C 251 -3.26 -7.90 11.40
CA HIS C 251 -2.87 -6.51 11.16
C HIS C 251 -2.81 -5.68 12.45
N GLY C 252 -3.34 -6.22 13.54
CA GLY C 252 -3.28 -5.53 14.83
C GLY C 252 -4.16 -6.15 15.90
N LEU C 253 -4.37 -5.40 16.98
CA LEU C 253 -5.29 -5.76 18.05
C LEU C 253 -6.45 -4.79 18.13
N ALA C 254 -7.65 -5.36 18.29
CA ALA C 254 -8.88 -4.59 18.50
C ALA C 254 -9.20 -4.62 19.99
N PHE C 255 -9.71 -3.49 20.46
CA PHE C 255 -10.05 -3.29 21.86
C PHE C 255 -11.47 -2.79 22.00
N TRP C 256 -12.14 -3.29 23.03
CA TRP C 256 -13.38 -2.69 23.48
C TRP C 256 -13.49 -2.90 24.98
N PHE C 257 -14.56 -2.40 25.59
CA PHE C 257 -14.73 -2.60 27.02
C PHE C 257 -16.20 -2.71 27.42
N ASP C 258 -16.38 -3.42 28.54
CA ASP C 258 -17.67 -3.52 29.22
C ASP C 258 -17.47 -3.05 30.65
N VAL C 259 -18.49 -2.39 31.20
CA VAL C 259 -18.51 -2.12 32.64
C VAL C 259 -19.75 -2.78 33.22
N ALA C 260 -19.64 -3.23 34.46
CA ALA C 260 -20.78 -3.80 35.15
C ALA C 260 -21.13 -2.98 36.38
N PHE C 261 -22.42 -2.73 36.57
CA PHE C 261 -22.96 -2.09 37.75
C PHE C 261 -23.53 -3.24 38.61
N ILE C 262 -22.77 -3.63 39.62
CA ILE C 262 -23.08 -4.84 40.41
C ILE C 262 -23.89 -4.35 41.61
N GLY C 263 -25.20 -4.32 41.43
CA GLY C 263 -26.08 -3.80 42.45
C GLY C 263 -26.62 -4.91 43.32
N SER C 264 -27.36 -4.54 44.36
CA SER C 264 -27.99 -5.48 45.29
C SER C 264 -29.13 -6.25 44.67
N ILE C 265 -29.78 -5.67 43.64
CA ILE C 265 -30.90 -6.35 42.99
C ILE C 265 -30.42 -7.09 41.76
N MET C 266 -29.58 -6.42 40.96
CA MET C 266 -29.07 -7.05 39.74
C MET C 266 -27.78 -6.42 39.23
N THR C 267 -27.10 -7.18 38.38
CA THR C 267 -25.93 -6.68 37.69
C THR C 267 -26.38 -6.21 36.34
N VAL C 268 -26.11 -4.96 36.00
CA VAL C 268 -26.42 -4.40 34.68
C VAL C 268 -25.11 -4.09 33.98
N TRP C 269 -25.01 -4.50 32.72
CA TRP C 269 -23.80 -4.35 31.93
C TRP C 269 -23.99 -3.26 30.88
N LEU C 270 -22.97 -2.43 30.71
CA LEU C 270 -22.87 -1.54 29.57
C LEU C 270 -21.69 -2.04 28.75
N SER C 271 -21.98 -2.53 27.53
CA SER C 271 -20.98 -3.15 26.67
C SER C 271 -20.74 -2.28 25.44
N THR C 272 -19.47 -2.14 25.09
CA THR C 272 -19.09 -1.48 23.83
C THR C 272 -18.53 -2.49 22.83
N ALA C 273 -18.84 -3.77 23.03
CA ALA C 273 -18.44 -4.83 22.13
C ALA C 273 -18.99 -4.62 20.71
N PRO C 274 -18.24 -5.11 19.71
CA PRO C 274 -18.72 -5.05 18.34
C PRO C 274 -19.91 -6.01 18.04
N THR C 275 -20.18 -6.95 18.94
CA THR C 275 -21.43 -7.72 18.90
C THR C 275 -22.66 -7.01 19.50
N GLU C 276 -22.48 -5.79 20.00
CA GLU C 276 -23.56 -5.07 20.69
C GLU C 276 -23.88 -3.79 19.94
N PRO C 277 -25.03 -3.18 20.26
CA PRO C 277 -25.35 -1.93 19.59
C PRO C 277 -24.25 -0.89 19.79
N LEU C 278 -24.03 -0.11 18.75
CA LEU C 278 -22.96 0.84 18.74
C LEU C 278 -23.19 1.93 19.79
N THR C 279 -22.09 2.37 20.42
CA THR C 279 -22.10 3.50 21.37
C THR C 279 -21.14 4.54 20.82
N HIS C 280 -21.09 5.68 21.50
CA HIS C 280 -20.18 6.76 21.12
CA HIS C 280 -20.19 6.76 21.11
C HIS C 280 -18.71 6.43 21.44
N TRP C 281 -18.45 5.33 22.17
CA TRP C 281 -17.06 4.85 22.34
C TRP C 281 -16.55 4.02 21.14
N TYR C 282 -17.45 3.57 20.25
CA TYR C 282 -17.11 2.71 19.13
C TYR C 282 -16.25 1.53 19.62
N GLN C 283 -15.19 1.20 18.88
CA GLN C 283 -14.14 0.29 19.29
C GLN C 283 -12.85 0.91 18.82
N VAL C 284 -11.74 0.35 19.32
CA VAL C 284 -10.43 0.88 18.99
C VAL C 284 -9.52 -0.21 18.45
N ARG C 285 -8.83 0.12 17.35
CA ARG C 285 -7.84 -0.80 16.78
C ARG C 285 -6.47 -0.19 16.77
N CYS C 286 -5.49 -0.98 17.22
CA CYS C 286 -4.08 -0.63 17.14
C CYS C 286 -3.44 -1.50 16.05
N LEU C 287 -3.00 -0.85 14.96
CA LEU C 287 -2.33 -1.51 13.88
C LEU C 287 -0.91 -1.86 14.22
N PHE C 288 -0.43 -3.00 13.68
CA PHE C 288 0.98 -3.30 13.68
C PHE C 288 1.57 -2.65 12.44
N GLN C 289 2.82 -2.21 12.54
CA GLN C 289 3.53 -1.64 11.38
C GLN C 289 3.76 -2.66 10.29
N SER C 290 3.98 -3.91 10.69
CA SER C 290 4.05 -5.04 9.76
C SER C 290 3.13 -6.12 10.29
N PRO C 291 2.25 -6.65 9.45
CA PRO C 291 1.40 -7.72 9.87
C PRO C 291 2.16 -9.01 10.19
N LEU C 292 1.53 -9.89 10.96
CA LEU C 292 2.11 -11.17 11.33
C LEU C 292 1.23 -12.29 10.75
N PHE C 293 1.85 -13.23 10.05
CA PHE C 293 1.09 -14.39 9.57
C PHE C 293 0.93 -15.39 10.68
N ALA C 294 -0.27 -15.90 10.86
CA ALA C 294 -0.47 -17.05 11.75
C ALA C 294 -1.44 -18.02 11.12
N LYS C 295 -1.31 -19.29 11.50
CA LYS C 295 -2.23 -20.33 11.04
C LYS C 295 -3.18 -20.64 12.20
N ALA C 296 -4.39 -21.07 11.87
CA ALA C 296 -5.33 -21.57 12.86
C ALA C 296 -4.62 -22.62 13.69
N GLY C 297 -4.79 -22.56 15.00
CA GLY C 297 -4.05 -23.42 15.93
C GLY C 297 -2.78 -22.82 16.48
N ASP C 298 -2.20 -21.82 15.83
CA ASP C 298 -1.06 -21.11 16.42
C ASP C 298 -1.49 -20.31 17.67
N THR C 299 -0.48 -19.88 18.41
CA THR C 299 -0.64 -19.06 19.58
C THR C 299 0.05 -17.72 19.32
N LEU C 300 -0.68 -16.62 19.56
CA LEU C 300 -0.15 -15.25 19.44
C LEU C 300 -0.09 -14.68 20.84
N SER C 301 1.12 -14.43 21.33
CA SER C 301 1.33 -14.07 22.71
C SER C 301 2.11 -12.76 22.80
N GLY C 302 1.96 -12.09 23.92
CA GLY C 302 2.66 -10.84 24.13
C GLY C 302 2.05 -10.02 25.22
N THR C 303 2.29 -8.71 25.15
CA THR C 303 1.92 -7.76 26.18
C THR C 303 1.46 -6.45 25.57
N CYS C 304 0.34 -5.94 26.10
CA CYS C 304 -0.04 -4.57 25.90
CA CYS C 304 -0.05 -4.56 25.90
C CYS C 304 0.28 -3.80 27.19
N LEU C 305 1.19 -2.82 27.11
CA LEU C 305 1.61 -2.03 28.26
C LEU C 305 1.18 -0.58 28.09
N LEU C 306 0.37 -0.09 29.02
CA LEU C 306 -0.14 1.28 28.97
C LEU C 306 0.54 2.08 30.07
N ILE C 307 1.21 3.15 29.67
CA ILE C 307 1.95 4.00 30.59
C ILE C 307 1.28 5.35 30.56
N ALA C 308 0.76 5.78 31.70
CA ALA C 308 0.04 7.05 31.80
C ALA C 308 1.01 8.19 31.55
N ASN C 309 0.56 9.20 30.80
CA ASN C 309 1.36 10.39 30.54
C ASN C 309 0.63 11.61 31.10
N LYS C 310 1.33 12.74 31.09
CA LYS C 310 0.77 13.98 31.66
C LYS C 310 -0.25 14.74 30.75
N ARG C 311 -0.54 14.21 29.56
CA ARG C 311 -1.58 14.75 28.70
C ARG C 311 -2.91 14.01 28.86
N GLN C 312 -3.13 13.46 30.05
CA GLN C 312 -4.38 12.76 30.38
C GLN C 312 -4.64 11.58 29.46
N SER C 313 -3.58 10.92 29.05
CA SER C 313 -3.71 9.77 28.19
C SER C 313 -2.62 8.75 28.48
N TYR C 314 -2.41 7.85 27.54
CA TYR C 314 -1.47 6.75 27.69
C TYR C 314 -0.61 6.61 26.43
N ASP C 315 0.65 6.28 26.67
CA ASP C 315 1.55 5.72 25.66
C ASP C 315 1.32 4.22 25.73
N ILE C 316 1.02 3.62 24.59
CA ILE C 316 0.69 2.21 24.50
C ILE C 316 1.84 1.52 23.79
N SER C 317 2.34 0.47 24.42
CA SER C 317 3.35 -0.38 23.84
C SER C 317 2.67 -1.75 23.62
N ILE C 318 2.67 -2.21 22.38
CA ILE C 318 2.16 -3.55 22.08
C ILE C 318 3.28 -4.38 21.46
N VAL C 319 3.59 -5.52 22.09
CA VAL C 319 4.55 -6.47 21.55
C VAL C 319 3.79 -7.81 21.39
N ALA C 320 3.89 -8.38 20.19
CA ALA C 320 3.19 -9.62 19.90
C ALA C 320 4.09 -10.54 19.09
N GLN C 321 3.95 -11.84 19.33
CA GLN C 321 4.70 -12.82 18.57
C GLN C 321 3.87 -14.06 18.31
N VAL C 322 4.10 -14.67 17.15
CA VAL C 322 3.52 -15.97 16.85
C VAL C 322 4.49 -16.99 17.45
N ASP C 323 4.04 -17.70 18.49
CA ASP C 323 4.95 -18.56 19.24
C ASP C 323 5.63 -19.63 18.37
N GLN C 324 4.88 -20.19 17.44
CA GLN C 324 5.36 -21.29 16.61
C GLN C 324 6.50 -20.88 15.64
N THR C 325 6.52 -19.63 15.20
CA THR C 325 7.53 -19.17 14.24
C THR C 325 8.53 -18.17 14.77
N GLY C 326 8.28 -17.58 15.93
CA GLY C 326 9.09 -16.45 16.41
C GLY C 326 8.89 -15.13 15.66
N SER C 327 7.89 -15.03 14.78
CA SER C 327 7.61 -13.76 14.09
C SER C 327 7.04 -12.76 15.11
N LYS C 328 7.66 -11.60 15.24
CA LYS C 328 7.34 -10.59 16.23
C LYS C 328 6.98 -9.26 15.59
N SER C 329 6.06 -8.55 16.21
CA SER C 329 5.83 -7.13 15.92
C SER C 329 5.77 -6.34 17.23
N SER C 330 6.33 -5.14 17.21
CA SER C 330 6.43 -4.28 18.37
C SER C 330 6.05 -2.88 17.95
N ASN C 331 5.17 -2.22 18.70
CA ASN C 331 4.53 -1.01 18.17
C ASN C 331 4.17 -0.09 19.31
N LEU C 332 4.20 1.19 19.03
CA LEU C 332 4.03 2.23 20.05
C LEU C 332 2.90 3.11 19.57
N LEU C 333 1.87 3.30 20.40
CA LEU C 333 0.74 4.14 20.03
C LEU C 333 0.52 5.27 21.01
N ASP C 334 -0.05 6.34 20.50
CA ASP C 334 -0.28 7.58 21.22
C ASP C 334 -1.79 7.72 21.28
N LEU C 335 -2.34 7.32 22.41
CA LEU C 335 -3.78 7.31 22.59
C LEU C 335 -4.42 8.73 22.60
N LYS C 336 -3.62 9.76 22.78
CA LYS C 336 -4.15 11.13 22.64
C LYS C 336 -4.38 11.60 21.19
N ASN C 337 -3.83 10.94 20.20
CA ASN C 337 -4.05 11.33 18.77
C ASN C 337 -4.77 10.24 17.97
N PRO C 338 -5.98 9.83 18.39
CA PRO C 338 -6.68 8.80 17.60
C PRO C 338 -7.11 9.26 16.22
N PHE C 339 -7.22 8.32 15.30
CA PHE C 339 -7.79 8.56 13.97
C PHE C 339 -9.25 8.13 14.04
N PHE C 340 -10.15 9.13 13.93
CA PHE C 340 -11.60 8.89 13.95
C PHE C 340 -12.01 8.55 12.54
N ARG C 341 -12.09 7.25 12.26
CA ARG C 341 -12.30 6.74 10.90
C ARG C 341 -13.80 6.67 10.56
N TYR C 342 -14.64 6.41 11.56
CA TYR C 342 -16.11 6.51 11.38
C TYR C 342 -16.47 7.93 10.94
N SER D 1 28.72 -13.64 -36.83
CA SER D 1 27.69 -12.94 -37.65
C SER D 1 27.19 -11.72 -36.90
N VAL D 2 26.34 -10.94 -37.57
CA VAL D 2 25.69 -9.79 -36.89
C VAL D 2 24.81 -10.27 -35.70
N PHE D 3 24.13 -11.42 -35.84
CA PHE D 3 23.34 -11.99 -34.74
C PHE D 3 24.18 -12.38 -33.52
N SER D 4 25.18 -13.25 -33.75
CA SER D 4 26.00 -13.78 -32.64
C SER D 4 26.73 -12.66 -31.88
N GLU D 5 27.17 -11.63 -32.61
CA GLU D 5 27.86 -10.47 -32.01
C GLU D 5 26.96 -9.64 -31.06
N ARG D 6 25.66 -9.53 -31.37
CA ARG D 6 24.73 -8.77 -30.52
C ARG D 6 23.97 -9.61 -29.48
N THR D 7 24.20 -10.92 -29.46
CA THR D 7 23.38 -11.84 -28.67
C THR D 7 24.26 -12.79 -27.86
N GLU D 8 24.08 -12.77 -26.54
CA GLU D 8 24.66 -13.77 -25.66
C GLU D 8 24.14 -15.16 -26.07
N GLU D 9 25.04 -16.14 -26.12
CA GLU D 9 24.69 -17.50 -26.54
C GLU D 9 23.57 -18.10 -25.70
N SER D 10 23.63 -17.94 -24.38
CA SER D 10 22.59 -18.48 -23.50
C SER D 10 21.20 -17.92 -23.78
N SER D 11 21.13 -16.62 -24.10
CA SER D 11 19.88 -15.98 -24.50
C SER D 11 19.39 -16.59 -25.82
N ALA D 12 20.27 -16.68 -26.82
CA ALA D 12 19.92 -17.24 -28.12
C ALA D 12 19.34 -18.68 -28.00
N VAL D 13 20.03 -19.51 -27.22
CA VAL D 13 19.65 -20.92 -27.03
C VAL D 13 18.22 -21.00 -26.48
N GLN D 14 17.98 -20.31 -25.37
CA GLN D 14 16.67 -20.27 -24.76
C GLN D 14 15.60 -19.69 -25.72
N TYR D 15 15.95 -18.63 -26.43
CA TYR D 15 15.04 -17.98 -27.37
C TYR D 15 14.56 -18.94 -28.46
N PHE D 16 15.49 -19.57 -29.16
CA PHE D 16 15.15 -20.49 -30.24
C PHE D 16 14.51 -21.80 -29.73
N GLN D 17 14.93 -22.27 -28.55
CA GLN D 17 14.25 -23.40 -27.90
C GLN D 17 12.76 -23.11 -27.65
N PHE D 18 12.44 -21.92 -27.13
CA PHE D 18 11.06 -21.51 -26.90
C PHE D 18 10.21 -21.58 -28.20
N TYR D 19 10.77 -21.08 -29.29
CA TYR D 19 10.04 -21.08 -30.57
C TYR D 19 10.00 -22.43 -31.29
N GLY D 20 10.74 -23.40 -30.78
CA GLY D 20 10.66 -24.76 -31.25
C GLY D 20 9.38 -25.50 -30.90
N TYR D 21 8.57 -25.00 -29.96
CA TYR D 21 7.38 -25.76 -29.49
C TYR D 21 6.14 -25.51 -30.32
N LEU D 22 5.49 -26.59 -30.73
CA LEU D 22 4.23 -26.50 -31.44
C LEU D 22 3.13 -25.82 -30.61
N SER D 23 3.15 -26.01 -29.28
CA SER D 23 2.16 -25.33 -28.44
C SER D 23 2.27 -23.80 -28.51
N GLN D 24 3.50 -23.31 -28.63
CA GLN D 24 3.70 -21.86 -28.78
C GLN D 24 3.16 -21.37 -30.14
N GLN D 25 3.40 -22.15 -31.20
CA GLN D 25 2.87 -21.81 -32.53
C GLN D 25 1.34 -21.77 -32.50
N GLN D 26 0.75 -22.76 -31.84
CA GLN D 26 -0.69 -22.82 -31.71
C GLN D 26 -1.27 -21.60 -30.99
N ASN D 27 -0.64 -21.21 -29.88
CA ASN D 27 -1.08 -20.03 -29.16
C ASN D 27 -1.11 -18.79 -30.07
N MET D 28 -0.08 -18.62 -30.89
CA MET D 28 -0.02 -17.46 -31.77
C MET D 28 -1.03 -17.55 -32.92
N MET D 29 -1.14 -18.74 -33.50
CA MET D 29 -2.05 -18.95 -34.63
C MET D 29 -3.49 -18.73 -34.24
N GLN D 30 -3.83 -19.09 -32.98
CA GLN D 30 -5.19 -18.90 -32.47
C GLN D 30 -5.57 -17.47 -32.17
N ASP D 31 -4.63 -16.55 -32.20
CA ASP D 31 -4.97 -15.14 -32.14
C ASP D 31 -5.54 -14.78 -33.51
N TYR D 32 -6.87 -14.76 -33.61
CA TYR D 32 -7.52 -14.54 -34.90
C TYR D 32 -7.29 -13.13 -35.45
N VAL D 33 -7.19 -12.15 -34.58
CA VAL D 33 -6.91 -10.78 -35.01
C VAL D 33 -5.54 -10.73 -35.72
N ARG D 34 -4.55 -11.35 -35.08
CA ARG D 34 -3.23 -11.42 -35.65
C ARG D 34 -3.22 -12.17 -36.98
N THR D 35 -3.75 -13.38 -36.99
CA THR D 35 -3.59 -14.27 -38.13
C THR D 35 -4.46 -13.79 -39.30
N GLY D 36 -5.68 -13.37 -38.98
CA GLY D 36 -6.63 -12.86 -39.97
C GLY D 36 -6.18 -11.54 -40.58
N THR D 37 -5.60 -10.66 -39.77
CA THR D 37 -5.10 -9.37 -40.27
C THR D 37 -3.88 -9.57 -41.20
N TYR D 38 -2.95 -10.42 -40.82
CA TYR D 38 -1.85 -10.77 -41.74
C TYR D 38 -2.36 -11.34 -43.06
N GLN D 39 -3.31 -12.28 -42.97
CA GLN D 39 -3.85 -12.88 -44.19
C GLN D 39 -4.54 -11.81 -45.08
N ARG D 40 -5.34 -10.95 -44.48
CA ARG D 40 -5.99 -9.84 -45.19
C ARG D 40 -4.96 -8.89 -45.83
N ALA D 41 -3.94 -8.51 -45.08
CA ALA D 41 -2.85 -7.64 -45.61
C ALA D 41 -2.22 -8.20 -46.86
N ILE D 42 -1.97 -9.50 -46.83
CA ILE D 42 -1.32 -10.19 -47.93
C ILE D 42 -2.28 -10.43 -49.12
N LEU D 43 -3.45 -11.00 -48.86
CA LEU D 43 -4.41 -11.35 -49.91
C LEU D 43 -5.01 -10.13 -50.58
N GLN D 44 -5.37 -9.10 -49.82
CA GLN D 44 -5.93 -7.87 -50.39
C GLN D 44 -4.89 -7.09 -51.17
N ASN D 45 -3.61 -7.34 -50.88
CA ASN D 45 -2.49 -6.79 -51.68
C ASN D 45 -1.83 -7.86 -52.55
N HIS D 46 -2.65 -8.67 -53.22
CA HIS D 46 -2.17 -9.81 -54.01
C HIS D 46 -1.17 -9.45 -55.11
N THR D 47 -1.30 -8.27 -55.70
CA THR D 47 -0.34 -7.80 -56.71
C THR D 47 1.06 -7.56 -56.16
N ASP D 48 1.20 -7.33 -54.85
CA ASP D 48 2.52 -7.27 -54.22
C ASP D 48 3.20 -8.62 -54.05
N PHE D 49 2.45 -9.70 -54.30
CA PHE D 49 2.94 -11.07 -54.22
C PHE D 49 2.88 -11.88 -55.52
N LYS D 50 1.90 -11.63 -56.37
CA LYS D 50 1.69 -12.41 -57.60
C LYS D 50 2.94 -12.44 -58.45
N ASP D 51 3.47 -13.65 -58.68
CA ASP D 51 4.69 -13.88 -59.46
C ASP D 51 5.95 -13.19 -58.91
N LYS D 52 5.97 -12.87 -57.61
CA LYS D 52 7.10 -12.20 -56.98
C LYS D 52 7.93 -13.19 -56.20
N ILE D 53 9.11 -12.73 -55.80
CA ILE D 53 10.04 -13.48 -54.98
C ILE D 53 9.93 -12.87 -53.58
N VAL D 54 9.72 -13.73 -52.58
CA VAL D 54 9.48 -13.29 -51.22
C VAL D 54 10.43 -13.93 -50.23
N LEU D 55 10.80 -13.16 -49.22
CA LEU D 55 11.56 -13.65 -48.07
C LEU D 55 10.68 -13.53 -46.85
N ASP D 56 10.54 -14.64 -46.12
CA ASP D 56 9.79 -14.71 -44.87
C ASP D 56 10.81 -14.86 -43.77
N VAL D 57 10.99 -13.79 -42.98
CA VAL D 57 12.01 -13.78 -41.96
C VAL D 57 11.46 -14.34 -40.66
N GLY D 58 11.98 -15.49 -40.23
CA GLY D 58 11.52 -16.13 -38.99
C GLY D 58 10.14 -16.74 -39.22
N CYS D 59 10.08 -17.72 -40.11
CA CYS D 59 8.79 -18.17 -40.67
C CYS D 59 7.95 -19.02 -39.72
N GLY D 60 8.59 -19.55 -38.69
CA GLY D 60 7.89 -20.39 -37.72
C GLY D 60 7.33 -21.59 -38.42
N SER D 61 6.04 -21.82 -38.22
CA SER D 61 5.29 -22.93 -38.86
C SER D 61 5.10 -22.70 -40.35
N GLY D 62 5.31 -21.47 -40.84
CA GLY D 62 5.27 -21.16 -42.26
C GLY D 62 4.04 -20.39 -42.68
N ILE D 63 3.17 -20.06 -41.74
CA ILE D 63 1.84 -19.56 -42.08
C ILE D 63 1.85 -18.35 -43.06
N LEU D 64 2.76 -17.41 -42.86
CA LEU D 64 2.80 -16.21 -43.73
C LEU D 64 3.28 -16.56 -45.11
N SER D 65 4.17 -17.55 -45.19
CA SER D 65 4.61 -18.07 -46.47
C SER D 65 3.47 -18.74 -47.23
N PHE D 66 2.60 -19.47 -46.51
CA PHE D 66 1.39 -20.00 -47.13
C PHE D 66 0.48 -18.91 -47.66
N PHE D 67 0.33 -17.84 -46.90
CA PHE D 67 -0.48 -16.70 -47.39
C PHE D 67 0.12 -16.08 -48.65
N ALA D 68 1.46 -15.91 -48.66
CA ALA D 68 2.15 -15.40 -49.84
C ALA D 68 1.93 -16.31 -51.05
N ALA D 69 1.94 -17.62 -50.82
CA ALA D 69 1.64 -18.61 -51.85
C ALA D 69 0.19 -18.54 -52.32
N GLN D 70 -0.75 -18.36 -51.41
CA GLN D 70 -2.15 -18.18 -51.79
C GLN D 70 -2.32 -16.94 -52.70
N ALA D 71 -1.54 -15.90 -52.43
CA ALA D 71 -1.57 -14.67 -53.23
C ALA D 71 -0.82 -14.76 -54.55
N GLY D 72 -0.17 -15.90 -54.80
CA GLY D 72 0.44 -16.19 -56.08
C GLY D 72 1.94 -15.98 -56.20
N ALA D 73 2.68 -15.95 -55.09
CA ALA D 73 4.13 -15.74 -55.12
C ALA D 73 4.77 -16.84 -55.93
N ARG D 74 5.77 -16.47 -56.74
CA ARG D 74 6.50 -17.44 -57.57
C ARG D 74 7.45 -18.26 -56.69
N LYS D 75 8.12 -17.60 -55.75
CA LYS D 75 9.09 -18.26 -54.89
C LYS D 75 9.18 -17.57 -53.56
N ILE D 76 9.13 -18.36 -52.49
CA ILE D 76 9.19 -17.81 -51.14
C ILE D 76 10.30 -18.53 -50.40
N TYR D 77 11.30 -17.76 -49.96
CA TYR D 77 12.35 -18.30 -49.12
C TYR D 77 11.92 -18.06 -47.69
N ALA D 78 11.80 -19.14 -46.93
CA ALA D 78 11.23 -19.09 -45.61
C ALA D 78 12.34 -19.45 -44.64
N VAL D 79 12.88 -18.43 -43.94
CA VAL D 79 14.06 -18.61 -43.10
C VAL D 79 13.66 -18.80 -41.65
N GLU D 80 14.24 -19.79 -40.99
CA GLU D 80 13.85 -20.08 -39.63
C GLU D 80 14.99 -20.78 -38.90
N ALA D 81 15.36 -20.24 -37.74
CA ALA D 81 16.55 -20.67 -37.02
C ALA D 81 16.22 -21.76 -35.98
N SER D 82 14.97 -21.81 -35.49
CA SER D 82 14.59 -22.85 -34.54
C SER D 82 14.28 -24.18 -35.24
N THR D 83 14.06 -25.22 -34.44
CA THR D 83 13.68 -26.52 -34.95
C THR D 83 12.27 -26.53 -35.53
N MET D 84 11.49 -25.46 -35.33
CA MET D 84 10.24 -25.27 -36.06
C MET D 84 10.40 -25.35 -37.58
N ALA D 85 11.60 -25.06 -38.11
CA ALA D 85 11.89 -25.22 -39.54
C ALA D 85 11.53 -26.60 -40.08
N GLN D 86 11.79 -27.64 -39.28
CA GLN D 86 11.41 -29.00 -39.64
C GLN D 86 9.93 -29.19 -39.81
N HIS D 87 9.16 -28.61 -38.90
CA HIS D 87 7.70 -28.72 -38.94
C HIS D 87 7.18 -27.92 -40.14
N ALA D 88 7.76 -26.75 -40.39
CA ALA D 88 7.38 -25.97 -41.59
C ALA D 88 7.55 -26.79 -42.85
N GLU D 89 8.70 -27.47 -43.00
CA GLU D 89 8.96 -28.28 -44.18
C GLU D 89 7.93 -29.41 -44.34
N VAL D 90 7.54 -30.05 -43.25
CA VAL D 90 6.46 -31.01 -43.26
C VAL D 90 5.17 -30.42 -43.82
N LEU D 91 4.79 -29.23 -43.38
CA LEU D 91 3.58 -28.59 -43.93
C LEU D 91 3.73 -28.19 -45.38
N VAL D 92 4.91 -27.78 -45.78
CA VAL D 92 5.09 -27.38 -47.21
C VAL D 92 4.85 -28.60 -48.11
N LYS D 93 5.40 -29.75 -47.72
CA LYS D 93 5.20 -31.00 -48.48
C LYS D 93 3.76 -31.44 -48.44
N SER D 94 3.12 -31.45 -47.28
CA SER D 94 1.73 -31.93 -47.18
C SER D 94 0.73 -31.00 -47.84
N ASN D 95 1.08 -29.73 -48.02
CA ASN D 95 0.23 -28.80 -48.76
C ASN D 95 0.65 -28.68 -50.22
N ASN D 96 1.55 -29.55 -50.71
CA ASN D 96 1.93 -29.61 -52.11
C ASN D 96 2.46 -28.27 -52.63
N LEU D 97 3.34 -27.64 -51.87
CA LEU D 97 3.92 -26.36 -52.23
C LEU D 97 5.44 -26.37 -52.29
N THR D 98 6.02 -27.56 -52.51
CA THR D 98 7.45 -27.72 -52.58
C THR D 98 8.07 -26.95 -53.78
N ASP D 99 7.28 -26.71 -54.82
CA ASP D 99 7.73 -25.91 -55.96
C ASP D 99 7.78 -24.41 -55.67
N ARG D 100 7.23 -23.95 -54.54
CA ARG D 100 7.08 -22.52 -54.30
C ARG D 100 7.65 -22.01 -52.97
N ILE D 101 7.62 -22.83 -51.90
CA ILE D 101 8.13 -22.43 -50.61
C ILE D 101 9.37 -23.25 -50.32
N VAL D 102 10.48 -22.56 -50.11
CA VAL D 102 11.76 -23.18 -49.79
C VAL D 102 12.14 -22.76 -48.37
N VAL D 103 12.07 -23.73 -47.47
CA VAL D 103 12.52 -23.52 -46.12
C VAL D 103 14.04 -23.54 -46.08
N ILE D 104 14.62 -22.50 -45.47
CA ILE D 104 16.06 -22.34 -45.31
C ILE D 104 16.33 -22.32 -43.81
N PRO D 105 16.87 -23.42 -43.25
CA PRO D 105 17.13 -23.42 -41.81
C PRO D 105 18.32 -22.54 -41.44
N GLY D 106 18.22 -21.78 -40.37
CA GLY D 106 19.29 -20.92 -39.89
C GLY D 106 18.84 -19.48 -39.62
N LYS D 107 19.80 -18.65 -39.20
CA LYS D 107 19.55 -17.26 -38.89
C LYS D 107 19.62 -16.45 -40.19
N VAL D 108 18.76 -15.46 -40.33
CA VAL D 108 18.75 -14.64 -41.53
C VAL D 108 20.06 -13.86 -41.71
N GLU D 109 20.75 -13.64 -40.60
CA GLU D 109 22.08 -13.02 -40.60
C GLU D 109 23.20 -13.97 -41.09
N GLU D 110 22.92 -15.26 -41.20
CA GLU D 110 23.95 -16.29 -41.46
C GLU D 110 23.72 -17.14 -42.70
N VAL D 111 22.49 -17.25 -43.18
CA VAL D 111 22.21 -18.06 -44.38
C VAL D 111 22.63 -17.32 -45.65
N SER D 112 22.66 -18.04 -46.75
CA SER D 112 22.83 -17.46 -48.08
C SER D 112 21.58 -17.72 -48.88
N LEU D 113 21.06 -16.71 -49.56
CA LEU D 113 19.91 -16.87 -50.45
C LEU D 113 20.41 -16.81 -51.86
N PRO D 114 19.75 -17.52 -52.79
CA PRO D 114 20.27 -17.55 -54.15
C PRO D 114 19.93 -16.35 -55.03
N GLU D 115 19.01 -15.49 -54.60
CA GLU D 115 18.67 -14.30 -55.34
C GLU D 115 18.04 -13.24 -54.39
N GLN D 116 17.91 -12.03 -54.94
CA GLN D 116 17.29 -10.92 -54.24
C GLN D 116 15.77 -11.08 -54.33
N VAL D 117 15.06 -10.41 -53.42
CA VAL D 117 13.61 -10.58 -53.32
C VAL D 117 12.87 -9.27 -53.55
N ASP D 118 11.61 -9.41 -53.93
CA ASP D 118 10.71 -8.28 -54.15
C ASP D 118 10.10 -7.73 -52.89
N ILE D 119 9.90 -8.59 -51.89
CA ILE D 119 9.17 -8.22 -50.70
C ILE D 119 9.59 -9.12 -49.54
N ILE D 120 9.73 -8.51 -48.36
CA ILE D 120 10.04 -9.23 -47.14
C ILE D 120 8.81 -9.19 -46.26
N ILE D 121 8.47 -10.37 -45.72
CA ILE D 121 7.37 -10.48 -44.77
C ILE D 121 7.91 -11.05 -43.48
N SER D 122 7.38 -10.58 -42.36
CA SER D 122 7.79 -11.09 -41.06
C SER D 122 6.77 -10.66 -40.01
N GLU D 123 6.93 -11.21 -38.83
CA GLU D 123 6.21 -10.80 -37.64
C GLU D 123 7.25 -10.53 -36.53
N PRO D 124 7.94 -9.40 -36.65
CA PRO D 124 9.06 -9.14 -35.75
C PRO D 124 8.68 -8.36 -34.48
N MET D 125 7.39 -8.18 -34.21
CA MET D 125 6.93 -7.39 -33.09
C MET D 125 6.86 -8.24 -31.82
N GLY D 126 7.50 -7.78 -30.76
CA GLY D 126 7.32 -8.34 -29.43
C GLY D 126 6.48 -7.37 -28.60
N TYR D 127 6.41 -7.64 -27.30
CA TYR D 127 5.83 -6.70 -26.35
C TYR D 127 6.47 -5.34 -26.50
N MET D 128 5.64 -4.31 -26.42
CA MET D 128 6.06 -2.91 -26.59
C MET D 128 6.71 -2.71 -27.94
N LEU D 129 6.36 -3.55 -28.92
CA LEU D 129 6.97 -3.59 -30.24
C LEU D 129 8.40 -4.16 -30.26
N PHE D 130 9.29 -3.61 -29.45
CA PHE D 130 10.71 -3.84 -29.55
C PHE D 130 11.26 -5.08 -28.84
N ASN D 131 10.54 -5.63 -27.87
CA ASN D 131 11.06 -6.79 -27.15
C ASN D 131 11.41 -7.95 -28.10
N GLU D 132 12.49 -8.68 -27.76
CA GLU D 132 13.08 -9.80 -28.55
C GLU D 132 14.07 -9.38 -29.63
N ARG D 133 14.12 -8.07 -29.95
CA ARG D 133 15.08 -7.52 -30.92
C ARG D 133 15.01 -8.18 -32.30
N MET D 134 13.81 -8.63 -32.65
CA MET D 134 13.62 -9.28 -33.94
C MET D 134 13.52 -8.26 -35.05
N LEU D 135 13.15 -7.03 -34.71
CA LEU D 135 13.15 -5.96 -35.74
C LEU D 135 14.52 -5.78 -36.40
N GLU D 136 15.58 -6.02 -35.67
CA GLU D 136 16.94 -5.93 -36.22
C GLU D 136 17.20 -6.99 -37.26
N SER D 137 16.79 -8.24 -37.00
CA SER D 137 16.88 -9.29 -38.00
C SER D 137 16.08 -8.93 -39.24
N TYR D 138 14.89 -8.37 -39.04
CA TYR D 138 14.03 -7.96 -40.15
C TYR D 138 14.70 -6.88 -41.01
N LEU D 139 15.30 -5.90 -40.36
CA LEU D 139 16.00 -4.82 -41.07
C LEU D 139 17.29 -5.35 -41.68
N HIS D 140 17.99 -6.23 -40.98
CA HIS D 140 19.17 -6.90 -41.52
C HIS D 140 18.88 -7.55 -42.87
N ALA D 141 17.70 -8.19 -42.96
CA ALA D 141 17.30 -8.91 -44.15
C ALA D 141 17.11 -8.03 -45.39
N LYS D 142 17.09 -6.71 -45.23
CA LYS D 142 17.03 -5.81 -46.40
C LYS D 142 18.26 -5.88 -47.28
N LYS D 143 19.34 -6.51 -46.82
CA LYS D 143 20.45 -6.84 -47.74
C LYS D 143 20.00 -7.71 -48.90
N TYR D 144 18.89 -8.45 -48.76
CA TYR D 144 18.33 -9.23 -49.85
C TYR D 144 17.24 -8.54 -50.65
N LEU D 145 16.88 -7.31 -50.29
CA LEU D 145 15.73 -6.65 -50.88
C LEU D 145 16.16 -5.90 -52.13
N LYS D 146 15.50 -6.14 -53.25
CA LYS D 146 15.74 -5.37 -54.44
C LYS D 146 15.49 -3.88 -54.22
N PRO D 147 16.13 -3.02 -55.02
CA PRO D 147 15.78 -1.59 -54.94
C PRO D 147 14.29 -1.42 -55.18
N SER D 148 13.65 -0.59 -54.39
CA SER D 148 12.19 -0.45 -54.43
C SER D 148 11.39 -1.70 -54.01
N GLY D 149 12.02 -2.67 -53.35
CA GLY D 149 11.26 -3.77 -52.73
C GLY D 149 10.44 -3.26 -51.55
N ASN D 150 9.45 -4.03 -51.14
CA ASN D 150 8.57 -3.62 -50.06
C ASN D 150 8.83 -4.49 -48.83
N MET D 151 8.26 -4.04 -47.71
CA MET D 151 8.37 -4.69 -46.40
C MET D 151 6.96 -4.77 -45.83
N PHE D 152 6.56 -5.96 -45.37
CA PHE D 152 5.24 -6.22 -44.78
C PHE D 152 5.48 -6.89 -43.42
N PRO D 153 5.35 -6.13 -42.32
CA PRO D 153 4.86 -4.77 -42.16
C PRO D 153 5.85 -3.69 -42.64
N THR D 154 5.29 -2.54 -42.99
CA THR D 154 6.05 -1.45 -43.58
C THR D 154 6.51 -0.46 -42.52
N ILE D 155 5.59 -0.08 -41.62
CA ILE D 155 5.91 0.81 -40.52
C ILE D 155 5.34 0.26 -39.22
N GLY D 156 5.89 0.74 -38.11
CA GLY D 156 5.38 0.47 -36.78
C GLY D 156 5.23 1.78 -36.00
N ASP D 157 4.05 2.01 -35.42
CA ASP D 157 3.79 3.14 -34.54
C ASP D 157 3.72 2.62 -33.10
N VAL D 158 4.61 3.12 -32.24
CA VAL D 158 4.48 2.95 -30.81
C VAL D 158 3.67 4.11 -30.23
N HIS D 159 2.68 3.77 -29.42
CA HIS D 159 1.86 4.73 -28.71
C HIS D 159 2.16 4.65 -27.24
N LEU D 160 2.33 5.82 -26.61
CA LEU D 160 2.45 5.96 -25.18
C LEU D 160 1.41 6.93 -24.65
N ALA D 161 0.87 6.66 -23.47
CA ALA D 161 -0.03 7.56 -22.79
C ALA D 161 0.04 7.39 -21.27
N PRO D 162 -0.12 8.49 -20.51
CA PRO D 162 -0.12 8.37 -19.05
C PRO D 162 -1.39 7.74 -18.56
N PHE D 163 -1.32 6.92 -17.51
CA PHE D 163 -2.52 6.30 -16.94
C PHE D 163 -2.60 6.50 -15.44
N THR D 164 -3.81 6.31 -14.92
CA THR D 164 -4.02 6.27 -13.48
C THR D 164 -4.62 4.91 -13.18
N ASP D 165 -4.08 4.19 -12.21
CA ASP D 165 -4.60 2.88 -11.83
C ASP D 165 -4.06 2.56 -10.43
N GLU D 166 -4.77 3.05 -9.45
CA GLU D 166 -4.39 2.95 -8.06
C GLU D 166 -4.35 1.48 -7.61
N GLN D 167 -5.28 0.67 -8.08
CA GLN D 167 -5.31 -0.77 -7.74
C GLN D 167 -4.06 -1.52 -8.27
N LEU D 168 -3.64 -1.20 -9.50
CA LEU D 168 -2.40 -1.79 -10.02
C LEU D 168 -1.19 -1.37 -9.20
N TYR D 169 -1.11 -0.09 -8.90
CA TYR D 169 -0.03 0.44 -8.08
C TYR D 169 0.02 -0.26 -6.72
N MET D 170 -1.12 -0.39 -6.06
CA MET D 170 -1.17 -1.00 -4.72
C MET D 170 -0.81 -2.49 -4.73
N GLU D 171 -1.22 -3.20 -5.77
CA GLU D 171 -0.86 -4.61 -5.95
C GLU D 171 0.71 -4.85 -5.85
N GLN D 172 1.42 -4.03 -6.59
CA GLN D 172 2.89 -4.14 -6.66
C GLN D 172 3.54 -3.72 -5.34
N PHE D 173 2.98 -2.71 -4.69
CA PHE D 173 3.46 -2.22 -3.41
C PHE D 173 3.18 -3.26 -2.30
N THR D 174 1.99 -3.84 -2.38
CA THR D 174 1.61 -4.89 -1.45
C THR D 174 2.57 -6.07 -1.51
N LYS D 175 2.97 -6.47 -2.73
CA LYS D 175 3.94 -7.53 -2.90
C LYS D 175 5.29 -7.14 -2.34
N ALA D 176 5.77 -5.94 -2.69
CA ALA D 176 7.09 -5.51 -2.22
C ALA D 176 7.15 -5.34 -0.69
N ASN D 177 6.01 -5.01 -0.09
CA ASN D 177 5.94 -4.76 1.34
C ASN D 177 6.19 -6.02 2.19
N PHE D 178 6.12 -7.19 1.56
CA PHE D 178 6.62 -8.42 2.19
C PHE D 178 7.99 -8.20 2.83
N TRP D 179 8.86 -7.47 2.13
CA TRP D 179 10.23 -7.26 2.58
C TRP D 179 10.37 -6.19 3.66
N TYR D 180 9.29 -5.51 4.03
CA TYR D 180 9.27 -4.62 5.23
C TYR D 180 9.34 -5.35 6.63
N GLN D 181 9.20 -6.68 6.70
CA GLN D 181 8.92 -7.35 7.94
C GLN D 181 10.19 -7.35 8.80
N PRO D 182 10.15 -6.80 10.03
CA PRO D 182 11.32 -6.91 10.89
C PRO D 182 11.49 -8.29 11.54
N SER D 183 10.49 -9.17 11.45
CA SER D 183 10.62 -10.50 12.08
C SER D 183 9.85 -11.58 11.33
N PHE D 184 10.31 -11.87 10.12
CA PHE D 184 9.78 -12.99 9.34
C PHE D 184 10.40 -14.25 9.89
N HIS D 185 9.65 -15.03 10.67
CA HIS D 185 10.21 -16.18 11.38
C HIS D 185 11.43 -15.79 12.17
N GLY D 186 11.40 -14.61 12.78
CA GLY D 186 12.51 -14.10 13.56
C GLY D 186 13.60 -13.37 12.80
N VAL D 187 13.44 -13.19 11.49
CA VAL D 187 14.50 -12.59 10.67
C VAL D 187 14.02 -11.22 10.17
N ASP D 188 14.89 -10.23 10.28
CA ASP D 188 14.60 -8.90 9.80
C ASP D 188 14.93 -8.80 8.34
N LEU D 189 13.89 -8.73 7.53
CA LEU D 189 14.04 -8.61 6.07
C LEU D 189 14.12 -7.15 5.58
N SER D 190 13.89 -6.19 6.47
CA SER D 190 13.60 -4.80 6.08
C SER D 190 14.74 -4.09 5.36
N ALA D 191 15.98 -4.47 5.56
CA ALA D 191 17.07 -3.89 4.78
C ALA D 191 16.97 -4.12 3.24
N LEU D 192 16.19 -5.10 2.82
CA LEU D 192 15.97 -5.38 1.39
C LEU D 192 14.71 -4.78 0.82
N ARG D 193 13.95 -4.01 1.59
CA ARG D 193 12.65 -3.51 1.13
C ARG D 193 12.79 -2.61 -0.11
N GLY D 194 13.77 -1.72 -0.10
CA GLY D 194 14.09 -0.89 -1.26
C GLY D 194 14.42 -1.67 -2.49
N ALA D 195 15.25 -2.71 -2.34
CA ALA D 195 15.63 -3.55 -3.48
C ALA D 195 14.42 -4.31 -3.99
N ALA D 196 13.55 -4.76 -3.09
CA ALA D 196 12.33 -5.45 -3.49
C ALA D 196 11.40 -4.54 -4.28
N VAL D 197 11.21 -3.32 -3.78
CA VAL D 197 10.38 -2.31 -4.46
C VAL D 197 10.93 -2.06 -5.85
N ASP D 198 12.21 -1.83 -5.96
CA ASP D 198 12.85 -1.60 -7.27
C ASP D 198 12.62 -2.74 -8.22
N GLU D 199 12.80 -3.97 -7.73
CA GLU D 199 12.59 -5.13 -8.57
C GLU D 199 11.16 -5.21 -9.09
N TYR D 200 10.18 -5.04 -8.23
CA TYR D 200 8.80 -5.18 -8.67
C TYR D 200 8.42 -4.08 -9.67
N PHE D 201 8.89 -2.87 -9.41
CA PHE D 201 8.52 -1.72 -10.26
C PHE D 201 9.30 -1.71 -11.55
N ARG D 202 10.38 -2.49 -11.62
CA ARG D 202 11.10 -2.71 -12.90
C ARG D 202 10.37 -3.61 -13.88
N GLN D 203 9.29 -4.26 -13.46
CA GLN D 203 8.58 -5.18 -14.31
C GLN D 203 7.49 -4.50 -15.09
N PRO D 204 7.59 -4.54 -16.43
CA PRO D 204 6.45 -4.07 -17.17
C PRO D 204 5.25 -4.94 -16.94
N VAL D 205 4.06 -4.34 -16.91
CA VAL D 205 2.85 -5.06 -16.64
C VAL D 205 2.16 -5.31 -17.97
N VAL D 206 2.04 -6.59 -18.33
CA VAL D 206 1.39 -7.00 -19.56
C VAL D 206 -0.02 -7.43 -19.21
N ASP D 207 -0.98 -6.65 -19.68
CA ASP D 207 -2.41 -6.99 -19.59
C ASP D 207 -3.17 -5.95 -20.35
N THR D 208 -4.50 -6.01 -20.30
CA THR D 208 -5.31 -4.99 -20.91
C THR D 208 -5.98 -4.17 -19.85
N PHE D 209 -6.67 -3.12 -20.28
CA PHE D 209 -7.31 -2.18 -19.36
C PHE D 209 -8.36 -1.35 -20.07
N ASP D 210 -9.23 -0.74 -19.27
CA ASP D 210 -10.23 0.17 -19.77
C ASP D 210 -9.55 1.47 -20.21
N ILE D 211 -9.88 1.95 -21.39
CA ILE D 211 -9.31 3.21 -21.89
C ILE D 211 -9.57 4.45 -21.02
N ARG D 212 -10.54 4.34 -20.12
CA ARG D 212 -10.83 5.42 -19.17
C ARG D 212 -9.72 5.68 -18.16
N ILE D 213 -8.78 4.76 -17.98
CA ILE D 213 -7.60 5.04 -17.15
C ILE D 213 -6.61 6.03 -17.79
N LEU D 214 -6.71 6.25 -19.10
CA LEU D 214 -5.76 7.11 -19.81
C LEU D 214 -6.06 8.56 -19.54
N MET D 215 -5.03 9.34 -19.25
CA MET D 215 -5.20 10.72 -18.78
C MET D 215 -4.86 11.79 -19.81
N ALA D 216 -4.41 11.37 -20.99
CA ALA D 216 -4.10 12.26 -22.10
C ALA D 216 -4.10 11.41 -23.36
N LYS D 217 -4.19 12.07 -24.49
CA LYS D 217 -4.09 11.40 -25.76
C LYS D 217 -2.68 10.87 -25.93
N SER D 218 -2.55 9.76 -26.65
CA SER D 218 -1.26 9.14 -26.83
C SER D 218 -0.32 9.98 -27.68
N VAL D 219 0.97 9.84 -27.42
CA VAL D 219 2.03 10.29 -28.30
C VAL D 219 2.44 9.09 -29.15
N LYS D 220 2.74 9.35 -30.42
CA LYS D 220 3.07 8.33 -31.40
C LYS D 220 4.53 8.45 -31.81
N TYR D 221 5.28 7.35 -31.78
CA TYR D 221 6.64 7.31 -32.30
C TYR D 221 6.69 6.26 -33.43
N THR D 222 7.08 6.70 -34.63
CA THR D 222 7.02 5.87 -35.84
C THR D 222 8.38 5.37 -36.26
N VAL D 223 8.49 4.07 -36.49
CA VAL D 223 9.64 3.47 -37.11
C VAL D 223 9.27 3.03 -38.51
N ASN D 224 9.95 3.55 -39.51
CA ASN D 224 9.71 3.19 -40.90
C ASN D 224 10.69 2.08 -41.28
N PHE D 225 10.17 0.88 -41.53
CA PHE D 225 11.03 -0.30 -41.75
C PHE D 225 11.69 -0.29 -43.14
N LEU D 226 11.13 0.42 -44.12
CA LEU D 226 11.82 0.64 -45.40
C LEU D 226 13.08 1.50 -45.26
N GLU D 227 13.07 2.44 -44.31
CA GLU D 227 14.17 3.39 -44.16
C GLU D 227 15.11 3.09 -43.01
N ALA D 228 14.63 2.46 -41.95
CA ALA D 228 15.48 2.25 -40.79
C ALA D 228 16.63 1.28 -41.09
N LYS D 229 17.77 1.52 -40.46
CA LYS D 229 18.88 0.58 -40.47
C LYS D 229 18.88 -0.17 -39.15
N GLU D 230 19.49 -1.33 -39.18
CA GLU D 230 19.58 -2.21 -38.03
C GLU D 230 20.12 -1.46 -36.81
N GLY D 231 21.19 -0.71 -37.03
CA GLY D 231 21.83 0.03 -35.95
C GLY D 231 20.99 1.10 -35.31
N ASP D 232 19.97 1.60 -36.01
CA ASP D 232 19.04 2.55 -35.44
C ASP D 232 18.28 2.01 -34.24
N LEU D 233 18.20 0.69 -34.09
CA LEU D 233 17.44 0.09 -33.00
C LEU D 233 18.26 -0.27 -31.78
N HIS D 234 19.55 0.08 -31.78
CA HIS D 234 20.39 -0.12 -30.60
C HIS D 234 20.07 0.86 -29.49
N ARG D 235 19.66 2.07 -29.85
CA ARG D 235 19.30 3.08 -28.89
C ARG D 235 18.09 3.80 -29.43
N ILE D 236 16.95 3.69 -28.74
CA ILE D 236 15.72 4.29 -29.22
C ILE D 236 15.27 5.35 -28.21
N GLU D 237 15.28 6.61 -28.62
CA GLU D 237 14.91 7.73 -27.73
C GLU D 237 13.55 8.26 -28.13
N ILE D 238 12.59 8.15 -27.23
CA ILE D 238 11.23 8.59 -27.51
C ILE D 238 10.86 9.76 -26.58
N PRO D 239 10.99 11.00 -27.09
CA PRO D 239 10.51 12.14 -26.34
C PRO D 239 8.98 12.16 -26.28
N PHE D 240 8.41 12.72 -25.22
CA PHE D 240 6.97 12.92 -25.15
C PHE D 240 6.60 14.20 -24.41
N LYS D 241 5.46 14.78 -24.80
CA LYS D 241 4.88 15.94 -24.14
C LYS D 241 3.37 15.69 -24.16
N PHE D 242 2.78 15.36 -23.02
CA PHE D 242 1.36 15.08 -22.93
C PHE D 242 0.63 16.33 -22.40
N HIS D 243 -0.47 16.68 -23.05
CA HIS D 243 -1.39 17.67 -22.51
C HIS D 243 -2.45 16.97 -21.71
N MET D 244 -2.37 17.11 -20.40
CA MET D 244 -3.22 16.32 -19.49
C MET D 244 -4.68 16.73 -19.62
N LEU D 245 -5.54 15.75 -19.90
CA LEU D 245 -6.97 15.97 -20.07
C LEU D 245 -7.73 15.71 -18.79
N HIS D 246 -7.11 15.07 -17.79
CA HIS D 246 -7.78 14.77 -16.53
C HIS D 246 -6.82 15.05 -15.39
N SER D 247 -7.37 15.40 -14.23
CA SER D 247 -6.57 15.66 -13.06
C SER D 247 -6.50 14.37 -12.26
N GLY D 248 -5.33 14.08 -11.68
CA GLY D 248 -5.22 12.87 -10.86
C GLY D 248 -3.79 12.45 -10.71
N LEU D 249 -3.60 11.30 -10.05
CA LEU D 249 -2.31 10.67 -9.94
C LEU D 249 -1.99 9.86 -11.19
N VAL D 250 -0.83 10.16 -11.76
CA VAL D 250 -0.31 9.43 -12.92
C VAL D 250 0.56 8.33 -12.31
N HIS D 251 0.14 7.08 -12.50
CA HIS D 251 0.87 5.93 -11.92
C HIS D 251 1.91 5.36 -12.89
N GLY D 252 1.88 5.78 -14.16
CA GLY D 252 2.84 5.32 -15.13
C GLY D 252 2.49 5.66 -16.58
N LEU D 253 3.20 5.00 -17.50
CA LEU D 253 2.90 5.11 -18.92
C LEU D 253 2.46 3.76 -19.48
N ALA D 254 1.40 3.81 -20.31
CA ALA D 254 0.89 2.67 -21.04
C ALA D 254 1.41 2.73 -22.46
N PHE D 255 1.71 1.56 -23.01
CA PHE D 255 2.28 1.41 -24.33
C PHE D 255 1.50 0.39 -25.13
N TRP D 256 1.32 0.70 -26.41
CA TRP D 256 0.85 -0.27 -27.37
C TRP D 256 1.45 0.04 -28.71
N PHE D 257 1.15 -0.78 -29.72
CA PHE D 257 1.68 -0.50 -31.07
C PHE D 257 0.72 -0.93 -32.17
N ASP D 258 0.87 -0.24 -33.30
CA ASP D 258 0.20 -0.58 -34.54
C ASP D 258 1.28 -0.79 -35.61
N VAL D 259 1.05 -1.72 -36.51
CA VAL D 259 1.89 -1.84 -37.72
C VAL D 259 1.00 -1.69 -38.93
N ALA D 260 1.55 -1.10 -39.99
CA ALA D 260 0.81 -0.95 -41.23
C ALA D 260 1.50 -1.70 -42.35
N PHE D 261 0.70 -2.42 -43.13
CA PHE D 261 1.15 -3.11 -44.33
C PHE D 261 0.71 -2.20 -45.49
N ILE D 262 1.66 -1.44 -46.01
CA ILE D 262 1.38 -0.40 -47.02
C ILE D 262 1.57 -1.04 -48.38
N GLY D 263 0.50 -1.62 -48.90
CA GLY D 263 0.55 -2.35 -50.15
C GLY D 263 0.17 -1.47 -51.32
N SER D 264 0.29 -2.01 -52.52
CA SER D 264 -0.07 -1.30 -53.75
C SER D 264 -1.58 -1.13 -53.90
N ILE D 265 -2.37 -2.01 -53.29
CA ILE D 265 -3.83 -1.90 -53.40
C ILE D 265 -4.37 -1.15 -52.21
N MET D 266 -3.91 -1.49 -51.02
CA MET D 266 -4.39 -0.83 -49.81
C MET D 266 -3.43 -0.95 -48.62
N THR D 267 -3.63 -0.10 -47.65
CA THR D 267 -2.93 -0.14 -46.41
C THR D 267 -3.81 -0.86 -45.42
N VAL D 268 -3.27 -1.92 -44.82
CA VAL D 268 -3.98 -2.68 -43.79
C VAL D 268 -3.21 -2.51 -42.49
N TRP D 269 -3.96 -2.24 -41.41
CA TRP D 269 -3.38 -1.98 -40.11
C TRP D 269 -3.64 -3.17 -39.19
N LEU D 270 -2.63 -3.53 -38.40
CA LEU D 270 -2.79 -4.41 -37.25
C LEU D 270 -2.53 -3.56 -36.04
N SER D 271 -3.55 -3.37 -35.21
CA SER D 271 -3.47 -2.54 -34.01
C SER D 271 -3.56 -3.37 -32.74
N THR D 272 -2.73 -3.03 -31.77
CA THR D 272 -2.81 -3.62 -30.43
C THR D 272 -3.31 -2.60 -29.41
N ALA D 273 -3.96 -1.54 -29.89
CA ALA D 273 -4.55 -0.52 -29.05
C ALA D 273 -5.61 -1.07 -28.10
N PRO D 274 -5.75 -0.44 -26.93
CA PRO D 274 -6.81 -0.81 -25.99
C PRO D 274 -8.23 -0.46 -26.47
N THR D 275 -8.36 0.38 -27.48
CA THR D 275 -9.63 0.61 -28.19
C THR D 275 -9.97 -0.48 -29.23
N GLU D 276 -9.10 -1.47 -29.43
CA GLU D 276 -9.27 -2.47 -30.46
C GLU D 276 -9.39 -3.84 -29.84
N PRO D 277 -9.85 -4.83 -30.62
CA PRO D 277 -9.97 -6.16 -30.05
C PRO D 277 -8.62 -6.66 -29.53
N LEU D 278 -8.68 -7.38 -28.44
CA LEU D 278 -7.50 -7.83 -27.77
C LEU D 278 -6.69 -8.79 -28.64
N THR D 279 -5.35 -8.67 -28.57
CA THR D 279 -4.42 -9.57 -29.22
C THR D 279 -3.58 -10.21 -28.14
N HIS D 280 -2.74 -11.15 -28.54
CA HIS D 280 -1.83 -11.84 -27.61
C HIS D 280 -0.64 -10.92 -27.23
N TRP D 281 -0.50 -9.75 -27.84
CA TRP D 281 0.44 -8.72 -27.32
C TRP D 281 -0.11 -7.91 -26.14
N TYR D 282 -1.43 -7.97 -25.89
CA TYR D 282 -2.11 -7.18 -24.88
C TYR D 282 -1.70 -5.71 -25.03
N GLN D 283 -1.41 -5.06 -23.90
CA GLN D 283 -0.76 -3.77 -23.83
C GLN D 283 0.25 -3.89 -22.70
N VAL D 284 1.14 -2.90 -22.63
CA VAL D 284 2.17 -2.88 -21.61
C VAL D 284 2.14 -1.58 -20.80
N ARG D 285 2.22 -1.72 -19.48
CA ARG D 285 2.30 -0.56 -18.59
C ARG D 285 3.57 -0.56 -17.78
N CYS D 286 4.21 0.60 -17.73
CA CYS D 286 5.38 0.82 -16.89
C CYS D 286 4.96 1.72 -15.74
N LEU D 287 4.98 1.18 -14.51
CA LEU D 287 4.66 1.91 -13.32
C LEU D 287 5.78 2.82 -12.88
N PHE D 288 5.41 3.99 -12.34
CA PHE D 288 6.36 4.84 -11.64
C PHE D 288 6.39 4.35 -10.20
N GLN D 289 7.57 4.42 -9.59
CA GLN D 289 7.72 4.03 -8.18
C GLN D 289 6.97 4.99 -7.26
N SER D 290 6.98 6.27 -7.65
CA SER D 290 6.12 7.27 -6.99
C SER D 290 5.29 7.96 -8.02
N PRO D 291 3.97 7.95 -7.84
CA PRO D 291 3.12 8.59 -8.82
C PRO D 291 3.30 10.12 -8.86
N LEU D 292 2.87 10.73 -9.94
CA LEU D 292 2.95 12.17 -10.10
C LEU D 292 1.56 12.77 -10.17
N PHE D 293 1.30 13.79 -9.36
CA PHE D 293 0.02 14.49 -9.46
C PHE D 293 0.08 15.47 -10.62
N ALA D 294 -0.95 15.47 -11.44
CA ALA D 294 -1.10 16.52 -12.45
C ALA D 294 -2.55 16.94 -12.54
N LYS D 295 -2.74 18.19 -12.95
CA LYS D 295 -4.08 18.72 -13.15
C LYS D 295 -4.35 18.78 -14.64
N ALA D 296 -5.62 18.68 -15.00
CA ALA D 296 -6.04 18.88 -16.39
C ALA D 296 -5.48 20.22 -16.85
N GLY D 297 -4.92 20.25 -18.05
CA GLY D 297 -4.21 21.42 -18.56
C GLY D 297 -2.72 21.43 -18.33
N ASP D 298 -2.22 20.68 -17.36
CA ASP D 298 -0.76 20.55 -17.21
C ASP D 298 -0.14 19.80 -18.39
N THR D 299 1.19 19.88 -18.45
CA THR D 299 2.00 19.21 -19.43
C THR D 299 2.91 18.22 -18.70
N LEU D 300 2.91 16.96 -19.17
CA LEU D 300 3.78 15.89 -18.63
C LEU D 300 4.78 15.56 -19.73
N SER D 301 6.05 15.87 -19.51
CA SER D 301 7.06 15.77 -20.52
C SER D 301 8.20 14.89 -20.06
N GLY D 302 8.94 14.35 -21.02
CA GLY D 302 10.07 13.51 -20.69
C GLY D 302 10.48 12.64 -21.84
N THR D 303 11.14 11.55 -21.49
CA THR D 303 11.77 10.66 -22.44
C THR D 303 11.63 9.21 -22.01
N CYS D 304 11.27 8.36 -22.97
CA CYS D 304 11.44 6.92 -22.85
CA CYS D 304 11.45 6.91 -22.85
C CYS D 304 12.65 6.52 -23.69
N LEU D 305 13.69 5.98 -23.06
CA LEU D 305 14.92 5.60 -23.74
C LEU D 305 15.11 4.07 -23.65
N LEU D 306 15.20 3.41 -24.80
CA LEU D 306 15.45 1.99 -24.86
C LEU D 306 16.86 1.74 -25.35
N ILE D 307 17.63 1.02 -24.54
CA ILE D 307 19.01 0.67 -24.87
C ILE D 307 19.08 -0.83 -25.03
N ALA D 308 19.45 -1.29 -26.23
CA ALA D 308 19.49 -2.72 -26.53
C ALA D 308 20.55 -3.40 -25.70
N ASN D 309 20.22 -4.59 -25.18
CA ASN D 309 21.20 -5.38 -24.41
C ASN D 309 21.41 -6.72 -25.13
N LYS D 310 22.36 -7.48 -24.64
CA LYS D 310 22.70 -8.77 -25.26
C LYS D 310 21.78 -9.95 -24.91
N ARG D 311 20.74 -9.73 -24.09
CA ARG D 311 19.72 -10.74 -23.82
C ARG D 311 18.49 -10.57 -24.71
N GLN D 312 18.69 -10.03 -25.90
CA GLN D 312 17.63 -9.85 -26.89
C GLN D 312 16.48 -9.00 -26.37
N SER D 313 16.84 -8.01 -25.55
CA SER D 313 15.83 -7.12 -25.02
C SER D 313 16.45 -5.73 -24.84
N TYR D 314 15.78 -4.93 -24.03
CA TYR D 314 16.14 -3.55 -23.80
C TYR D 314 16.10 -3.22 -22.32
N ASP D 315 17.06 -2.40 -21.90
CA ASP D 315 17.00 -1.65 -20.65
C ASP D 315 16.22 -0.39 -20.95
N ILE D 316 15.14 -0.16 -20.18
CA ILE D 316 14.25 0.93 -20.49
C ILE D 316 14.41 1.95 -19.38
N SER D 317 14.65 3.19 -19.78
CA SER D 317 14.72 4.31 -18.89
C SER D 317 13.53 5.22 -19.20
N ILE D 318 12.70 5.49 -18.20
CA ILE D 318 11.60 6.43 -18.36
C ILE D 318 11.75 7.56 -17.36
N VAL D 319 11.82 8.79 -17.86
CA VAL D 319 11.89 9.99 -17.01
C VAL D 319 10.71 10.86 -17.41
N ALA D 320 9.94 11.29 -16.42
CA ALA D 320 8.76 12.14 -16.68
C ALA D 320 8.68 13.22 -15.64
N GLN D 321 8.19 14.38 -16.06
CA GLN D 321 7.99 15.49 -15.13
C GLN D 321 6.74 16.26 -15.48
N VAL D 322 6.09 16.78 -14.45
CA VAL D 322 4.99 17.72 -14.63
C VAL D 322 5.64 19.08 -14.77
N ASP D 323 5.54 19.67 -15.95
CA ASP D 323 6.28 20.90 -16.23
C ASP D 323 5.93 22.04 -15.28
N GLN D 324 4.66 22.16 -14.92
CA GLN D 324 4.17 23.25 -14.09
C GLN D 324 4.72 23.21 -12.65
N THR D 325 5.02 22.03 -12.11
CA THR D 325 5.50 21.91 -10.73
C THR D 325 6.93 21.45 -10.57
N GLY D 326 7.55 20.95 -11.63
CA GLY D 326 8.87 20.30 -11.49
C GLY D 326 8.86 18.94 -10.80
N SER D 327 7.69 18.35 -10.52
CA SER D 327 7.64 17.00 -9.93
C SER D 327 8.07 16.00 -10.98
N LYS D 328 9.08 15.19 -10.65
CA LYS D 328 9.72 14.24 -11.56
C LYS D 328 9.62 12.83 -11.02
N SER D 329 9.49 11.87 -11.94
CA SER D 329 9.71 10.47 -11.64
C SER D 329 10.63 9.84 -12.71
N SER D 330 11.50 8.95 -12.23
CA SER D 330 12.52 8.33 -13.06
C SER D 330 12.52 6.87 -12.74
N ASN D 331 12.54 6.03 -13.78
CA ASN D 331 12.26 4.61 -13.58
C ASN D 331 13.07 3.83 -14.58
N LEU D 332 13.38 2.62 -14.18
CA LEU D 332 14.17 1.69 -14.99
C LEU D 332 13.32 0.46 -15.13
N LEU D 333 13.11 -0.01 -16.36
CA LEU D 333 12.38 -1.22 -16.56
C LEU D 333 13.26 -2.27 -17.27
N ASP D 334 12.95 -3.50 -16.91
CA ASP D 334 13.66 -4.67 -17.34
C ASP D 334 12.62 -5.44 -18.14
N LEU D 335 12.69 -5.24 -19.46
CA LEU D 335 11.72 -5.80 -20.36
C LEU D 335 11.77 -7.33 -20.46
N LYS D 336 12.88 -7.93 -20.00
CA LYS D 336 12.96 -9.39 -19.91
C LYS D 336 12.15 -10.02 -18.79
N ASN D 337 11.75 -9.28 -17.77
CA ASN D 337 10.97 -9.86 -16.64
C ASN D 337 9.57 -9.22 -16.54
N PRO D 338 8.75 -9.31 -17.61
CA PRO D 338 7.39 -8.75 -17.44
C PRO D 338 6.52 -9.48 -16.45
N PHE D 339 5.58 -8.77 -15.85
CA PHE D 339 4.54 -9.36 -15.02
C PHE D 339 3.31 -9.55 -15.91
N PHE D 340 2.98 -10.81 -16.16
CA PHE D 340 1.79 -11.18 -16.98
C PHE D 340 0.61 -11.22 -16.05
N ARG D 341 -0.11 -10.10 -16.00
CA ARG D 341 -1.19 -9.88 -15.03
C ARG D 341 -2.51 -10.43 -15.53
N TYR D 342 -2.73 -10.41 -16.86
CA TYR D 342 -3.88 -11.10 -17.48
C TYR D 342 -3.86 -12.59 -17.12
C02 KYE E . 3.68 26.39 11.71
C03 KYE E . 3.82 27.02 12.77
C05 KYE E . 4.75 28.30 12.34
C07 KYE E . 5.77 30.03 13.74
C09 KYE E . 7.92 30.53 14.29
C11 KYE E . 6.28 31.84 15.16
C13 KYE E . 5.31 31.05 14.49
C15 KYE E . 3.64 30.04 13.62
C17 KYE E . 3.87 27.44 10.57
C18 KYE E . 2.71 27.70 9.86
C20 KYE E . 3.36 27.61 7.55
C21 KYE E . 3.47 26.67 6.35
C22 KYE E . 4.88 26.50 5.81
C23 KYE E . 4.94 25.18 5.03
C27 KYE E . 1.25 26.70 8.27
C28 KYE E . 0.53 27.94 7.71
C29 KYE E . -0.93 28.12 8.16
C30 KYE E . -1.96 27.38 7.32
C31 KYE E . -3.40 27.65 7.70
C33 KYE E . -4.98 26.34 9.02
N06 KYE E . 4.70 29.42 13.23
N08 KYE E . 7.08 29.77 13.67
N10 KYE E . 7.54 31.54 15.02
N12 KYE E . 5.89 32.98 15.99
N14 KYE E . 4.00 31.03 14.39
N19 KYE E . 2.65 26.94 8.62
N26 KYE E . 5.24 27.55 4.90
N32 KYE E . -3.78 26.88 8.86
N34 KYE E . -5.93 26.49 8.11
N35 KYE E . -5.23 25.65 10.10
O01 KYE E . 4.69 25.32 11.40
O04 KYE E . 4.53 26.32 13.83
O16 KYE E . 4.23 28.69 11.29
O24 KYE E . 5.00 24.04 5.70
O25 KYE E . 5.28 25.18 3.76
C1 GOL F . -8.44 40.18 -9.13
O1 GOL F . -8.25 41.05 -8.04
C2 GOL F . -8.63 38.73 -8.71
O2 GOL F . -7.69 37.93 -9.41
C3 GOL F . -8.44 38.56 -7.20
O3 GOL F . -8.26 37.18 -6.96
C1 GOL G . -18.65 38.72 -3.56
O1 GOL G . -20.03 38.45 -3.36
C2 GOL G . -18.40 39.26 -4.96
O2 GOL G . -18.15 38.18 -5.84
C3 GOL G . -17.19 40.15 -5.01
O3 GOL G . -16.01 39.40 -4.82
C02 KYE H . 19.06 -21.01 -5.38
C03 KYE H . 19.94 -21.40 -6.17
C05 KYE H . 20.96 -22.22 -5.20
C07 KYE H . 23.21 -23.17 -5.68
C09 KYE H . 25.34 -22.71 -5.02
C11 KYE H . 25.05 -24.47 -6.43
C13 KYE H . 23.67 -24.19 -6.42
C15 KYE H . 21.54 -24.09 -6.65
C17 KYE H . 18.97 -22.08 -4.25
C18 KYE H . 17.76 -22.80 -4.32
C20 KYE H . 16.89 -21.72 -2.31
C21 KYE H . 16.21 -22.00 -0.97
C22 KYE H . 16.95 -21.34 0.19
C23 KYE H . 16.07 -20.27 0.79
C27 KYE H . 15.74 -23.60 -3.11
C28 KYE H . 15.47 -24.50 -4.32
C29 KYE H . 14.31 -25.48 -4.12
C30 KYE H . 12.95 -24.99 -4.58
C31 KYE H . 12.49 -25.61 -5.89
C33 KYE H . 10.41 -25.38 -7.12
N06 KYE H . 21.88 -23.11 -5.84
N08 KYE H . 24.08 -22.42 -4.99
N10 KYE H . 25.82 -23.72 -5.71
N12 KYE H . 25.60 -25.54 -7.23
N14 KYE H . 22.62 -24.74 -7.01
N19 KYE H . 17.07 -22.99 -3.03
N26 KYE H . 17.22 -22.32 1.21
N32 KYE H . 11.05 -25.62 -5.99
N34 KYE H . 9.11 -25.42 -7.12
N35 KYE H . 10.97 -25.09 -8.25
O01 KYE H . 19.33 -19.73 -4.67
O04 KYE H . 20.69 -20.36 -6.84
O16 KYE H . 20.16 -22.93 -4.55
O24 KYE H . 15.05 -20.68 1.55
O25 KYE H . 15.87 -19.13 0.12
C1 GOL I . 5.50 -39.02 5.98
O1 GOL I . 4.52 -37.98 6.07
C2 GOL I . 5.12 -40.13 6.93
O2 GOL I . 5.32 -39.71 8.28
C3 GOL I . 5.91 -41.36 6.57
O3 GOL I . 6.37 -42.05 7.71
C1 GOL J . 14.76 -22.69 -14.23
O1 GOL J . 14.34 -21.58 -15.03
C2 GOL J . 14.24 -22.52 -12.82
O2 GOL J . 12.83 -22.34 -12.78
C3 GOL J . 14.57 -23.76 -12.03
O3 GOL J . 13.69 -24.80 -12.41
C02 KYE K . -16.63 16.37 32.48
C03 KYE K . -15.53 16.65 33.08
C05 KYE K . -15.67 15.91 34.52
C07 KYE K . -14.16 15.92 36.49
C09 KYE K . -14.29 16.83 38.65
C11 KYE K . -12.36 15.64 38.08
C13 KYE K . -12.92 15.40 36.78
C15 KYE K . -13.44 14.85 34.71
C17 KYE K . -17.16 15.02 33.09
C18 KYE K . -17.05 13.98 32.14
C20 KYE K . -19.33 13.12 32.16
C21 KYE K . -20.20 12.06 32.84
C22 KYE K . -21.44 12.62 33.52
C23 KYE K . -22.36 13.26 32.49
C27 KYE K . -17.48 11.64 31.62
C28 KYE K . -17.48 11.75 30.08
C29 KYE K . -16.89 10.46 29.50
C30 KYE K . -17.43 10.13 28.11
C31 KYE K . -16.34 9.75 27.10
C33 KYE K . -15.89 9.96 24.72
N06 KYE K . -14.44 15.59 35.20
N08 KYE K . -14.83 16.67 37.45
N10 KYE K . -13.09 16.33 38.96
N12 KYE K . -11.06 15.11 38.44
N14 KYE K . -12.50 14.74 35.66
N19 KYE K . -17.91 12.80 32.42
N26 KYE K . -22.13 11.55 34.16
N32 KYE K . -16.65 10.22 25.77
N34 KYE K . -14.79 9.23 24.76
N35 KYE K . -16.26 10.45 23.56
O01 KYE K . -17.83 17.22 32.74
O04 KYE K . -15.30 18.06 33.40
O16 KYE K . -16.26 14.79 34.26
O24 KYE K . -23.61 12.80 32.39
O25 KYE K . -21.94 14.21 31.65
C1 GOL L . -22.22 -8.35 27.61
O1 GOL L . -23.59 -7.97 27.77
C2 GOL L . -21.64 -8.88 28.89
O2 GOL L . -22.37 -10.03 29.31
C3 GOL L . -20.19 -9.23 28.71
O3 GOL L . -19.77 -10.17 29.71
C02 KYE M . 10.59 -17.79 -34.38
C03 KYE M . 11.80 -17.53 -34.32
C05 KYE M . 12.10 -16.78 -35.75
C07 KYE M . 14.30 -16.04 -36.59
C09 KYE M . 15.67 -16.72 -38.29
C11 KYE M . 16.35 -14.96 -37.01
C13 KYE M . 15.16 -15.09 -36.25
C15 KYE M . 13.50 -14.97 -34.91
C17 KYE M . 9.93 -16.66 -35.22
C18 KYE M . 9.18 -15.82 -34.38
C20 KYE M . 7.13 -16.18 -35.72
C21 KYE M . 6.46 -15.42 -36.88
C22 KYE M . 6.11 -16.27 -38.06
C23 KYE M . 5.20 -17.44 -37.65
C27 KYE M . 7.02 -14.70 -33.98
C28 KYE M . 7.62 -13.53 -33.21
C29 KYE M . 6.60 -12.58 -32.65
C30 KYE M . 5.83 -13.05 -31.42
C31 KYE M . 4.43 -12.47 -31.47
C33 KYE M . 2.26 -13.13 -30.70
N06 KYE M . 13.28 -15.97 -35.74
N08 KYE M . 14.58 -16.85 -37.61
N10 KYE M . 16.55 -15.79 -38.01
N12 KYE M . 17.32 -13.95 -36.66
N14 KYE M . 14.65 -14.43 -35.22
N19 KYE M . 7.94 -15.24 -34.96
N26 KYE M . 5.39 -15.44 -38.96
N32 KYE M . 3.53 -12.91 -30.43
N34 KYE M . 1.78 -12.99 -31.91
N35 KYE M . 1.43 -13.49 -29.77
O01 KYE M . 10.21 -19.05 -35.06
O04 KYE M . 12.68 -18.69 -34.14
O16 KYE M . 11.12 -16.00 -35.87
O24 KYE M . 5.51 -18.15 -36.59
O25 KYE M . 4.02 -17.63 -38.20
C1 GOL N . 10.84 -14.89 -25.95
O1 GOL N . 9.64 -14.18 -25.70
C2 GOL N . 10.96 -16.10 -25.07
O2 GOL N . 10.15 -16.00 -23.89
C3 GOL N . 12.40 -16.27 -24.65
O3 GOL N . 12.49 -17.15 -23.52
C1 GOL O . -3.87 4.90 -37.52
O1 GOL O . -4.30 5.86 -38.49
C2 GOL O . -5.00 3.98 -37.12
O2 GOL O . -5.76 3.59 -38.24
C3 GOL O . -4.41 2.76 -36.47
O3 GOL O . -5.45 1.81 -36.31
#